data_2G1U
# 
_entry.id   2G1U 
# 
_audit_conform.dict_name       mmcif_pdbx.dic 
_audit_conform.dict_version    5.377 
_audit_conform.dict_location   http://mmcif.pdb.org/dictionaries/ascii/mmcif_pdbx.dic 
# 
loop_
_database_2.database_id 
_database_2.database_code 
_database_2.pdbx_database_accession 
_database_2.pdbx_DOI 
PDB   2G1U         pdb_00002g1u 10.2210/pdb2g1u/pdb 
RCSB  RCSB036582   ?            ?                   
WWPDB D_1000036582 ?            ?                   
# 
_pdbx_database_related.db_name        TargetDB 
_pdbx_database_related.db_id          358957 
_pdbx_database_related.details        . 
_pdbx_database_related.content_type   unspecified 
# 
_pdbx_database_status.SG_entry                        Y 
_pdbx_database_status.entry_id                        2G1U 
_pdbx_database_status.deposit_site                    RCSB 
_pdbx_database_status.process_site                    RCSB 
_pdbx_database_status.recvd_initial_deposition_date   2006-02-14 
_pdbx_database_status.status_code                     REL 
_pdbx_database_status.status_code_sf                  REL 
_pdbx_database_status.status_code_mr                  ? 
_pdbx_database_status.pdb_format_compatible           Y 
_pdbx_database_status.status_code_cs                  ? 
_pdbx_database_status.status_code_nmr_data            ? 
_pdbx_database_status.methods_development_category    ? 
# 
_audit_author.name           'Joint Center for Structural Genomics (JCSG)' 
_audit_author.pdbx_ordinal   1 
# 
_citation.id                        primary 
_citation.title                     'Crystal structure of  (tm1088a) from THERMOTOGA MARITIMA at 1.50 A resolution' 
_citation.journal_abbrev            'To be published' 
_citation.journal_volume            ? 
_citation.page_first                ? 
_citation.page_last                 ? 
_citation.year                      ? 
_citation.journal_id_ASTM           ? 
_citation.country                   ? 
_citation.journal_id_ISSN           ? 
_citation.journal_id_CSD            0353 
_citation.book_publisher            ? 
_citation.pdbx_database_id_PubMed   ? 
_citation.pdbx_database_id_DOI      ? 
# 
_citation_author.citation_id        primary 
_citation_author.name               'Joint Center for Structural Genomics (JCSG)' 
_citation_author.ordinal            1 
_citation_author.identifier_ORCID   ? 
# 
_cell.entry_id           2G1U 
_cell.length_a           47.859 
_cell.length_b           35.140 
_cell.length_c           56.579 
_cell.angle_alpha        90.000 
_cell.angle_beta         111.850 
_cell.angle_gamma        90.000 
_cell.pdbx_unique_axis   ? 
_cell.Z_PDB              2 
_cell.length_a_esd       ? 
_cell.length_b_esd       ? 
_cell.length_c_esd       ? 
_cell.angle_alpha_esd    ? 
_cell.angle_beta_esd     ? 
_cell.angle_gamma_esd    ? 
# 
_symmetry.Int_Tables_number                3 
_symmetry.space_group_name_H-M             'P 1 2 1' 
_symmetry.entry_id                         2G1U 
_symmetry.pdbx_full_space_group_name_H-M   ? 
_symmetry.cell_setting                     ? 
_symmetry.space_group_name_Hall            ? 
# 
loop_
_entity.id 
_entity.type 
_entity.src_method 
_entity.pdbx_description 
_entity.formula_weight 
_entity.pdbx_number_of_molecules 
_entity.pdbx_ec 
_entity.pdbx_mutation 
_entity.pdbx_fragment 
_entity.details 
1 polymer     man 'hypothetical protein tm1088a'  17512.998 1   ? ? ? ? 
2 non-polymer syn 'SODIUM ION'                    22.990    1   ? ? ? ? 
3 non-polymer syn 'ADENOSINE MONOPHOSPHATE'       347.221   1   ? ? ? ? 
4 non-polymer syn '(4S)-2-METHYL-2,4-PENTANEDIOL' 118.174   2   ? ? ? ? 
5 water       nat water                           18.015    109 ? ? ? ? 
# 
_entity_poly.entity_id                      1 
_entity_poly.type                           'polypeptide(L)' 
_entity_poly.nstd_linkage                   no 
_entity_poly.nstd_monomer                   no 
_entity_poly.pdbx_seq_one_letter_code       
;MGSDKIHHHHHHMSKKQKSKYIVIFGCGRLGSLIANLASSSGHSVVVVDKNEYAFHRLNSEFSGFTVVGDAAEFETLKEC
GMEKADMVFAFTNDDSTNFFISMNARYMFNVENVIARVYDPEKIKIFEENGIKTICPAVLMIEKVKEFIIGSEED
;
_entity_poly.pdbx_seq_one_letter_code_can   
;MGSDKIHHHHHHMSKKQKSKYIVIFGCGRLGSLIANLASSSGHSVVVVDKNEYAFHRLNSEFSGFTVVGDAAEFETLKEC
GMEKADMVFAFTNDDSTNFFISMNARYMFNVENVIARVYDPEKIKIFEENGIKTICPAVLMIEKVKEFIIGSEED
;
_entity_poly.pdbx_strand_id                 A 
_entity_poly.pdbx_target_identifier         358957 
# 
loop_
_entity_poly_seq.entity_id 
_entity_poly_seq.num 
_entity_poly_seq.mon_id 
_entity_poly_seq.hetero 
1 1   MET n 
1 2   GLY n 
1 3   SER n 
1 4   ASP n 
1 5   LYS n 
1 6   ILE n 
1 7   HIS n 
1 8   HIS n 
1 9   HIS n 
1 10  HIS n 
1 11  HIS n 
1 12  HIS n 
1 13  MET n 
1 14  SER n 
1 15  LYS n 
1 16  LYS n 
1 17  GLN n 
1 18  LYS n 
1 19  SER n 
1 20  LYS n 
1 21  TYR n 
1 22  ILE n 
1 23  VAL n 
1 24  ILE n 
1 25  PHE n 
1 26  GLY n 
1 27  CYS n 
1 28  GLY n 
1 29  ARG n 
1 30  LEU n 
1 31  GLY n 
1 32  SER n 
1 33  LEU n 
1 34  ILE n 
1 35  ALA n 
1 36  ASN n 
1 37  LEU n 
1 38  ALA n 
1 39  SER n 
1 40  SER n 
1 41  SER n 
1 42  GLY n 
1 43  HIS n 
1 44  SER n 
1 45  VAL n 
1 46  VAL n 
1 47  VAL n 
1 48  VAL n 
1 49  ASP n 
1 50  LYS n 
1 51  ASN n 
1 52  GLU n 
1 53  TYR n 
1 54  ALA n 
1 55  PHE n 
1 56  HIS n 
1 57  ARG n 
1 58  LEU n 
1 59  ASN n 
1 60  SER n 
1 61  GLU n 
1 62  PHE n 
1 63  SER n 
1 64  GLY n 
1 65  PHE n 
1 66  THR n 
1 67  VAL n 
1 68  VAL n 
1 69  GLY n 
1 70  ASP n 
1 71  ALA n 
1 72  ALA n 
1 73  GLU n 
1 74  PHE n 
1 75  GLU n 
1 76  THR n 
1 77  LEU n 
1 78  LYS n 
1 79  GLU n 
1 80  CYS n 
1 81  GLY n 
1 82  MET n 
1 83  GLU n 
1 84  LYS n 
1 85  ALA n 
1 86  ASP n 
1 87  MET n 
1 88  VAL n 
1 89  PHE n 
1 90  ALA n 
1 91  PHE n 
1 92  THR n 
1 93  ASN n 
1 94  ASP n 
1 95  ASP n 
1 96  SER n 
1 97  THR n 
1 98  ASN n 
1 99  PHE n 
1 100 PHE n 
1 101 ILE n 
1 102 SER n 
1 103 MET n 
1 104 ASN n 
1 105 ALA n 
1 106 ARG n 
1 107 TYR n 
1 108 MET n 
1 109 PHE n 
1 110 ASN n 
1 111 VAL n 
1 112 GLU n 
1 113 ASN n 
1 114 VAL n 
1 115 ILE n 
1 116 ALA n 
1 117 ARG n 
1 118 VAL n 
1 119 TYR n 
1 120 ASP n 
1 121 PRO n 
1 122 GLU n 
1 123 LYS n 
1 124 ILE n 
1 125 LYS n 
1 126 ILE n 
1 127 PHE n 
1 128 GLU n 
1 129 GLU n 
1 130 ASN n 
1 131 GLY n 
1 132 ILE n 
1 133 LYS n 
1 134 THR n 
1 135 ILE n 
1 136 CYS n 
1 137 PRO n 
1 138 ALA n 
1 139 VAL n 
1 140 LEU n 
1 141 MET n 
1 142 ILE n 
1 143 GLU n 
1 144 LYS n 
1 145 VAL n 
1 146 LYS n 
1 147 GLU n 
1 148 PHE n 
1 149 ILE n 
1 150 ILE n 
1 151 GLY n 
1 152 SER n 
1 153 GLU n 
1 154 GLU n 
1 155 ASP n 
# 
_entity_src_gen.entity_id                          1 
_entity_src_gen.pdbx_src_id                        1 
_entity_src_gen.pdbx_alt_source_flag               sample 
_entity_src_gen.pdbx_seq_type                      ? 
_entity_src_gen.pdbx_beg_seq_num                   ? 
_entity_src_gen.pdbx_end_seq_num                   ? 
_entity_src_gen.gene_src_common_name               ? 
_entity_src_gen.gene_src_genus                     Thermotoga 
_entity_src_gen.pdbx_gene_src_gene                 tm1088a 
_entity_src_gen.gene_src_species                   ? 
_entity_src_gen.gene_src_strain                    ? 
_entity_src_gen.gene_src_tissue                    ? 
_entity_src_gen.gene_src_tissue_fraction           ? 
_entity_src_gen.gene_src_details                   ? 
_entity_src_gen.pdbx_gene_src_fragment             ? 
_entity_src_gen.pdbx_gene_src_scientific_name      'Thermotoga maritima' 
_entity_src_gen.pdbx_gene_src_ncbi_taxonomy_id     2336 
_entity_src_gen.pdbx_gene_src_variant              ? 
_entity_src_gen.pdbx_gene_src_cell_line            ? 
_entity_src_gen.pdbx_gene_src_atcc                 ? 
_entity_src_gen.pdbx_gene_src_organ                ? 
_entity_src_gen.pdbx_gene_src_organelle            ? 
_entity_src_gen.pdbx_gene_src_cell                 ? 
_entity_src_gen.pdbx_gene_src_cellular_location    ? 
_entity_src_gen.host_org_common_name               ? 
_entity_src_gen.pdbx_host_org_scientific_name      'Escherichia coli' 
_entity_src_gen.pdbx_host_org_ncbi_taxonomy_id     562 
_entity_src_gen.host_org_genus                     Escherichia 
_entity_src_gen.pdbx_host_org_gene                 ? 
_entity_src_gen.pdbx_host_org_organ                ? 
_entity_src_gen.host_org_species                   ? 
_entity_src_gen.pdbx_host_org_tissue               ? 
_entity_src_gen.pdbx_host_org_tissue_fraction      ? 
_entity_src_gen.pdbx_host_org_strain               ? 
_entity_src_gen.pdbx_host_org_variant              ? 
_entity_src_gen.pdbx_host_org_cell_line            ? 
_entity_src_gen.pdbx_host_org_atcc                 ? 
_entity_src_gen.pdbx_host_org_culture_collection   ? 
_entity_src_gen.pdbx_host_org_cell                 ? 
_entity_src_gen.pdbx_host_org_organelle            ? 
_entity_src_gen.pdbx_host_org_cellular_location    ? 
_entity_src_gen.pdbx_host_org_vector_type          Plasmid 
_entity_src_gen.pdbx_host_org_vector               ? 
_entity_src_gen.host_org_details                   ? 
_entity_src_gen.expression_system_id               ? 
_entity_src_gen.plasmid_name                       ? 
_entity_src_gen.plasmid_details                    ? 
_entity_src_gen.pdbx_description                   ? 
# 
_struct_ref.id                         1 
_struct_ref.entity_id                  1 
_struct_ref.db_name                    PDB 
_struct_ref.db_code                    2G1U 
_struct_ref.pdbx_db_accession          2G1U 
_struct_ref.pdbx_db_isoform            ? 
_struct_ref.pdbx_seq_one_letter_code   ? 
_struct_ref.pdbx_align_begin           ? 
# 
_struct_ref_seq.align_id                      1 
_struct_ref_seq.ref_id                        1 
_struct_ref_seq.pdbx_PDB_id_code              2G1U 
_struct_ref_seq.pdbx_strand_id                A 
_struct_ref_seq.seq_align_beg                 1 
_struct_ref_seq.pdbx_seq_align_beg_ins_code   ? 
_struct_ref_seq.seq_align_end                 155 
_struct_ref_seq.pdbx_seq_align_end_ins_code   ? 
_struct_ref_seq.pdbx_db_accession             2G1U 
_struct_ref_seq.db_align_beg                  -11 
_struct_ref_seq.pdbx_db_align_beg_ins_code    ? 
_struct_ref_seq.db_align_end                  143 
_struct_ref_seq.pdbx_db_align_end_ins_code    ? 
_struct_ref_seq.pdbx_auth_seq_align_beg       -11 
_struct_ref_seq.pdbx_auth_seq_align_end       143 
# 
loop_
_chem_comp.id 
_chem_comp.type 
_chem_comp.mon_nstd_flag 
_chem_comp.name 
_chem_comp.pdbx_synonyms 
_chem_comp.formula 
_chem_comp.formula_weight 
ALA 'L-peptide linking' y ALANINE                         ? 'C3 H7 N O2'      89.093  
AMP non-polymer         . 'ADENOSINE MONOPHOSPHATE'       ? 'C10 H14 N5 O7 P' 347.221 
ARG 'L-peptide linking' y ARGININE                        ? 'C6 H15 N4 O2 1'  175.209 
ASN 'L-peptide linking' y ASPARAGINE                      ? 'C4 H8 N2 O3'     132.118 
ASP 'L-peptide linking' y 'ASPARTIC ACID'                 ? 'C4 H7 N O4'      133.103 
CYS 'L-peptide linking' y CYSTEINE                        ? 'C3 H7 N O2 S'    121.158 
GLN 'L-peptide linking' y GLUTAMINE                       ? 'C5 H10 N2 O3'    146.144 
GLU 'L-peptide linking' y 'GLUTAMIC ACID'                 ? 'C5 H9 N O4'      147.129 
GLY 'peptide linking'   y GLYCINE                         ? 'C2 H5 N O2'      75.067  
HIS 'L-peptide linking' y HISTIDINE                       ? 'C6 H10 N3 O2 1'  156.162 
HOH non-polymer         . WATER                           ? 'H2 O'            18.015  
ILE 'L-peptide linking' y ISOLEUCINE                      ? 'C6 H13 N O2'     131.173 
LEU 'L-peptide linking' y LEUCINE                         ? 'C6 H13 N O2'     131.173 
LYS 'L-peptide linking' y LYSINE                          ? 'C6 H15 N2 O2 1'  147.195 
MET 'L-peptide linking' y METHIONINE                      ? 'C5 H11 N O2 S'   149.211 
MPD non-polymer         . '(4S)-2-METHYL-2,4-PENTANEDIOL' ? 'C6 H14 O2'       118.174 
NA  non-polymer         . 'SODIUM ION'                    ? 'Na 1'            22.990  
PHE 'L-peptide linking' y PHENYLALANINE                   ? 'C9 H11 N O2'     165.189 
PRO 'L-peptide linking' y PROLINE                         ? 'C5 H9 N O2'      115.130 
SER 'L-peptide linking' y SERINE                          ? 'C3 H7 N O3'      105.093 
THR 'L-peptide linking' y THREONINE                       ? 'C4 H9 N O3'      119.119 
TYR 'L-peptide linking' y TYROSINE                        ? 'C9 H11 N O3'     181.189 
VAL 'L-peptide linking' y VALINE                          ? 'C5 H11 N O2'     117.146 
# 
_exptl.crystals_number   1 
_exptl.method            'X-RAY DIFFRACTION' 
_exptl.entry_id          2G1U 
# 
_exptl_crystal.id                    1 
_exptl_crystal.density_percent_sol   49.14 
_exptl_crystal.density_Matthews      2.44 
_exptl_crystal.description           ? 
_exptl_crystal.density_meas          ? 
_exptl_crystal.F_000                 ? 
_exptl_crystal.preparation           ? 
# 
_exptl_crystal_grow.crystal_id      1 
_exptl_crystal_grow.method          'VAPOR DIFFUSION,SITTING DROP,NANODROP' 
_exptl_crystal_grow.pH              6.5 
_exptl_crystal_grow.temp            293 
_exptl_crystal_grow.pdbx_details    
'40.0% MPD, 5.0% PEG-8000, 0.1M Cacodylate pH 6.5, VAPOR DIFFUSION,SITTING DROP,NANODROP, temperature 293K' 
_exptl_crystal_grow.temp_details    ? 
_exptl_crystal_grow.pdbx_pH_range   . 
# 
_diffrn.id                     1 
_diffrn.ambient_temp           100 
_diffrn.ambient_temp_details   ? 
_diffrn.crystal_id             1 
# 
_diffrn_detector.diffrn_id              1 
_diffrn_detector.detector               CCD 
_diffrn_detector.type                   'ADSC QUANTUM 210' 
_diffrn_detector.details                ? 
_diffrn_detector.pdbx_collection_date   2005-02-04 
# 
_diffrn_radiation.diffrn_id                        1 
_diffrn_radiation.pdbx_monochromatic_or_laue_m_l   M 
_diffrn_radiation.monochromator                    'Single crystal, cylindrically bent' 
_diffrn_radiation.pdbx_diffrn_protocol             'SINGLE WAVELENGTH' 
_diffrn_radiation.wavelength_id                    1 
_diffrn_radiation.pdbx_scattering_type             x-ray 
# 
_diffrn_radiation_wavelength.id           1 
_diffrn_radiation_wavelength.wavelength   1.0 
_diffrn_radiation_wavelength.wt           1.0 
# 
_diffrn_source.diffrn_id                   1 
_diffrn_source.source                      SYNCHROTRON 
_diffrn_source.pdbx_synchrotron_beamline   5.0.1 
_diffrn_source.type                        'ALS BEAMLINE 5.0.1' 
_diffrn_source.pdbx_wavelength             ? 
_diffrn_source.pdbx_wavelength_list        1.0 
_diffrn_source.pdbx_synchrotron_site       ALS 
# 
_reflns.entry_id                     2G1U 
_reflns.d_resolution_high            1.500 
_reflns.d_resolution_low             44.421 
_reflns.number_obs                   26312 
_reflns.pdbx_Rmerge_I_obs            0.048 
_reflns.pdbx_netI_over_sigmaI        9.700 
_reflns.pdbx_Rsym_value              0.048 
_reflns.pdbx_redundancy              5.100 
_reflns.percent_possible_obs         93.400 
_reflns.observed_criterion_sigma_F   ? 
_reflns.observed_criterion_sigma_I   ? 
_reflns.number_all                   ? 
_reflns.B_iso_Wilson_estimate        ? 
_reflns.R_free_details               ? 
_reflns.limit_h_max                  ? 
_reflns.limit_h_min                  ? 
_reflns.limit_k_max                  ? 
_reflns.limit_k_min                  ? 
_reflns.limit_l_max                  ? 
_reflns.limit_l_min                  ? 
_reflns.observed_criterion_F_max     ? 
_reflns.observed_criterion_F_min     ? 
_reflns.pdbx_chi_squared             ? 
_reflns.pdbx_scaling_rejects         ? 
_reflns.pdbx_ordinal                 1 
_reflns.pdbx_diffrn_id               1 
# 
loop_
_reflns_shell.d_res_high 
_reflns_shell.d_res_low 
_reflns_shell.number_measured_obs 
_reflns_shell.number_measured_all 
_reflns_shell.number_unique_obs 
_reflns_shell.Rmerge_I_obs 
_reflns_shell.meanI_over_sigI_obs 
_reflns_shell.pdbx_Rsym_value 
_reflns_shell.pdbx_chi_squared 
_reflns_shell.pdbx_redundancy 
_reflns_shell.percent_possible_obs 
_reflns_shell.number_unique_all 
_reflns_shell.percent_possible_all 
_reflns_shell.pdbx_ordinal 
_reflns_shell.pdbx_diffrn_id 
1.50 1.54  ? 1954  1298 0.344 2.2  0.344 ? 1.50  63.80  ? 93.4 1  1 
1.54 1.58  ? 2510  1512 0.329 1.7  0.329 ? 1.70  74.90  ? ?    2  1 
1.58 1.63  ? 3759  1688 0.339 2.2  0.339 ? 2.20  87.90  ? ?    3  1 
1.63 1.68  ? 5111  1843 0.293 2.5  0.293 ? 2.80  96.20  ? ?    4  1 
1.68 1.73  ? 5676  1797 0.241 3.0  0.241 ? 3.20  97.10  ? ?    5  1 
1.73 1.79  ? 6223  1729 0.189 3.9  0.189 ? 3.60  97.60  ? ?    6  1 
1.79 1.86  ? 6644  1703 0.131 5.5  0.131 ? 3.90  97.70  ? ?    7  1 
1.86 1.94  ? 6497  1603 0.103 6.5  0.103 ? 4.10  97.90  ? ?    8  1 
1.94 2.02  ? 6537  1573 0.079 7.5  0.079 ? 4.20  97.80  ? ?    9  1 
2.02 2.12  ? 6265  1496 0.067 8.8  0.067 ? 4.20  98.50  ? ?    10 1 
2.12 2.24  ? 5908  1417 0.059 10.4 0.059 ? 4.20  98.40  ? ?    11 1 
2.24 2.37  ? 10013 1399 0.09  7.2  0.09  ? 7.20  99.30  ? ?    12 1 
2.37 2.54  ? 9859  1287 0.079 8.4  0.079 ? 7.70  99.80  ? ?    13 1 
2.54 2.74  ? 9230  1210 0.064 10.3 0.064 ? 7.60  99.70  ? ?    14 1 
2.74 3.00  ? 8487  1122 0.05  12.5 0.05  ? 7.60  100.00 ? ?    15 1 
3.00 3.35  ? 10669 1003 0.056 10.8 0.056 ? 10.60 99.90  ? ?    16 1 
3.35 3.87  ? 10022 914  0.044 14.2 0.044 ? 11.00 100.00 ? ?    17 1 
3.87 4.74  ? 8254  768  0.034 18.0 0.034 ? 10.70 99.90  ? ?    18 1 
4.74 6.71  ? 6348  602  0.034 17.3 0.034 ? 10.50 99.70  ? ?    19 1 
6.71 44.42 ? 3198  348  0.036 15.3 0.036 ? 9.20  99.30  ? ?    20 1 
# 
_refine.ls_d_res_high                            1.500 
_refine.ls_d_res_low                             44.42 
_refine.pdbx_ls_sigma_F                          ? 
_refine.ls_percent_reflns_obs                    93.030 
_refine.ls_number_reflns_obs                     26310 
_refine.pdbx_ls_cross_valid_method               THROUGHOUT 
_refine.pdbx_R_Free_selection_details            RANDOM 
_refine.details                                  
;(1) HYDROGENS HAVE BEEN ADDED IN THE RIDING POSITIONS. 
 (2) THE ASSIGNMENT OF NA ION WAS BASED ON COORDINATION, 
 GEOMETRY, AND THE ABSENCE OF AN ANOMALOUS DIFFERENCE PEAK. 
 (3) THERE ARE DIFFERENCE DENSITY PEAKS ALONG THE 
 CRYSTALLOGRAPHIC 2-FOLD THAT WERE LEFT UNMODELED. 
 (4) TLS GROUP PARTITIONING WAS AIDED BY TLSMD.
;
_refine.ls_R_factor_all                          0.154 
_refine.ls_R_factor_R_work                       0.153 
_refine.ls_R_factor_R_free                       0.175 
_refine.ls_percent_reflns_R_free                 5.100 
_refine.ls_number_reflns_R_free                  1332 
_refine.B_iso_mean                               15.075 
_refine.aniso_B[1][1]                            -0.810 
_refine.aniso_B[2][2]                            1.030 
_refine.aniso_B[3][3]                            -0.910 
_refine.aniso_B[1][2]                            0.000 
_refine.aniso_B[1][3]                            -0.930 
_refine.aniso_B[2][3]                            0.000 
_refine.correlation_coeff_Fo_to_Fc               0.974 
_refine.correlation_coeff_Fo_to_Fc_free          0.966 
_refine.pdbx_overall_ESU_R                       0.061 
_refine.pdbx_overall_ESU_R_Free                  0.062 
_refine.overall_SU_ML                            0.043 
_refine.overall_SU_B                             2.396 
_refine.solvent_model_details                    'BABINET MODEL WITH MASK' 
_refine.pdbx_solvent_vdw_probe_radii             1.200 
_refine.pdbx_solvent_ion_probe_radii             0.800 
_refine.pdbx_solvent_shrinkage_radii             0.800 
_refine.pdbx_method_to_determine_struct          'MOLECULAR REPLACEMENT' 
_refine.pdbx_stereochemistry_target_values       'MAXIMUM LIKELIHOOD' 
_refine.pdbx_starting_model                      '1lss chain A' 
_refine.entry_id                                 2G1U 
_refine.pdbx_ls_sigma_I                          ? 
_refine.ls_number_reflns_all                     ? 
_refine.ls_R_factor_obs                          0.15407 
_refine.ls_redundancy_reflns_obs                 ? 
_refine.pdbx_data_cutoff_high_absF               ? 
_refine.pdbx_data_cutoff_low_absF                ? 
_refine.ls_number_parameters                     ? 
_refine.ls_number_restraints                     ? 
_refine.ls_R_factor_R_free_error                 ? 
_refine.ls_R_factor_R_free_error_details         ? 
_refine.pdbx_stereochem_target_val_spec_case     ? 
_refine.solvent_model_param_bsol                 ? 
_refine.solvent_model_param_ksol                 ? 
_refine.occupancy_max                            ? 
_refine.occupancy_min                            ? 
_refine.pdbx_isotropic_thermal_model             ? 
_refine.B_iso_min                                ? 
_refine.B_iso_max                                ? 
_refine.overall_SU_R_Cruickshank_DPI             ? 
_refine.overall_SU_R_free                        ? 
_refine.pdbx_data_cutoff_high_rms_absF           ? 
_refine.ls_wR_factor_R_free                      ? 
_refine.ls_wR_factor_R_work                      ? 
_refine.overall_FOM_free_R_set                   ? 
_refine.overall_FOM_work_R_set                   ? 
_refine.pdbx_refine_id                           'X-RAY DIFFRACTION' 
_refine.pdbx_TLS_residual_ADP_flag               'LIKELY RESIDUAL' 
_refine.pdbx_diffrn_id                           1 
_refine.pdbx_overall_phase_error                 ? 
_refine.pdbx_overall_SU_R_free_Cruickshank_DPI   ? 
_refine.pdbx_overall_SU_R_Blow_DPI               ? 
_refine.pdbx_overall_SU_R_free_Blow_DPI          ? 
# 
_refine_hist.pdbx_refine_id                   'X-RAY DIFFRACTION' 
_refine_hist.cycle_id                         LAST 
_refine_hist.pdbx_number_atoms_protein        1053 
_refine_hist.pdbx_number_atoms_nucleic_acid   0 
_refine_hist.pdbx_number_atoms_ligand         40 
_refine_hist.number_atoms_solvent             109 
_refine_hist.number_atoms_total               1202 
_refine_hist.d_res_high                       1.500 
_refine_hist.d_res_low                        44.42 
# 
loop_
_refine_ls_restr.type 
_refine_ls_restr.number 
_refine_ls_restr.dev_ideal 
_refine_ls_restr.dev_ideal_target 
_refine_ls_restr.weight 
_refine_ls_restr.pdbx_refine_id 
_refine_ls_restr.pdbx_restraint_function 
r_bond_refined_d             1216 0.016  0.022  ? 'X-RAY DIFFRACTION' ? 
r_bond_other_d               1124 0.002  0.020  ? 'X-RAY DIFFRACTION' ? 
r_angle_refined_deg          1653 1.648  1.984  ? 'X-RAY DIFFRACTION' ? 
r_angle_other_deg            2623 0.829  3.000  ? 'X-RAY DIFFRACTION' ? 
r_dihedral_angle_1_deg       158  5.154  5.000  ? 'X-RAY DIFFRACTION' ? 
r_dihedral_angle_2_deg       53   33.576 23.962 ? 'X-RAY DIFFRACTION' ? 
r_dihedral_angle_3_deg       227  12.099 15.000 ? 'X-RAY DIFFRACTION' ? 
r_dihedral_angle_4_deg       6    11.710 15.000 ? 'X-RAY DIFFRACTION' ? 
r_chiral_restr               182  0.098  0.200  ? 'X-RAY DIFFRACTION' ? 
r_gen_planes_refined         1342 0.007  0.020  ? 'X-RAY DIFFRACTION' ? 
r_gen_planes_other           263  0.001  0.020  ? 'X-RAY DIFFRACTION' ? 
r_nbd_refined                207  0.212  0.200  ? 'X-RAY DIFFRACTION' ? 
r_nbd_other                  1071 0.184  0.200  ? 'X-RAY DIFFRACTION' ? 
r_nbtor_refined              591  0.185  0.200  ? 'X-RAY DIFFRACTION' ? 
r_nbtor_other                708  0.084  0.200  ? 'X-RAY DIFFRACTION' ? 
r_xyhbond_nbd_refined        80   0.143  0.200  ? 'X-RAY DIFFRACTION' ? 
r_metal_ion_refined          2    0.011  0.200  ? 'X-RAY DIFFRACTION' ? 
r_symmetry_vdw_refined       10   0.333  0.200  ? 'X-RAY DIFFRACTION' ? 
r_symmetry_vdw_other         56   0.162  0.200  ? 'X-RAY DIFFRACTION' ? 
r_symmetry_hbond_refined     10   0.100  0.200  ? 'X-RAY DIFFRACTION' ? 
r_symmetry_metal_ion_refined 2    0.105  0.200  ? 'X-RAY DIFFRACTION' ? 
r_mcbond_it                  715  1.608  3.000  ? 'X-RAY DIFFRACTION' ? 
r_mcbond_other               296  0.488  3.000  ? 'X-RAY DIFFRACTION' ? 
r_mcangle_it                 1168 2.775  5.000  ? 'X-RAY DIFFRACTION' ? 
r_scbond_it                  510  4.936  8.000  ? 'X-RAY DIFFRACTION' ? 
r_scangle_it                 475  7.609  11.000 ? 'X-RAY DIFFRACTION' ? 
# 
_refine_ls_shell.d_res_high                       1.500 
_refine_ls_shell.d_res_low                        1.539 
_refine_ls_shell.pdbx_total_number_of_bins_used   20 
_refine_ls_shell.percent_reflns_obs               63.150 
_refine_ls_shell.number_reflns_R_work             1236 
_refine_ls_shell.R_factor_all                     ? 
_refine_ls_shell.R_factor_R_work                  0.261 
_refine_ls_shell.R_factor_R_free                  0.375 
_refine_ls_shell.percent_reflns_R_free            ? 
_refine_ls_shell.number_reflns_R_free             61 
_refine_ls_shell.R_factor_R_free_error            ? 
_refine_ls_shell.number_reflns_all                ? 
_refine_ls_shell.number_reflns_obs                1297 
_refine_ls_shell.redundancy_reflns_obs            ? 
_refine_ls_shell.pdbx_refine_id                   'X-RAY DIFFRACTION' 
# 
_struct.entry_id                  2G1U 
_struct.title                     
'CRYSTAL STRUCTURE OF A PUTATIVE TRANSPORT PROTEIN (TM1088A) FROM THERMOTOGA MARITIMA AT 1.50 A RESOLUTION' 
_struct.pdbx_model_details        ? 
_struct.pdbx_CASP_flag            ? 
_struct.pdbx_model_type_details   ? 
# 
_struct_keywords.text            
'STRUCTURAL GENOMICS, JOINT CENTER FOR STRUCTURAL GENOMICS, JCSG, PROTEIN STRUCTURE INITIATIVE, PSI-2, TRANSPORT PROTEIN' 
_struct_keywords.pdbx_keywords   'TRANSPORT PROTEIN' 
_struct_keywords.entry_id        2G1U 
# 
loop_
_struct_asym.id 
_struct_asym.pdbx_blank_PDB_chainid_flag 
_struct_asym.pdbx_modified 
_struct_asym.entity_id 
_struct_asym.details 
A N N 1 ? 
B N N 2 ? 
C N N 3 ? 
D N N 4 ? 
E N N 4 ? 
F N N 5 ? 
# 
_struct_biol.id   1 
# 
loop_
_struct_conf.conf_type_id 
_struct_conf.id 
_struct_conf.pdbx_PDB_helix_id 
_struct_conf.beg_label_comp_id 
_struct_conf.beg_label_asym_id 
_struct_conf.beg_label_seq_id 
_struct_conf.pdbx_beg_PDB_ins_code 
_struct_conf.end_label_comp_id 
_struct_conf.end_label_asym_id 
_struct_conf.end_label_seq_id 
_struct_conf.pdbx_end_PDB_ins_code 
_struct_conf.beg_auth_comp_id 
_struct_conf.beg_auth_asym_id 
_struct_conf.beg_auth_seq_id 
_struct_conf.end_auth_comp_id 
_struct_conf.end_auth_asym_id 
_struct_conf.end_auth_seq_id 
_struct_conf.pdbx_PDB_helix_class 
_struct_conf.details 
_struct_conf.pdbx_PDB_helix_length 
HELX_P HELX_P1 1 GLY A 28  ? SER A 41  ? GLY A 16  SER A 29  1 ? 14 
HELX_P HELX_P2 2 ASN A 51  ? LEU A 58  ? ASN A 39  LEU A 46  5 ? 8  
HELX_P HELX_P3 3 GLU A 73  ? GLU A 79  ? GLU A 61  GLU A 67  1 ? 7  
HELX_P HELX_P4 4 CYS A 80  ? ALA A 85  ? CYS A 68  ALA A 73  5 ? 6  
HELX_P HELX_P5 5 ASP A 94  ? MET A 108 ? ASP A 82  MET A 96  1 ? 15 
HELX_P HELX_P6 6 ASP A 120 ? GLU A 122 ? ASP A 108 GLU A 110 5 ? 3  
HELX_P HELX_P7 7 LYS A 123 ? GLU A 129 ? LYS A 111 GLU A 117 1 ? 7  
HELX_P HELX_P8 8 CYS A 136 ? GLY A 151 ? CYS A 124 GLY A 139 1 ? 16 
# 
_struct_conf_type.id          HELX_P 
_struct_conf_type.criteria    ? 
_struct_conf_type.reference   ? 
# 
loop_
_struct_conn.id 
_struct_conn.conn_type_id 
_struct_conn.pdbx_leaving_atom_flag 
_struct_conn.pdbx_PDB_id 
_struct_conn.ptnr1_label_asym_id 
_struct_conn.ptnr1_label_comp_id 
_struct_conn.ptnr1_label_seq_id 
_struct_conn.ptnr1_label_atom_id 
_struct_conn.pdbx_ptnr1_label_alt_id 
_struct_conn.pdbx_ptnr1_PDB_ins_code 
_struct_conn.pdbx_ptnr1_standard_comp_id 
_struct_conn.ptnr1_symmetry 
_struct_conn.ptnr2_label_asym_id 
_struct_conn.ptnr2_label_comp_id 
_struct_conn.ptnr2_label_seq_id 
_struct_conn.ptnr2_label_atom_id 
_struct_conn.pdbx_ptnr2_label_alt_id 
_struct_conn.pdbx_ptnr2_PDB_ins_code 
_struct_conn.ptnr1_auth_asym_id 
_struct_conn.ptnr1_auth_comp_id 
_struct_conn.ptnr1_auth_seq_id 
_struct_conn.ptnr2_auth_asym_id 
_struct_conn.ptnr2_auth_comp_id 
_struct_conn.ptnr2_auth_seq_id 
_struct_conn.ptnr2_symmetry 
_struct_conn.pdbx_ptnr3_label_atom_id 
_struct_conn.pdbx_ptnr3_label_seq_id 
_struct_conn.pdbx_ptnr3_label_comp_id 
_struct_conn.pdbx_ptnr3_label_asym_id 
_struct_conn.pdbx_ptnr3_label_alt_id 
_struct_conn.pdbx_ptnr3_PDB_ins_code 
_struct_conn.details 
_struct_conn.pdbx_dist_value 
_struct_conn.pdbx_value_order 
_struct_conn.pdbx_role 
metalc1 metalc ? ? A ASN 130 OD1 ? ? ? 1_555 B NA  . NA ? ? A ASN 118 A NA  144 1_555 ? ? ? ? ? ? ? 2.409 ? ? 
metalc2 metalc ? ? B NA  .   NA  ? ? ? 1_555 F HOH . O  ? ? A NA  144 A HOH 305 1_555 ? ? ? ? ? ? ? 2.486 ? ? 
metalc3 metalc ? ? B NA  .   NA  ? ? ? 1_555 F HOH . O  ? ? A NA  144 A HOH 308 1_555 ? ? ? ? ? ? ? 2.395 ? ? 
metalc4 metalc ? ? B NA  .   NA  ? ? ? 1_555 F HOH . O  ? ? A NA  144 A HOH 317 1_555 ? ? ? ? ? ? ? 2.436 ? ? 
# 
_struct_conn_type.id          metalc 
_struct_conn_type.criteria    ? 
_struct_conn_type.reference   ? 
# 
_struct_sheet.id               A 
_struct_sheet.type             ? 
_struct_sheet.number_strands   6 
_struct_sheet.details          ? 
# 
loop_
_struct_sheet_order.sheet_id 
_struct_sheet_order.range_id_1 
_struct_sheet_order.range_id_2 
_struct_sheet_order.offset 
_struct_sheet_order.sense 
A 1 2 ? parallel 
A 2 3 ? parallel 
A 3 4 ? parallel 
A 4 5 ? parallel 
A 5 6 ? parallel 
# 
loop_
_struct_sheet_range.sheet_id 
_struct_sheet_range.id 
_struct_sheet_range.beg_label_comp_id 
_struct_sheet_range.beg_label_asym_id 
_struct_sheet_range.beg_label_seq_id 
_struct_sheet_range.pdbx_beg_PDB_ins_code 
_struct_sheet_range.end_label_comp_id 
_struct_sheet_range.end_label_asym_id 
_struct_sheet_range.end_label_seq_id 
_struct_sheet_range.pdbx_end_PDB_ins_code 
_struct_sheet_range.beg_auth_comp_id 
_struct_sheet_range.beg_auth_asym_id 
_struct_sheet_range.beg_auth_seq_id 
_struct_sheet_range.end_auth_comp_id 
_struct_sheet_range.end_auth_asym_id 
_struct_sheet_range.end_auth_seq_id 
A 1 PHE A 65  ? VAL A 68  ? PHE A 53  VAL A 56  
A 2 SER A 44  ? ASP A 49  ? SER A 32  ASP A 37  
A 3 TYR A 21  ? PHE A 25  ? TYR A 9   PHE A 13  
A 4 MET A 87  ? ALA A 90  ? MET A 75  ALA A 78  
A 5 ASN A 113 ? ARG A 117 ? ASN A 101 ARG A 105 
A 6 LYS A 133 ? ILE A 135 ? LYS A 121 ILE A 123 
# 
loop_
_pdbx_struct_sheet_hbond.sheet_id 
_pdbx_struct_sheet_hbond.range_id_1 
_pdbx_struct_sheet_hbond.range_id_2 
_pdbx_struct_sheet_hbond.range_1_label_atom_id 
_pdbx_struct_sheet_hbond.range_1_label_comp_id 
_pdbx_struct_sheet_hbond.range_1_label_asym_id 
_pdbx_struct_sheet_hbond.range_1_label_seq_id 
_pdbx_struct_sheet_hbond.range_1_PDB_ins_code 
_pdbx_struct_sheet_hbond.range_1_auth_atom_id 
_pdbx_struct_sheet_hbond.range_1_auth_comp_id 
_pdbx_struct_sheet_hbond.range_1_auth_asym_id 
_pdbx_struct_sheet_hbond.range_1_auth_seq_id 
_pdbx_struct_sheet_hbond.range_2_label_atom_id 
_pdbx_struct_sheet_hbond.range_2_label_comp_id 
_pdbx_struct_sheet_hbond.range_2_label_asym_id 
_pdbx_struct_sheet_hbond.range_2_label_seq_id 
_pdbx_struct_sheet_hbond.range_2_PDB_ins_code 
_pdbx_struct_sheet_hbond.range_2_auth_atom_id 
_pdbx_struct_sheet_hbond.range_2_auth_comp_id 
_pdbx_struct_sheet_hbond.range_2_auth_asym_id 
_pdbx_struct_sheet_hbond.range_2_auth_seq_id 
A 1 2 O PHE A 65  ? O PHE A 53  N VAL A 47  ? N VAL A 35  
A 2 3 O SER A 44  ? O SER A 32  N ILE A 22  ? N ILE A 10  
A 3 4 N PHE A 25  ? N PHE A 13  O PHE A 89  ? O PHE A 77  
A 4 5 N ALA A 90  ? N ALA A 78  O ILE A 115 ? O ILE A 103 
A 5 6 N ALA A 116 ? N ALA A 104 O LYS A 133 ? O LYS A 121 
# 
loop_
_struct_site.id 
_struct_site.pdbx_evidence_code 
_struct_site.pdbx_auth_asym_id 
_struct_site.pdbx_auth_comp_id 
_struct_site.pdbx_auth_seq_id 
_struct_site.pdbx_auth_ins_code 
_struct_site.pdbx_num_residues 
_struct_site.details 
AC1 Software A NA  144 ? 4  'BINDING SITE FOR RESIDUE NA A 144'  
AC2 Software A AMP 301 ? 17 'BINDING SITE FOR RESIDUE AMP A 301' 
AC3 Software A MPD 302 ? 1  'BINDING SITE FOR RESIDUE MPD A 302' 
AC4 Software A MPD 303 ? 4  'BINDING SITE FOR RESIDUE MPD A 303' 
# 
loop_
_struct_site_gen.id 
_struct_site_gen.site_id 
_struct_site_gen.pdbx_num_res 
_struct_site_gen.label_comp_id 
_struct_site_gen.label_asym_id 
_struct_site_gen.label_seq_id 
_struct_site_gen.pdbx_auth_ins_code 
_struct_site_gen.auth_comp_id 
_struct_site_gen.auth_asym_id 
_struct_site_gen.auth_seq_id 
_struct_site_gen.label_atom_id 
_struct_site_gen.label_alt_id 
_struct_site_gen.symmetry 
_struct_site_gen.details 
1  AC1 4  ASN A 130 ? ASN A 118 . ? 1_555 ? 
2  AC1 4  HOH F .   ? HOH A 305 . ? 1_555 ? 
3  AC1 4  HOH F .   ? HOH A 308 . ? 1_555 ? 
4  AC1 4  HOH F .   ? HOH A 317 . ? 1_555 ? 
5  AC2 17 GLY A 28  ? GLY A 16  . ? 1_555 ? 
6  AC2 17 ARG A 29  ? ARG A 17  . ? 1_555 ? 
7  AC2 17 ASP A 49  ? ASP A 37  . ? 1_555 ? 
8  AC2 17 LYS A 50  ? LYS A 38  . ? 1_555 ? 
9  AC2 17 GLY A 69  ? GLY A 57  . ? 1_555 ? 
10 AC2 17 ASP A 70  ? ASP A 58  . ? 1_555 ? 
11 AC2 17 ALA A 71  ? ALA A 59  . ? 1_555 ? 
12 AC2 17 THR A 92  ? THR A 80  . ? 1_555 ? 
13 AC2 17 ASN A 93  ? ASN A 81  . ? 1_555 ? 
14 AC2 17 ARG A 117 ? ARG A 105 . ? 1_555 ? 
15 AC2 17 HOH F .   ? HOH A 304 . ? 1_555 ? 
16 AC2 17 HOH F .   ? HOH A 328 . ? 1_555 ? 
17 AC2 17 HOH F .   ? HOH A 352 . ? 1_555 ? 
18 AC2 17 HOH F .   ? HOH A 353 . ? 1_555 ? 
19 AC2 17 HOH F .   ? HOH A 354 . ? 1_555 ? 
20 AC2 17 HOH F .   ? HOH A 377 . ? 1_555 ? 
21 AC2 17 HOH F .   ? HOH A 378 . ? 1_555 ? 
22 AC3 1  HOH F .   ? HOH A 386 . ? 1_555 ? 
23 AC4 4  ILE A 22  ? ILE A 10  . ? 1_555 ? 
24 AC4 4  LEU A 37  ? LEU A 25  . ? 1_555 ? 
25 AC4 4  SER A 41  ? SER A 29  . ? 1_555 ? 
26 AC4 4  HIS A 43  ? HIS A 31  . ? 1_555 ? 
# 
_atom_sites.entry_id                    2G1U 
_atom_sites.fract_transf_matrix[1][1]   -0.00469560 
_atom_sites.fract_transf_matrix[1][2]   -0.00102787 
_atom_sites.fract_transf_matrix[1][3]   -0.02199839 
_atom_sites.fract_transf_matrix[2][1]   0.02647867 
_atom_sites.fract_transf_matrix[2][2]   -0.00902759 
_atom_sites.fract_transf_matrix[2][3]   -0.00523011 
_atom_sites.fract_transf_matrix[3][1]   -0.00680589 
_atom_sites.fract_transf_matrix[3][2]   -0.01706375 
_atom_sites.fract_transf_matrix[3][3]   -0.00500301 
_atom_sites.fract_transf_vector[1]      0.326498 
_atom_sites.fract_transf_vector[2]      1.019565 
_atom_sites.fract_transf_vector[3]      0.225399 
# 
loop_
_atom_type.symbol 
C  
N  
NA 
O  
P  
S  
# 
loop_
_atom_site.group_PDB 
_atom_site.id 
_atom_site.type_symbol 
_atom_site.label_atom_id 
_atom_site.label_alt_id 
_atom_site.label_comp_id 
_atom_site.label_asym_id 
_atom_site.label_entity_id 
_atom_site.label_seq_id 
_atom_site.pdbx_PDB_ins_code 
_atom_site.Cartn_x 
_atom_site.Cartn_y 
_atom_site.Cartn_z 
_atom_site.occupancy 
_atom_site.B_iso_or_equiv 
_atom_site.pdbx_formal_charge 
_atom_site.auth_seq_id 
_atom_site.auth_comp_id 
_atom_site.auth_asym_id 
_atom_site.auth_atom_id 
_atom_site.pdbx_PDB_model_num 
ATOM   1    C  CA    . LYS A 1 16  ? 14.028  -3.501  16.609  1.00 33.13 ? 4   LYS A CA    1 
ATOM   2    C  C     . LYS A 1 16  ? 14.892  -2.623  15.696  1.00 33.10 ? 4   LYS A C     1 
ATOM   3    O  O     . LYS A 1 16  ? 14.436  -1.615  15.145  1.00 33.63 ? 4   LYS A O     1 
ATOM   4    N  N     . GLN A 1 17  ? 16.146  -3.015  15.523  1.00 29.59 ? 5   GLN A N     1 
ATOM   5    C  CA    . GLN A 1 17  ? 17.024  -2.335  14.571  1.00 30.24 ? 5   GLN A CA    1 
ATOM   6    C  C     . GLN A 1 17  ? 16.544  -2.486  13.104  1.00 30.45 ? 5   GLN A C     1 
ATOM   7    O  O     . GLN A 1 17  ? 16.865  -1.657  12.241  1.00 33.82 ? 5   GLN A O     1 
ATOM   8    C  CB    . GLN A 1 17  ? 18.434  -2.901  14.695  1.00 31.05 ? 5   GLN A CB    1 
ATOM   9    C  CG    . GLN A 1 17  ? 18.988  -2.795  16.105  1.00 31.82 ? 5   GLN A CG    1 
ATOM   10   C  CD    . GLN A 1 17  ? 20.304  -3.511  16.266  1.00 35.40 ? 5   GLN A CD    1 
ATOM   11   O  OE1   . GLN A 1 17  ? 20.427  -4.690  15.930  1.00 43.93 ? 5   GLN A OE1   1 
ATOM   12   N  NE2   . GLN A 1 17  ? 21.297  -2.805  16.790  1.00 39.48 ? 5   GLN A NE2   1 
ATOM   13   N  N     . LYS A 1 18  ? 15.767  -3.537  12.834  1.00 28.66 ? 6   LYS A N     1 
ATOM   14   C  CA    A LYS A 1 18  ? 15.279  -3.836  11.490  0.50 27.48 ? 6   LYS A CA    1 
ATOM   15   C  CA    B LYS A 1 18  ? 15.292  -3.816  11.478  0.50 27.19 ? 6   LYS A CA    1 
ATOM   16   C  C     . LYS A 1 18  ? 13.937  -3.148  11.194  1.00 25.37 ? 6   LYS A C     1 
ATOM   17   O  O     . LYS A 1 18  ? 13.369  -3.326  10.111  1.00 26.73 ? 6   LYS A O     1 
ATOM   18   C  CB    A LYS A 1 18  ? 15.115  -5.350  11.330  0.50 28.65 ? 6   LYS A CB    1 
ATOM   19   C  CB    B LYS A 1 18  ? 15.188  -5.330  11.250  0.50 28.25 ? 6   LYS A CB    1 
ATOM   20   C  CG    A LYS A 1 18  ? 16.379  -6.162  11.628  0.50 30.50 ? 6   LYS A CG    1 
ATOM   21   C  CG    B LYS A 1 18  ? 16.540  -6.054  11.203  0.50 28.33 ? 6   LYS A CG    1 
ATOM   22   C  CD    A LYS A 1 18  ? 16.103  -7.654  11.521  0.50 32.15 ? 6   LYS A CD    1 
ATOM   23   C  CD    B LYS A 1 18  ? 16.378  -7.535  10.853  0.50 28.53 ? 6   LYS A CD    1 
ATOM   24   C  CE    A LYS A 1 18  ? 17.368  -8.466  11.678  0.50 33.59 ? 6   LYS A CE    1 
ATOM   25   C  CE    B LYS A 1 18  ? 16.168  -7.756  9.356   0.50 26.74 ? 6   LYS A CE    1 
ATOM   26   N  NZ    A LYS A 1 18  ? 17.125  -9.894  11.353  0.50 35.44 ? 6   LYS A NZ    1 
ATOM   27   N  NZ    B LYS A 1 18  ? 15.717  -9.143  9.062   0.50 27.14 ? 6   LYS A NZ    1 
ATOM   28   N  N     . SER A 1 19  ? 13.431  -2.364  12.147  1.00 20.52 ? 7   SER A N     1 
ATOM   29   C  CA    . SER A 1 19  ? 12.087  -1.744  12.012  1.00 18.90 ? 7   SER A CA    1 
ATOM   30   C  C     . SER A 1 19  ? 12.070  -0.653  10.927  1.00 19.62 ? 7   SER A C     1 
ATOM   31   O  O     . SER A 1 19  ? 12.947  0.197   10.859  1.00 20.31 ? 7   SER A O     1 
ATOM   32   C  CB    . SER A 1 19  ? 11.672  -1.163  13.358  1.00 19.00 ? 7   SER A CB    1 
ATOM   33   O  OG    . SER A 1 19  ? 10.385  -0.600  13.296  1.00 17.72 ? 7   SER A OG    1 
ATOM   34   N  N     . LYS A 1 20  ? 11.089  -0.726  10.048  1.00 14.85 ? 8   LYS A N     1 
ATOM   35   C  CA    . LYS A 1 20  ? 10.939  0.210   8.949   1.00 12.09 ? 8   LYS A CA    1 
ATOM   36   C  C     . LYS A 1 20  ? 9.685   1.066   9.151   1.00 11.79 ? 8   LYS A C     1 
ATOM   37   O  O     . LYS A 1 20  ? 8.757   0.699   9.875   1.00 13.12 ? 8   LYS A O     1 
ATOM   38   C  CB    . LYS A 1 20  ? 10.787  -0.553  7.652   1.00 14.78 ? 8   LYS A CB    1 
ATOM   39   C  CG    . LYS A 1 20  ? 11.937  -1.493  7.291   1.00 20.65 ? 8   LYS A CG    1 
ATOM   40   C  CD    . LYS A 1 20  ? 13.260  -0.801  7.292   1.00 18.74 ? 8   LYS A CD    1 
ATOM   41   C  CE    . LYS A 1 20  ? 14.405  -1.759  6.889   1.00 24.02 ? 8   LYS A CE    1 
ATOM   42   N  NZ    . LYS A 1 20  ? 15.691  -1.074  7.139   1.00 22.81 ? 8   LYS A NZ    1 
ATOM   43   N  N     . TYR A 1 21  ? 9.643   2.200   8.464   1.00 10.41 ? 9   TYR A N     1 
ATOM   44   C  CA    . TYR A 1 21  ? 8.472   3.084   8.457   1.00 9.41  ? 9   TYR A CA    1 
ATOM   45   C  C     . TYR A 1 21  ? 7.681   2.802   7.191   1.00 11.09 ? 9   TYR A C     1 
ATOM   46   O  O     . TYR A 1 21  ? 8.206   2.963   6.070   1.00 9.88  ? 9   TYR A O     1 
ATOM   47   C  CB    . TYR A 1 21  ? 8.962   4.529   8.502   1.00 12.46 ? 9   TYR A CB    1 
ATOM   48   C  CG    . TYR A 1 21  ? 7.970   5.634   8.743   1.00 15.24 ? 9   TYR A CG    1 
ATOM   49   C  CD1   . TYR A 1 21  ? 7.074   6.037   7.794   1.00 17.71 ? 9   TYR A CD1   1 
ATOM   50   C  CD2   . TYR A 1 21  ? 8.025   6.374   9.921   1.00 26.41 ? 9   TYR A CD2   1 
ATOM   51   C  CE1   . TYR A 1 21  ? 6.208   7.098   8.004   1.00 15.86 ? 9   TYR A CE1   1 
ATOM   52   C  CE2   . TYR A 1 21  ? 7.157   7.449   10.150  1.00 21.56 ? 9   TYR A CE2   1 
ATOM   53   C  CZ    . TYR A 1 21  ? 6.228   7.795   9.172   1.00 24.16 ? 9   TYR A CZ    1 
ATOM   54   O  OH    . TYR A 1 21  ? 5.302   8.838   9.343   1.00 23.74 ? 9   TYR A OH    1 
ATOM   55   N  N     . ILE A 1 22  ? 6.452   2.338   7.373   1.00 8.95  ? 10  ILE A N     1 
ATOM   56   C  CA    . ILE A 1 22  ? 5.620   1.849   6.255   1.00 9.06  ? 10  ILE A CA    1 
ATOM   57   C  C     . ILE A 1 22  ? 4.289   2.651   6.268   1.00 11.45 ? 10  ILE A C     1 
ATOM   58   O  O     . ILE A 1 22  ? 3.616   2.680   7.288   1.00 11.97 ? 10  ILE A O     1 
ATOM   59   C  CB    . ILE A 1 22  ? 5.240   0.369   6.488   1.00 9.99  ? 10  ILE A CB    1 
ATOM   60   C  CG1   . ILE A 1 22  ? 6.547   -0.423  6.490   1.00 12.61 ? 10  ILE A CG1   1 
ATOM   61   C  CG2   . ILE A 1 22  ? 4.416   -0.171  5.358   1.00 14.83 ? 10  ILE A CG2   1 
ATOM   62   C  CD1   . ILE A 1 22  ? 6.421   -1.907  6.656   1.00 18.02 ? 10  ILE A CD1   1 
ATOM   63   N  N     . VAL A 1 23  ? 3.889   3.270   5.146   1.00 8.43  ? 11  VAL A N     1 
ATOM   64   C  CA    . VAL A 1 23  ? 2.580   3.915   5.018   1.00 7.90  ? 11  VAL A CA    1 
ATOM   65   C  C     . VAL A 1 23  ? 1.755   3.069   4.046   1.00 8.49  ? 11  VAL A C     1 
ATOM   66   O  O     . VAL A 1 23  ? 2.196   2.782   2.940   1.00 9.39  ? 11  VAL A O     1 
ATOM   67   C  CB    . VAL A 1 23  ? 2.702   5.371   4.494   1.00 8.97  ? 11  VAL A CB    1 
ATOM   68   C  CG1   . VAL A 1 23  ? 1.396   6.033   4.500   1.00 9.91  ? 11  VAL A CG1   1 
ATOM   69   C  CG2   . VAL A 1 23  ? 3.732   6.157   5.358   1.00 10.87 ? 11  VAL A CG2   1 
ATOM   70   N  N     . ILE A 1 24  ? 0.575   2.704   4.493   1.00 9.48  ? 12  ILE A N     1 
ATOM   71   C  CA    . ILE A 1 24  ? -0.399  1.945   3.692   1.00 9.62  ? 12  ILE A CA    1 
ATOM   72   C  C     . ILE A 1 24  ? -1.651  2.749   3.500   1.00 9.69  ? 12  ILE A C     1 
ATOM   73   O  O     . ILE A 1 24  ? -2.300  3.176   4.464   1.00 10.31 ? 12  ILE A O     1 
ATOM   74   C  CB    . ILE A 1 24  ? -0.737  0.627   4.432   1.00 11.68 ? 12  ILE A CB    1 
ATOM   75   C  CG1   . ILE A 1 24  ? 0.543   -0.185  4.651   1.00 11.38 ? 12  ILE A CG1   1 
ATOM   76   C  CG2   . ILE A 1 24  ? -1.829  -0.152  3.642   1.00 12.33 ? 12  ILE A CG2   1 
ATOM   77   C  CD1   . ILE A 1 24  ? 0.417   -1.388  5.649   1.00 13.01 ? 12  ILE A CD1   1 
ATOM   78   N  N     . PHE A 1 25  ? -1.988  2.964   2.208   1.00 8.34  ? 13  PHE A N     1 
ATOM   79   C  CA    . PHE A 1 25  ? -3.251  3.662   1.874   1.00 8.48  ? 13  PHE A CA    1 
ATOM   80   C  C     . PHE A 1 25  ? -4.274  2.630   1.473   1.00 10.63 ? 13  PHE A C     1 
ATOM   81   O  O     . PHE A 1 25  ? -4.030  1.795   0.568   1.00 9.92  ? 13  PHE A O     1 
ATOM   82   C  CB    . PHE A 1 25  ? -3.044  4.639   0.725   1.00 10.53 ? 13  PHE A CB    1 
ATOM   83   C  CG    . PHE A 1 25  ? -2.137  5.785   1.086   1.00 8.61  ? 13  PHE A CG    1 
ATOM   84   C  CD1   . PHE A 1 25  ? -0.757  5.669   1.009   1.00 9.81  ? 13  PHE A CD1   1 
ATOM   85   C  CD2   . PHE A 1 25  ? -2.694  6.974   1.501   1.00 11.24 ? 13  PHE A CD2   1 
ATOM   86   C  CE1   . PHE A 1 25  ? 0.049   6.741   1.326   1.00 9.90  ? 13  PHE A CE1   1 
ATOM   87   C  CE2   . PHE A 1 25  ? -1.868  8.041   1.864   1.00 11.10 ? 13  PHE A CE2   1 
ATOM   88   C  CZ    . PHE A 1 25  ? -0.517  7.917   1.745   1.00 10.95 ? 13  PHE A CZ    1 
ATOM   89   N  N     . GLY A 1 26  ? -5.427  2.697   2.145   1.00 10.79 ? 14  GLY A N     1 
ATOM   90   C  CA    . GLY A 1 26  ? -6.510  1.718   1.940   1.00 11.43 ? 14  GLY A CA    1 
ATOM   91   C  C     . GLY A 1 26  ? -6.447  0.649   3.007   1.00 14.93 ? 14  GLY A C     1 
ATOM   92   O  O     . GLY A 1 26  ? -5.533  -0.139  3.036   1.00 17.54 ? 14  GLY A O     1 
ATOM   93   N  N     . CYS A 1 27  ? -7.393  0.660   3.934   1.00 11.57 ? 15  CYS A N     1 
ATOM   94   C  CA    . CYS A 1 27  ? -7.499  -0.335  5.008   1.00 11.56 ? 15  CYS A CA    1 
ATOM   95   C  C     . CYS A 1 27  ? -8.650  -1.299  4.713   1.00 11.60 ? 15  CYS A C     1 
ATOM   96   O  O     . CYS A 1 27  ? -9.485  -1.598  5.562   1.00 14.53 ? 15  CYS A O     1 
ATOM   97   C  CB    . CYS A 1 27  ? -7.684  0.309   6.370   1.00 12.13 ? 15  CYS A CB    1 
ATOM   98   S  SG    . CYS A 1 27  ? -7.320  -0.792  7.738   1.00 15.71 ? 15  CYS A SG    1 
ATOM   99   N  N     . GLY A 1 28  ? -8.658  -1.819  3.494   1.00 12.79 ? 16  GLY A N     1 
ATOM   100  C  CA    . GLY A 1 28  ? -9.679  -2.773  3.109   1.00 11.94 ? 16  GLY A CA    1 
ATOM   101  C  C     . GLY A 1 28  ? -9.141  -4.175  3.283   1.00 12.09 ? 16  GLY A C     1 
ATOM   102  O  O     . GLY A 1 28  ? -8.273  -4.423  4.125   1.00 12.72 ? 16  GLY A O     1 
ATOM   103  N  N     . ARG A 1 29  ? -9.667  -5.088  2.498   1.00 10.63 ? 17  ARG A N     1 
ATOM   104  C  CA    . ARG A 1 29  ? -9.251  -6.474  2.589   1.00 10.29 ? 17  ARG A CA    1 
ATOM   105  C  C     . ARG A 1 29  ? -7.720  -6.627  2.402   1.00 14.95 ? 17  ARG A C     1 
ATOM   106  O  O     . ARG A 1 29  ? -7.065  -7.227  3.268   1.00 15.64 ? 17  ARG A O     1 
ATOM   107  C  CB    . ARG A 1 29  ? -10.058 -7.319  1.620   1.00 10.97 ? 17  ARG A CB    1 
ATOM   108  C  CG    . ARG A 1 29  ? -11.553 -7.387  1.990   1.00 10.92 ? 17  ARG A CG    1 
ATOM   109  C  CD    . ARG A 1 29  ? -12.424 -7.793  0.802   1.00 16.55 ? 17  ARG A CD    1 
ATOM   110  N  NE    . ARG A 1 29  ? -12.478 -6.707  -0.182  1.00 16.76 ? 17  ARG A NE    1 
ATOM   111  C  CZ    . ARG A 1 29  ? -13.089 -6.757  -1.351  1.00 28.29 ? 17  ARG A CZ    1 
ATOM   112  N  NH1   . ARG A 1 29  ? -13.728 -7.868  -1.730  1.00 25.62 ? 17  ARG A NH1   1 
ATOM   113  N  NH2   . ARG A 1 29  ? -13.062 -5.691  -2.151  1.00 23.83 ? 17  ARG A NH2   1 
ATOM   114  N  N     . LEU A 1 30  ? -7.142  -6.031  1.340   1.00 11.33 ? 18  LEU A N     1 
ATOM   115  C  CA    . LEU A 1 30  ? -5.719  -6.165  1.058   1.00 12.51 ? 18  LEU A CA    1 
ATOM   116  C  C     . LEU A 1 30  ? -4.910  -5.343  2.057   1.00 13.45 ? 18  LEU A C     1 
ATOM   117  O  O     . LEU A 1 30  ? -3.935  -5.819  2.666   1.00 13.02 ? 18  LEU A O     1 
ATOM   118  C  CB    . LEU A 1 30  ? -5.407  -5.691  -0.374  1.00 14.35 ? 18  LEU A CB    1 
ATOM   119  C  CG    . LEU A 1 30  ? -3.892  -5.662  -0.717  1.00 13.52 ? 18  LEU A CG    1 
ATOM   120  C  CD1   . LEU A 1 30  ? -3.229  -6.995  -0.494  1.00 19.12 ? 18  LEU A CD1   1 
ATOM   121  C  CD2   . LEU A 1 30  ? -3.694  -5.136  -2.177  1.00 18.28 ? 18  LEU A CD2   1 
ATOM   122  N  N     . GLY A 1 31  ? -5.265  -4.076  2.187   1.00 11.19 ? 19  GLY A N     1 
ATOM   123  C  CA    . GLY A 1 31  ? -4.467  -3.205  3.026   1.00 10.63 ? 19  GLY A CA    1 
ATOM   124  C  C     . GLY A 1 31  ? -4.382  -3.604  4.467   1.00 12.26 ? 19  GLY A C     1 
ATOM   125  O  O     . GLY A 1 31  ? -3.322  -3.472  5.104   1.00 12.68 ? 19  GLY A O     1 
ATOM   126  N  N     . SER A 1 32  ? -5.512  -4.053  5.021   1.00 10.09 ? 20  SER A N     1 
ATOM   127  C  CA    . SER A 1 32  ? -5.535  -4.503  6.414   1.00 9.41  ? 20  SER A CA    1 
ATOM   128  C  C     . SER A 1 32  ? -4.689  -5.754  6.613   1.00 10.80 ? 20  SER A C     1 
ATOM   129  O  O     . SER A 1 32  ? -4.054  -5.908  7.645   1.00 12.12 ? 20  SER A O     1 
ATOM   130  C  CB    . SER A 1 32  ? -6.950  -4.717  6.933   1.00 11.49 ? 20  SER A CB    1 
ATOM   131  O  OG    . SER A 1 32  ? -7.557  -5.826  6.294   1.00 11.32 ? 20  SER A OG    1 
ATOM   132  N  N     . LEU A 1 33  ? -4.703  -6.646  5.647   1.00 10.04 ? 21  LEU A N     1 
ATOM   133  C  CA    . LEU A 1 33  ? -3.887  -7.850  5.766   1.00 10.23 ? 21  LEU A CA    1 
ATOM   134  C  C     . LEU A 1 33  ? -2.414  -7.457  5.862   1.00 12.15 ? 21  LEU A C     1 
ATOM   135  O  O     . LEU A 1 33  ? -1.670  -7.978  6.721   1.00 12.14 ? 21  LEU A O     1 
ATOM   136  C  CB    . LEU A 1 33  ? -4.137  -8.723  4.542   1.00 12.39 ? 21  LEU A CB    1 
ATOM   137  C  CG    . LEU A 1 33  ? -3.454  -10.054 4.310   1.00 17.80 ? 21  LEU A CG    1 
ATOM   138  C  CD1   . LEU A 1 33  ? -4.183  -11.086 5.152   1.00 24.37 ? 21  LEU A CD1   1 
ATOM   139  C  CD2   . LEU A 1 33  ? -3.520  -10.484 2.857   1.00 20.35 ? 21  LEU A CD2   1 
ATOM   140  N  N     . ILE A 1 34  ? -1.961  -6.568  4.976   1.00 11.20 ? 22  ILE A N     1 
ATOM   141  C  CA    . ILE A 1 34  ? -0.574  -6.146  4.984   1.00 11.57 ? 22  ILE A CA    1 
ATOM   142  C  C     . ILE A 1 34  ? -0.230  -5.334  6.241   1.00 10.55 ? 22  ILE A C     1 
ATOM   143  O  O     . ILE A 1 34  ? 0.840   -5.541  6.852   1.00 11.29 ? 22  ILE A O     1 
ATOM   144  C  CB    . ILE A 1 34  ? -0.193  -5.435  3.682   1.00 13.80 ? 22  ILE A CB    1 
ATOM   145  C  CG1   . ILE A 1 34  ? -0.473  -6.343  2.472   1.00 12.57 ? 22  ILE A CG1   1 
ATOM   146  C  CG2   . ILE A 1 34  ? 1.248   -5.005  3.745   1.00 15.63 ? 22  ILE A CG2   1 
ATOM   147  C  CD1   . ILE A 1 34  ? 0.144   -7.720  2.509   1.00 17.89 ? 22  ILE A CD1   1 
ATOM   148  N  N     . ALA A 1 35  ? -1.152  -4.469  6.648   1.00 10.05 ? 23  ALA A N     1 
ATOM   149  C  CA    . ALA A 1 35  ? -0.956  -3.648  7.881   1.00 8.60  ? 23  ALA A CA    1 
ATOM   150  C  C     . ALA A 1 35  ? -0.769  -4.529  9.119   1.00 10.23 ? 23  ALA A C     1 
ATOM   151  O  O     . ALA A 1 35  ? 0.097   -4.289  9.961   1.00 11.57 ? 23  ALA A O     1 
ATOM   152  C  CB    . ALA A 1 35  ? -2.084  -2.677  8.107   1.00 10.55 ? 23  ALA A CB    1 
ATOM   153  N  N     . ASN A 1 36  ? -1.655  -5.522  9.262   1.00 8.64  ? 24  ASN A N     1 
ATOM   154  C  CA    . ASN A 1 36  ? -1.624  -6.411  10.431  1.00 9.96  ? 24  ASN A CA    1 
ATOM   155  C  C     . ASN A 1 36  ? -0.296  -7.180  10.458  1.00 11.07 ? 24  ASN A C     1 
ATOM   156  O  O     . ASN A 1 36  ? 0.320   -7.335  11.515  1.00 11.77 ? 24  ASN A O     1 
ATOM   157  C  CB    . ASN A 1 36  ? -2.817  -7.361  10.383  1.00 9.59  ? 24  ASN A CB    1 
ATOM   158  C  CG    . ASN A 1 36  ? -4.108  -6.704  10.888  1.00 10.77 ? 24  ASN A CG    1 
ATOM   159  O  OD1   . ASN A 1 36  ? -4.058  -5.830  11.757  1.00 12.34 ? 24  ASN A OD1   1 
ATOM   160  N  ND2   . ASN A 1 36  ? -5.271  -7.139  10.361  1.00 13.64 ? 24  ASN A ND2   1 
ATOM   161  N  N     . LEU A 1 37  ? 0.143   -7.671  9.304   1.00 10.35 ? 25  LEU A N     1 
ATOM   162  C  CA    . LEU A 1 37  ? 1.383   -8.429  9.239   1.00 9.60  ? 25  LEU A CA    1 
ATOM   163  C  C     . LEU A 1 37  ? 2.610   -7.545  9.485   1.00 11.01 ? 25  LEU A C     1 
ATOM   164  O  O     . LEU A 1 37  ? 3.536   -7.931  10.183  1.00 11.52 ? 25  LEU A O     1 
ATOM   165  C  CB    . LEU A 1 37  ? 1.510   -9.158  7.875   1.00 11.09 ? 25  LEU A CB    1 
ATOM   166  C  CG    . LEU A 1 37  ? 0.578   -10.342 7.753   1.00 18.34 ? 25  LEU A CG    1 
ATOM   167  C  CD1   . LEU A 1 37  ? 0.486   -10.764 6.261   1.00 19.93 ? 25  LEU A CD1   1 
ATOM   168  C  CD2   . LEU A 1 37  ? 1.082   -11.493 8.642   1.00 17.84 ? 25  LEU A CD2   1 
ATOM   169  N  N     . ALA A 1 38  ? 2.602   -6.368  8.880   1.00 10.68 ? 26  ALA A N     1 
ATOM   170  C  CA    . ALA A 1 38  ? 3.690   -5.396  9.066   1.00 9.13  ? 26  ALA A CA    1 
ATOM   171  C  C     . ALA A 1 38  ? 3.877   -5.018  10.530  1.00 8.38  ? 26  ALA A C     1 
ATOM   172  O  O     . ALA A 1 38  ? 5.005   -4.961  11.049  1.00 11.87 ? 26  ALA A O     1 
ATOM   173  C  CB    . ALA A 1 38  ? 3.426   -4.165  8.247   1.00 13.03 ? 26  ALA A CB    1 
ATOM   174  N  N     . SER A 1 39  ? 2.745   -4.742  11.196  1.00 9.31  ? 27  SER A N     1 
ATOM   175  C  CA    . SER A 1 39  ? 2.764   -4.408  12.631  1.00 8.82  ? 27  SER A CA    1 
ATOM   176  C  C     . SER A 1 39  ? 3.330   -5.586  13.448  1.00 12.46 ? 27  SER A C     1 
ATOM   177  O  O     . SER A 1 39  ? 4.183   -5.392  14.311  1.00 11.89 ? 27  SER A O     1 
ATOM   178  C  CB    . SER A 1 39  ? 1.365   -3.964  13.105  1.00 12.27 ? 27  SER A CB    1 
ATOM   179  O  OG    . SER A 1 39  ? 1.413   -3.629  14.488  1.00 19.76 ? 27  SER A OG    1 
ATOM   180  N  N     . SER A 1 40  ? 2.918   -6.828  13.136  1.00 13.00 ? 28  SER A N     1 
ATOM   181  C  CA    A SER A 1 40  ? 3.369   -7.983  13.923  0.50 13.12 ? 28  SER A CA    1 
ATOM   182  C  CA    B SER A 1 40  ? 3.365   -8.012  13.882  0.50 13.36 ? 28  SER A CA    1 
ATOM   183  C  C     . SER A 1 40  ? 4.844   -8.314  13.634  1.00 13.58 ? 28  SER A C     1 
ATOM   184  O  O     . SER A 1 40  ? 5.498   -8.972  14.440  1.00 13.76 ? 28  SER A O     1 
ATOM   185  C  CB    A SER A 1 40  ? 2.469   -9.203  13.707  0.50 14.71 ? 28  SER A CB    1 
ATOM   186  C  CB    B SER A 1 40  ? 2.520   -9.228  13.509  0.50 14.82 ? 28  SER A CB    1 
ATOM   187  O  OG    A SER A 1 40  ? 2.490   -9.624  12.362  0.50 14.40 ? 28  SER A OG    1 
ATOM   188  O  OG    B SER A 1 40  ? 1.187   -9.031  13.924  0.50 16.56 ? 28  SER A OG    1 
ATOM   189  N  N     . SER A 1 41  ? 5.370   -7.834  12.510  1.00 13.63 ? 29  SER A N     1 
ATOM   190  C  CA    . SER A 1 41  ? 6.800   -7.920  12.180  1.00 14.92 ? 29  SER A CA    1 
ATOM   191  C  C     . SER A 1 41  ? 7.644   -6.830  12.829  1.00 15.73 ? 29  SER A C     1 
ATOM   192  O  O     . SER A 1 41  ? 8.856   -6.820  12.631  1.00 18.26 ? 29  SER A O     1 
ATOM   193  C  CB    . SER A 1 41  ? 6.990   -7.845  10.671  1.00 19.27 ? 29  SER A CB    1 
ATOM   194  O  OG    . SER A 1 41  ? 6.294   -8.924  10.055  1.00 22.04 ? 29  SER A OG    1 
ATOM   195  N  N     . GLY A 1 42  ? 7.014   -5.914  13.581  1.00 13.78 ? 30  GLY A N     1 
ATOM   196  C  CA    . GLY A 1 42  ? 7.733   -4.903  14.333  1.00 11.21 ? 30  GLY A CA    1 
ATOM   197  C  C     . GLY A 1 42  ? 7.961   -3.559  13.640  1.00 10.33 ? 30  GLY A C     1 
ATOM   198  O  O     . GLY A 1 42  ? 8.745   -2.718  14.155  1.00 11.16 ? 30  GLY A O     1 
ATOM   199  N  N     . HIS A 1 43  ? 7.334   -3.352  12.499  1.00 11.34 ? 31  HIS A N     1 
ATOM   200  C  CA    . HIS A 1 43  ? 7.458   -2.096  11.777  1.00 10.33 ? 31  HIS A CA    1 
ATOM   201  C  C     . HIS A 1 43  ? 6.597   -0.992  12.331  1.00 9.93  ? 31  HIS A C     1 
ATOM   202  O  O     . HIS A 1 43  ? 5.621   -1.273  13.037  1.00 11.71 ? 31  HIS A O     1 
ATOM   203  C  CB    . HIS A 1 43  ? 7.136   -2.333  10.310  1.00 11.38 ? 31  HIS A CB    1 
ATOM   204  C  CG    . HIS A 1 43  ? 8.066   -3.295  9.681   1.00 10.65 ? 31  HIS A CG    1 
ATOM   205  N  ND1   . HIS A 1 43  ? 9.440   -3.181  9.808   1.00 10.35 ? 31  HIS A ND1   1 
ATOM   206  C  CD2   . HIS A 1 43  ? 7.841   -4.468  9.052   1.00 17.23 ? 31  HIS A CD2   1 
ATOM   207  C  CE1   . HIS A 1 43  ? 10.018  -4.218  9.224   1.00 22.63 ? 31  HIS A CE1   1 
ATOM   208  N  NE2   . HIS A 1 43  ? 9.068   -5.018  8.775   1.00 16.56 ? 31  HIS A NE2   1 
ATOM   209  N  N     . SER A 1 44  ? 6.943   0.257   11.987  1.00 9.93  ? 32  SER A N     1 
ATOM   210  C  CA    . SER A 1 44  ? 6.115   1.417   12.315  1.00 10.38 ? 32  SER A CA    1 
ATOM   211  C  C     . SER A 1 44  ? 5.171   1.590   11.141  1.00 12.22 ? 32  SER A C     1 
ATOM   212  O  O     . SER A 1 44  ? 5.613   1.850   10.034  1.00 14.07 ? 32  SER A O     1 
ATOM   213  C  CB    . SER A 1 44  ? 6.974   2.675   12.417  1.00 13.23 ? 32  SER A CB    1 
ATOM   214  O  OG    . SER A 1 44  ? 7.674   2.681   13.633  1.00 18.75 ? 32  SER A OG    1 
ATOM   215  N  N     . VAL A 1 45  ? 3.896   1.463   11.417  1.00 10.93 ? 33  VAL A N     1 
ATOM   216  C  CA    . VAL A 1 45  ? 2.882   1.437   10.379  1.00 10.43 ? 33  VAL A CA    1 
ATOM   217  C  C     . VAL A 1 45  ? 1.898   2.571   10.544  1.00 11.13 ? 33  VAL A C     1 
ATOM   218  O  O     . VAL A 1 45  ? 1.326   2.752   11.627  1.00 11.27 ? 33  VAL A O     1 
ATOM   219  C  CB    . VAL A 1 45  ? 2.121   0.095   10.361  1.00 10.48 ? 33  VAL A CB    1 
ATOM   220  C  CG1   . VAL A 1 45  ? 1.120   0.044   9.228   1.00 14.58 ? 33  VAL A CG1   1 
ATOM   221  C  CG2   . VAL A 1 45  ? 3.092   -1.033  10.222  1.00 14.65 ? 33  VAL A CG2   1 
ATOM   222  N  N     . VAL A 1 46  ? 1.728   3.348   9.458   1.00 8.87  ? 34  VAL A N     1 
ATOM   223  C  CA    . VAL A 1 46  ? 0.631   4.344   9.347   1.00 9.21  ? 34  VAL A CA    1 
ATOM   224  C  C     . VAL A 1 46  ? -0.341  3.825   8.309   1.00 10.20 ? 34  VAL A C     1 
ATOM   225  O  O     . VAL A 1 46  ? 0.098   3.540   7.189   1.00 9.80  ? 34  VAL A O     1 
ATOM   226  C  CB    . VAL A 1 46  ? 1.192   5.703   8.938   1.00 10.07 ? 34  VAL A CB    1 
ATOM   227  C  CG1   . VAL A 1 46  ? 0.057   6.716   8.755   1.00 11.95 ? 34  VAL A CG1   1 
ATOM   228  C  CG2   . VAL A 1 46  ? 2.143   6.212   10.029  1.00 18.33 ? 34  VAL A CG2   1 
ATOM   229  N  N     . VAL A 1 47  ? -1.625  3.752   8.644   1.00 10.47 ? 35  VAL A N     1 
ATOM   230  C  CA    . VAL A 1 47  ? -2.649  3.255   7.705   1.00 10.74 ? 35  VAL A CA    1 
ATOM   231  C  C     . VAL A 1 47  ? -3.644  4.385   7.486   1.00 11.38 ? 35  VAL A C     1 
ATOM   232  O  O     . VAL A 1 47  ? -4.115  5.006   8.421   1.00 10.27 ? 35  VAL A O     1 
ATOM   233  C  CB    . VAL A 1 47  ? -3.417  2.051   8.256   1.00 12.63 ? 35  VAL A CB    1 
ATOM   234  C  CG1   . VAL A 1 47  ? -4.262  1.443   7.186   1.00 16.50 ? 35  VAL A CG1   1 
ATOM   235  C  CG2   . VAL A 1 47  ? -2.495  0.997   8.756   1.00 18.64 ? 35  VAL A CG2   1 
ATOM   236  N  N     . VAL A 1 48  ? -3.981  4.623   6.238   1.00 10.93 ? 36  VAL A N     1 
ATOM   237  C  CA    . VAL A 1 48  ? -4.804  5.744   5.825   1.00 11.73 ? 36  VAL A CA    1 
ATOM   238  C  C     . VAL A 1 48  ? -6.064  5.233   5.148   1.00 10.45 ? 36  VAL A C     1 
ATOM   239  O  O     . VAL A 1 48  ? -6.003  4.389   4.280   1.00 11.38 ? 36  VAL A O     1 
ATOM   240  C  CB    . VAL A 1 48  ? -4.042  6.665   4.865   1.00 12.65 ? 36  VAL A CB    1 
ATOM   241  C  CG1   . VAL A 1 48  ? -4.918  7.911   4.451   1.00 13.85 ? 36  VAL A CG1   1 
ATOM   242  C  CG2   . VAL A 1 48  ? -2.689  7.120   5.427   1.00 13.57 ? 36  VAL A CG2   1 
ATOM   243  N  N     . ASP A 1 49  ? -7.246  5.743   5.530   1.00 10.14 ? 37  ASP A N     1 
ATOM   244  C  CA    . ASP A 1 49  ? -8.497  5.398   4.820   1.00 10.68 ? 37  ASP A CA    1 
ATOM   245  C  C     . ASP A 1 49  ? -9.468  6.585   4.893   1.00 11.63 ? 37  ASP A C     1 
ATOM   246  O  O     . ASP A 1 49  ? -9.401  7.367   5.824   1.00 11.20 ? 37  ASP A O     1 
ATOM   247  C  CB    . ASP A 1 49  ? -9.121  4.107   5.366   1.00 12.76 ? 37  ASP A CB    1 
ATOM   248  C  CG    . ASP A 1 49  ? -10.006 3.403   4.330   1.00 13.81 ? 37  ASP A CG    1 
ATOM   249  O  OD1   . ASP A 1 49  ? -11.080 3.929   3.972   1.00 14.14 ? 37  ASP A OD1   1 
ATOM   250  O  OD2   . ASP A 1 49  ? -9.610  2.324   3.848   1.00 13.14 ? 37  ASP A OD2   1 
ATOM   251  N  N     . LYS A 1 50  ? -10.283 6.743   3.847   1.00 12.72 ? 38  LYS A N     1 
ATOM   252  C  CA    . LYS A 1 50  ? -11.288 7.809   3.809   1.00 14.11 ? 38  LYS A CA    1 
ATOM   253  C  C     . LYS A 1 50  ? -12.453 7.493   4.749   1.00 15.74 ? 38  LYS A C     1 
ATOM   254  O  O     . LYS A 1 50  ? -13.178 8.404   5.180   1.00 13.78 ? 38  LYS A O     1 
ATOM   255  C  CB    . LYS A 1 50  ? -11.760 8.075   2.387   1.00 18.02 ? 38  LYS A CB    1 
ATOM   256  C  CG    . LYS A 1 50  ? -12.479 6.919   1.724   1.00 19.85 ? 38  LYS A CG    1 
ATOM   257  C  CD    A LYS A 1 50  ? -13.086 7.442   0.405   0.60 24.01 ? 38  LYS A CD    1 
ATOM   258  C  CD    B LYS A 1 50  ? -13.132 7.304   0.404   0.40 24.84 ? 38  LYS A CD    1 
ATOM   259  C  CE    A LYS A 1 50  ? -13.673 6.357   -0.459  0.60 28.20 ? 38  LYS A CE    1 
ATOM   260  C  CE    B LYS A 1 50  ? -13.696 6.070   -0.286  0.40 28.64 ? 38  LYS A CE    1 
ATOM   261  N  NZ    A LYS A 1 50  ? -14.284 6.949   -1.693  0.60 20.77 ? 38  LYS A NZ    1 
ATOM   262  N  NZ    B LYS A 1 50  ? -14.498 5.198   0.629   0.40 27.72 ? 38  LYS A NZ    1 
ATOM   263  N  N     . ASN A 1 51  ? -12.614 6.200   5.040   1.00 13.86 ? 39  ASN A N     1 
ATOM   264  C  CA    . ASN A 1 51  ? -13.671 5.651   5.858   1.00 15.67 ? 39  ASN A CA    1 
ATOM   265  C  C     . ASN A 1 51  ? -13.134 5.152   7.186   1.00 14.33 ? 39  ASN A C     1 
ATOM   266  O  O     . ASN A 1 51  ? -12.414 4.132   7.206   1.00 14.08 ? 39  ASN A O     1 
ATOM   267  C  CB    . ASN A 1 51  ? -14.283 4.469   5.091   1.00 17.00 ? 39  ASN A CB    1 
ATOM   268  C  CG    . ASN A 1 51  ? -15.347 3.754   5.883   1.00 27.63 ? 39  ASN A CG    1 
ATOM   269  O  OD1   . ASN A 1 51  ? -15.884 4.313   6.837   1.00 19.53 ? 39  ASN A OD1   1 
ATOM   270  N  ND2   . ASN A 1 51  ? -15.644 2.483   5.500   1.00 32.01 ? 39  ASN A ND2   1 
ATOM   271  N  N     . GLU A 1 52  ? -13.426 5.859   8.280   1.00 13.31 ? 40  GLU A N     1 
ATOM   272  C  CA    . GLU A 1 52  ? -12.949 5.445   9.608   1.00 13.00 ? 40  GLU A CA    1 
ATOM   273  C  C     . GLU A 1 52  ? -13.370 4.033   9.999   1.00 13.99 ? 40  GLU A C     1 
ATOM   274  O  O     . GLU A 1 52  ? -12.684 3.374   10.761  1.00 15.03 ? 40  GLU A O     1 
ATOM   275  C  CB    . GLU A 1 52  ? -13.380 6.429   10.697  1.00 15.95 ? 40  GLU A CB    1 
ATOM   276  C  CG    . GLU A 1 52  ? -14.850 6.299   11.067  1.00 21.29 ? 40  GLU A CG    1 
ATOM   277  C  CD    . GLU A 1 52  ? -15.290 7.209   12.240  1.00 37.59 ? 40  GLU A CD    1 
ATOM   278  O  OE1   . GLU A 1 52  ? -14.903 8.397   12.283  1.00 34.55 ? 40  GLU A OE1   1 
ATOM   279  O  OE2   . GLU A 1 52  ? -16.046 6.730   13.121  1.00 50.89 ? 40  GLU A OE2   1 
ATOM   280  N  N     . TYR A 1 53  ? -14.530 3.573   9.491   1.00 11.18 ? 41  TYR A N     1 
ATOM   281  C  CA    . TYR A 1 53  ? -15.015 2.228   9.825   1.00 12.01 ? 41  TYR A CA    1 
ATOM   282  C  C     . TYR A 1 53  ? -14.090 1.108   9.274   1.00 11.65 ? 41  TYR A C     1 
ATOM   283  O  O     . TYR A 1 53  ? -14.027 0.014   9.830   1.00 11.99 ? 41  TYR A O     1 
ATOM   284  C  CB    . TYR A 1 53  ? -16.452 2.106   9.365   1.00 12.27 ? 41  TYR A CB    1 
ATOM   285  C  CG    . TYR A 1 53  ? -17.296 3.160   10.101  1.00 16.54 ? 41  TYR A CG    1 
ATOM   286  C  CD1   . TYR A 1 53  ? -17.520 3.040   11.474  1.00 22.82 ? 41  TYR A CD1   1 
ATOM   287  C  CD2   . TYR A 1 53  ? -17.794 4.315   9.459   1.00 16.96 ? 41  TYR A CD2   1 
ATOM   288  C  CE1   . TYR A 1 53  ? -18.277 3.997   12.186  1.00 24.65 ? 41  TYR A CE1   1 
ATOM   289  C  CE2   . TYR A 1 53  ? -18.579 5.284   10.180  1.00 22.99 ? 41  TYR A CE2   1 
ATOM   290  C  CZ    . TYR A 1 53  ? -18.808 5.109   11.539  1.00 17.05 ? 41  TYR A CZ    1 
ATOM   291  O  OH    . TYR A 1 53  ? -19.534 6.029   12.313  1.00 25.28 ? 41  TYR A OH    1 
ATOM   292  N  N     . ALA A 1 54  ? -13.317 1.417   8.239   1.00 11.45 ? 42  ALA A N     1 
ATOM   293  C  CA    . ALA A 1 54  ? -12.384 0.447   7.643   1.00 13.00 ? 42  ALA A CA    1 
ATOM   294  C  C     . ALA A 1 54  ? -11.376 -0.075  8.671   1.00 12.56 ? 42  ALA A C     1 
ATOM   295  O  O     . ALA A 1 54  ? -10.935 -1.226  8.611   1.00 13.46 ? 42  ALA A O     1 
ATOM   296  C  CB    . ALA A 1 54  ? -11.677 1.050   6.477   1.00 12.86 ? 42  ALA A CB    1 
ATOM   297  N  N     . PHE A 1 55  ? -11.024 0.766   9.644   1.00 11.84 ? 43  PHE A N     1 
ATOM   298  C  CA    . PHE A 1 55  ? -10.025 0.379   10.633  1.00 12.97 ? 43  PHE A CA    1 
ATOM   299  C  C     . PHE A 1 55  ? -10.453 -0.783  11.555  1.00 14.33 ? 43  PHE A C     1 
ATOM   300  O  O     . PHE A 1 55  ? -9.604  -1.357  12.239  1.00 14.86 ? 43  PHE A O     1 
ATOM   301  C  CB    . PHE A 1 55  ? -9.561  1.609   11.437  1.00 14.93 ? 43  PHE A CB    1 
ATOM   302  C  CG    . PHE A 1 55  ? -8.986  2.701   10.581  1.00 10.48 ? 43  PHE A CG    1 
ATOM   303  C  CD1   . PHE A 1 55  ? -7.981  2.441   9.671   1.00 13.89 ? 43  PHE A CD1   1 
ATOM   304  C  CD2   . PHE A 1 55  ? -9.390  4.021   10.702  1.00 14.62 ? 43  PHE A CD2   1 
ATOM   305  C  CE1   . PHE A 1 55  ? -7.449  3.450   8.868   1.00 18.24 ? 43  PHE A CE1   1 
ATOM   306  C  CE2   . PHE A 1 55  ? -8.814  5.015   9.881   1.00 14.82 ? 43  PHE A CE2   1 
ATOM   307  C  CZ    . PHE A 1 55  ? -7.897  4.718   8.976   1.00 16.97 ? 43  PHE A CZ    1 
ATOM   308  N  N     . HIS A 1 56  ? -11.736 -1.161  11.541  1.00 13.85 ? 44  HIS A N     1 
ATOM   309  C  CA    A HIS A 1 56  ? -12.136 -2.292  12.356  0.50 14.58 ? 44  HIS A CA    1 
ATOM   310  C  CA    B HIS A 1 56  ? -12.228 -2.335  12.265  0.50 14.20 ? 44  HIS A CA    1 
ATOM   311  C  C     . HIS A 1 56  ? -11.496 -3.587  11.846  1.00 13.90 ? 44  HIS A C     1 
ATOM   312  O  O     . HIS A 1 56  ? -11.480 -4.567  12.558  1.00 16.97 ? 44  HIS A O     1 
ATOM   313  C  CB    A HIS A 1 56  ? -13.662 -2.408  12.441  0.50 13.68 ? 44  HIS A CB    1 
ATOM   314  C  CB    B HIS A 1 56  ? -13.749 -2.544  12.050  0.50 13.80 ? 44  HIS A CB    1 
ATOM   315  C  CG    A HIS A 1 56  ? -14.301 -1.401  13.354  0.50 21.38 ? 44  HIS A CG    1 
ATOM   316  C  CG    B HIS A 1 56  ? -14.120 -3.226  10.753  0.50 15.04 ? 44  HIS A CG    1 
ATOM   317  N  ND1   A HIS A 1 56  ? -14.825 -0.206  12.906  0.50 27.94 ? 44  HIS A ND1   1 
ATOM   318  N  ND1   B HIS A 1 56  ? -14.185 -2.562  9.544   0.50 20.88 ? 44  HIS A ND1   1 
ATOM   319  C  CD2   A HIS A 1 56  ? -14.507 -1.419  14.692  0.50 24.74 ? 44  HIS A CD2   1 
ATOM   320  C  CD2   B HIS A 1 56  ? -14.482 -4.509  10.491  0.50 17.14 ? 44  HIS A CD2   1 
ATOM   321  C  CE1   A HIS A 1 56  ? -15.332 0.464   13.925  0.50 18.26 ? 44  HIS A CE1   1 
ATOM   322  C  CE1   B HIS A 1 56  ? -14.551 -3.404  8.594   0.50 15.64 ? 44  HIS A CE1   1 
ATOM   323  N  NE2   A HIS A 1 56  ? -15.149 -0.249  15.020  0.50 23.13 ? 44  HIS A NE2   1 
ATOM   324  N  NE2   B HIS A 1 56  ? -14.741 -4.593  9.140   0.50 12.38 ? 44  HIS A NE2   1 
ATOM   325  N  N     . ARG A 1 57  ? -10.946 -3.570  10.634  1.00 13.58 ? 45  ARG A N     1 
ATOM   326  C  CA    . ARG A 1 57  ? -10.175 -4.737  10.101  1.00 13.68 ? 45  ARG A CA    1 
ATOM   327  C  C     . ARG A 1 57  ? -8.777  -4.926  10.735  1.00 15.46 ? 45  ARG A C     1 
ATOM   328  O  O     . ARG A 1 57  ? -8.183  -5.993  10.605  1.00 13.41 ? 45  ARG A O     1 
ATOM   329  C  CB    A ARG A 1 57  ? -10.041 -4.632  8.586   0.50 13.07 ? 45  ARG A CB    1 
ATOM   330  C  CB    B ARG A 1 57  ? -9.997  -4.635  8.596   0.50 13.64 ? 45  ARG A CB    1 
ATOM   331  C  CG    A ARG A 1 57  ? -11.367 -4.606  7.835   0.50 15.10 ? 45  ARG A CG    1 
ATOM   332  C  CG    B ARG A 1 57  ? -11.210 -5.010  7.817   0.50 19.18 ? 45  ARG A CG    1 
ATOM   333  C  CD    A ARG A 1 57  ? -11.109 -4.543  6.323   0.50 16.90 ? 45  ARG A CD    1 
ATOM   334  C  CD    B ARG A 1 57  ? -10.880 -5.046  6.331   0.50 21.10 ? 45  ARG A CD    1 
ATOM   335  N  NE    A ARG A 1 57  ? -12.336 -4.559  5.521   0.50 21.27 ? 45  ARG A NE    1 
ATOM   336  N  NE    B ARG A 1 57  ? -12.096 -4.933  5.534   0.50 24.12 ? 45  ARG A NE    1 
ATOM   337  C  CZ    A ARG A 1 57  ? -13.004 -5.656  5.162   0.50 14.56 ? 45  ARG A CZ    1 
ATOM   338  C  CZ    B ARG A 1 57  ? -12.769 -3.802  5.329   0.50 23.22 ? 45  ARG A CZ    1 
ATOM   339  N  NH1   A ARG A 1 57  ? -12.593 -6.869  5.527   0.50 17.51 ? 45  ARG A NH1   1 
ATOM   340  N  NH1   B ARG A 1 57  ? -12.347 -2.644  5.837   0.50 15.09 ? 45  ARG A NH1   1 
ATOM   341  N  NH2   A ARG A 1 57  ? -14.105 -5.547  4.426   0.50 26.36 ? 45  ARG A NH2   1 
ATOM   342  N  NH2   B ARG A 1 57  ? -13.866 -3.835  4.592   0.50 25.52 ? 45  ARG A NH2   1 
ATOM   343  N  N     . LEU A 1 58  ? -8.280  -3.919  11.454  1.00 13.79 ? 46  LEU A N     1 
ATOM   344  C  CA    . LEU A 1 58  ? -6.964  -4.031  12.096  1.00 13.67 ? 46  LEU A CA    1 
ATOM   345  C  C     . LEU A 1 58  ? -7.155  -4.885  13.342  1.00 14.75 ? 46  LEU A C     1 
ATOM   346  O  O     . LEU A 1 58  ? -8.178  -4.747  14.035  1.00 15.24 ? 46  LEU A O     1 
ATOM   347  C  CB    . LEU A 1 58  ? -6.433  -2.656  12.467  1.00 12.21 ? 46  LEU A CB    1 
ATOM   348  C  CG    . LEU A 1 58  ? -6.208  -1.763  11.251  1.00 14.56 ? 46  LEU A CG    1 
ATOM   349  C  CD1   . LEU A 1 58  ? -5.887  -0.367  11.737  1.00 16.74 ? 46  LEU A CD1   1 
ATOM   350  C  CD2   . LEU A 1 58  ? -5.072  -2.350  10.395  1.00 15.11 ? 46  LEU A CD2   1 
ATOM   351  N  N     . ASN A 1 59  ? -6.238  -5.788  13.643  1.00 12.92 ? 47  ASN A N     1 
ATOM   352  C  CA    . ASN A 1 59  ? -6.499  -6.702  14.757  1.00 14.95 ? 47  ASN A CA    1 
ATOM   353  C  C     . ASN A 1 59  ? -6.141  -6.089  16.114  1.00 15.08 ? 47  ASN A C     1 
ATOM   354  O  O     . ASN A 1 59  ? -5.603  -4.980  16.182  1.00 14.77 ? 47  ASN A O     1 
ATOM   355  C  CB    . ASN A 1 59  ? -5.874  -8.084  14.493  1.00 16.41 ? 47  ASN A CB    1 
ATOM   356  C  CG    . ASN A 1 59  ? -4.381  -8.054  14.304  1.00 18.11 ? 47  ASN A CG    1 
ATOM   357  O  OD1   . ASN A 1 59  ? -3.683  -7.219  14.889  1.00 23.17 ? 47  ASN A OD1   1 
ATOM   358  N  ND2   . ASN A 1 59  ? -3.857  -9.008  13.487  1.00 16.91 ? 47  ASN A ND2   1 
ATOM   359  N  N     . SER A 1 60  ? -6.472  -6.792  17.207  1.00 14.51 ? 48  SER A N     1 
ATOM   360  C  CA    A SER A 1 60  ? -6.252  -6.269  18.558  0.67 17.13 ? 48  SER A CA    1 
ATOM   361  C  CA    B SER A 1 60  ? -6.255  -6.241  18.545  0.33 17.08 ? 48  SER A CA    1 
ATOM   362  C  C     . SER A 1 60  ? -4.774  -5.998  18.823  1.00 17.03 ? 48  SER A C     1 
ATOM   363  O  O     . SER A 1 60  ? -4.422  -5.144  19.626  1.00 22.87 ? 48  SER A O     1 
ATOM   364  C  CB    A SER A 1 60  ? -6.781  -7.260  19.605  0.67 17.71 ? 48  SER A CB    1 
ATOM   365  C  CB    B SER A 1 60  ? -6.847  -7.161  19.615  0.33 17.30 ? 48  SER A CB    1 
ATOM   366  O  OG    A SER A 1 60  ? -6.178  -8.539  19.440  0.67 17.40 ? 48  SER A OG    1 
ATOM   367  O  OG    B SER A 1 60  ? -8.228  -7.371  19.386  0.33 19.40 ? 48  SER A OG    1 
ATOM   368  N  N     . GLU A 1 61  ? -3.899  -6.728  18.151  1.00 18.68 ? 49  GLU A N     1 
ATOM   369  C  CA    . GLU A 1 61  ? -2.475  -6.564  18.367  1.00 17.82 ? 49  GLU A CA    1 
ATOM   370  C  C     . GLU A 1 61  ? -1.854  -5.391  17.560  1.00 17.14 ? 49  GLU A C     1 
ATOM   371  O  O     . GLU A 1 61  ? -0.718  -5.017  17.822  1.00 16.84 ? 49  GLU A O     1 
ATOM   372  C  CB    . GLU A 1 61  ? -1.764  -7.869  18.001  1.00 20.62 ? 49  GLU A CB    1 
ATOM   373  C  CG    . GLU A 1 61  ? -2.303  -9.124  18.763  1.00 22.98 ? 49  GLU A CG    1 
ATOM   374  N  N     . PHE A 1 62  ? -2.589  -4.819  16.600  1.00 16.10 ? 50  PHE A N     1 
ATOM   375  C  CA    . PHE A 1 62  ? -2.040  -3.779  15.731  1.00 12.88 ? 50  PHE A CA    1 
ATOM   376  C  C     . PHE A 1 62  ? -1.524  -2.608  16.569  1.00 12.21 ? 50  PHE A C     1 
ATOM   377  O  O     . PHE A 1 62  ? -2.245  -2.107  17.457  1.00 15.53 ? 50  PHE A O     1 
ATOM   378  C  CB    . PHE A 1 62  ? -3.090  -3.279  14.741  1.00 12.75 ? 50  PHE A CB    1 
ATOM   379  C  CG    . PHE A 1 62  ? -2.579  -2.204  13.840  1.00 14.29 ? 50  PHE A CG    1 
ATOM   380  C  CD1   . PHE A 1 62  ? -1.787  -2.524  12.760  1.00 11.80 ? 50  PHE A CD1   1 
ATOM   381  C  CD2   . PHE A 1 62  ? -2.849  -0.880  14.089  1.00 13.54 ? 50  PHE A CD2   1 
ATOM   382  C  CE1   . PHE A 1 62  ? -1.256  -1.526  11.931  1.00 11.63 ? 50  PHE A CE1   1 
ATOM   383  C  CE2   . PHE A 1 62  ? -2.360  0.104   13.234  1.00 13.85 ? 50  PHE A CE2   1 
ATOM   384  C  CZ    . PHE A 1 62  ? -1.579  -0.228  12.163  1.00 11.68 ? 50  PHE A CZ    1 
ATOM   385  N  N     A SER A 1 63  ? -0.241  -2.295  16.355  0.50 12.58 ? 51  SER A N     1 
ATOM   386  N  N     B SER A 1 63  ? -0.331  -2.103  16.259  0.50 10.27 ? 51  SER A N     1 
ATOM   387  C  CA    A SER A 1 63  ? 0.430   -1.120  16.890  0.50 14.73 ? 51  SER A CA    1 
ATOM   388  C  CA    B SER A 1 63  ? 0.317   -1.139  17.147  0.50 12.16 ? 51  SER A CA    1 
ATOM   389  C  C     A SER A 1 63  ? 0.770   -0.277  15.683  0.50 15.70 ? 51  SER A C     1 
ATOM   390  C  C     B SER A 1 63  ? 0.621   0.223   16.533  0.50 11.78 ? 51  SER A C     1 
ATOM   391  O  O     A SER A 1 63  ? 1.242   -0.779  14.683  0.50 18.42 ? 51  SER A O     1 
ATOM   392  O  O     B SER A 1 63  ? 1.251   1.040   17.197  0.50 11.54 ? 51  SER A O     1 
ATOM   393  C  CB    A SER A 1 63  ? 1.728   -1.519  17.612  0.50 15.11 ? 51  SER A CB    1 
ATOM   394  C  CB    B SER A 1 63  ? 1.608   -1.764  17.703  0.50 11.72 ? 51  SER A CB    1 
ATOM   395  O  OG    A SER A 1 63  ? 2.469   -0.368  18.029  0.50 18.80 ? 51  SER A OG    1 
ATOM   396  O  OG    B SER A 1 63  ? 2.571   -1.923  16.685  0.50 19.59 ? 51  SER A OG    1 
ATOM   397  N  N     A GLY A 1 64  ? 0.504   1.008   15.775  0.50 15.60 ? 52  GLY A N     1 
ATOM   398  N  N     B GLY A 1 64  ? 0.212   0.454   15.279  0.50 10.70 ? 52  GLY A N     1 
ATOM   399  C  CA    A GLY A 1 64  ? 0.651   1.847   14.619  0.50 14.41 ? 52  GLY A CA    1 
ATOM   400  C  CA    B GLY A 1 64  ? 0.549   1.708   14.559  0.50 12.79 ? 52  GLY A CA    1 
ATOM   401  C  C     . GLY A 1 64  ? -0.440  2.864   14.695  1.00 13.50 ? 52  GLY A C     1 
ATOM   402  O  O     . GLY A 1 64  ? -1.182  2.927   15.694  1.00 15.53 ? 52  GLY A O     1 
ATOM   403  N  N     . PHE A 1 65  ? -0.471  3.725   13.696  1.00 11.43 ? 53  PHE A N     1 
ATOM   404  C  CA    . PHE A 1 65  ? -1.297  4.904   13.715  1.00 10.62 ? 53  PHE A CA    1 
ATOM   405  C  C     . PHE A 1 65  ? -2.275  4.876   12.541  1.00 12.82 ? 53  PHE A C     1 
ATOM   406  O  O     . PHE A 1 65  ? -1.958  4.359   11.477  1.00 15.20 ? 53  PHE A O     1 
ATOM   407  C  CB    . PHE A 1 65  ? -0.476  6.177   13.601  1.00 13.35 ? 53  PHE A CB    1 
ATOM   408  C  CG    . PHE A 1 65  ? 0.440   6.449   14.795  1.00 16.88 ? 53  PHE A CG    1 
ATOM   409  C  CD1   . PHE A 1 65  ? -0.028  7.073   15.925  1.00 19.85 ? 53  PHE A CD1   1 
ATOM   410  C  CD2   . PHE A 1 65  ? 1.776   6.043   14.748  1.00 21.39 ? 53  PHE A CD2   1 
ATOM   411  C  CE1   . PHE A 1 65  ? 0.815   7.332   17.019  1.00 14.06 ? 53  PHE A CE1   1 
ATOM   412  C  CE2   . PHE A 1 65  ? 2.626   6.282   15.863  1.00 22.02 ? 53  PHE A CE2   1 
ATOM   413  C  CZ    . PHE A 1 65  ? 2.117   6.926   16.969  1.00 18.35 ? 53  PHE A CZ    1 
ATOM   414  N  N     . THR A 1 66  ? -3.469  5.457   12.740  1.00 11.31 ? 54  THR A N     1 
ATOM   415  C  CA    . THR A 1 66  ? -4.467  5.569   11.665  1.00 14.23 ? 54  THR A CA    1 
ATOM   416  C  C     . THR A 1 66  ? -4.624  7.037   11.273  1.00 16.44 ? 54  THR A C     1 
ATOM   417  O  O     . THR A 1 66  ? -4.439  7.973   12.076  1.00 19.06 ? 54  THR A O     1 
ATOM   418  C  CB    . THR A 1 66  ? -5.813  5.041   12.107  1.00 19.51 ? 54  THR A CB    1 
ATOM   419  O  OG1   . THR A 1 66  ? -6.183  5.707   13.309  1.00 21.48 ? 54  THR A OG1   1 
ATOM   420  C  CG2   . THR A 1 66  ? -5.740  3.569   12.367  1.00 19.19 ? 54  THR A CG2   1 
ATOM   421  N  N     . VAL A 1 67  ? -4.936  7.269   10.020  1.00 13.87 ? 55  VAL A N     1 
ATOM   422  C  CA    . VAL A 1 67  ? -5.190  8.615   9.514   1.00 13.36 ? 55  VAL A CA    1 
ATOM   423  C  C     . VAL A 1 67  ? -6.458  8.530   8.684   1.00 11.02 ? 55  VAL A C     1 
ATOM   424  O  O     . VAL A 1 67  ? -6.534  7.758   7.729   1.00 11.61 ? 55  VAL A O     1 
ATOM   425  C  CB    . VAL A 1 67  ? -4.055  9.117   8.644   1.00 16.12 ? 55  VAL A CB    1 
ATOM   426  C  CG1   . VAL A 1 67  ? -4.405  10.430  7.933   1.00 17.53 ? 55  VAL A CG1   1 
ATOM   427  C  CG2   . VAL A 1 67  ? -2.760  9.223   9.476   1.00 18.90 ? 55  VAL A CG2   1 
ATOM   428  N  N     . VAL A 1 68  ? -7.467  9.339   9.043   1.00 11.06 ? 56  VAL A N     1 
ATOM   429  C  CA    . VAL A 1 68  ? -8.685  9.427   8.236   1.00 13.63 ? 56  VAL A CA    1 
ATOM   430  C  C     . VAL A 1 68  ? -8.495  10.555  7.233   1.00 12.07 ? 56  VAL A C     1 
ATOM   431  O  O     . VAL A 1 68  ? -8.273  11.688  7.623   1.00 16.92 ? 56  VAL A O     1 
ATOM   432  C  CB    . VAL A 1 68  ? -9.985  9.671   9.062   1.00 15.53 ? 56  VAL A CB    1 
ATOM   433  C  CG1   . VAL A 1 68  ? -11.153 9.671   8.136   1.00 12.86 ? 56  VAL A CG1   1 
ATOM   434  C  CG2   . VAL A 1 68  ? -10.198 8.575   10.067  1.00 18.88 ? 56  VAL A CG2   1 
ATOM   435  N  N     . GLY A 1 69  ? -8.628  10.244  5.955   1.00 12.00 ? 57  GLY A N     1 
ATOM   436  C  CA    . GLY A 1 69  ? -8.598  11.250  4.916   1.00 14.32 ? 57  GLY A CA    1 
ATOM   437  C  C     . GLY A 1 69  ? -8.687  10.658  3.522   1.00 14.23 ? 57  GLY A C     1 
ATOM   438  O  O     . GLY A 1 69  ? -8.479  9.456   3.317   1.00 14.74 ? 57  GLY A O     1 
ATOM   439  N  N     . ASP A 1 70  ? -9.021  11.512  2.582   1.00 15.01 ? 58  ASP A N     1 
ATOM   440  C  CA    . ASP A 1 70  ? -9.127  11.154  1.189   1.00 12.84 ? 58  ASP A CA    1 
ATOM   441  C  C     . ASP A 1 70  ? -7.733  11.261  0.599   1.00 11.46 ? 58  ASP A C     1 
ATOM   442  O  O     . ASP A 1 70  ? -7.159  12.363  0.502   1.00 12.12 ? 58  ASP A O     1 
ATOM   443  C  CB    . ASP A 1 70  ? -10.063 12.153  0.529   1.00 12.89 ? 58  ASP A CB    1 
ATOM   444  C  CG    . ASP A 1 70  ? -10.248 11.929  -0.938  1.00 17.77 ? 58  ASP A CG    1 
ATOM   445  O  OD1   . ASP A 1 70  ? -9.619  11.048  -1.537  1.00 13.41 ? 58  ASP A OD1   1 
ATOM   446  O  OD2   . ASP A 1 70  ? -11.065 12.687  -1.527  1.00 22.71 ? 58  ASP A OD2   1 
ATOM   447  N  N     . ALA A 1 71  ? -7.198  10.106  0.199   1.00 12.97 ? 59  ALA A N     1 
ATOM   448  C  CA    . ALA A 1 71  ? -5.826  10.050  -0.291  1.00 10.86 ? 59  ALA A CA    1 
ATOM   449  C  C     . ALA A 1 71  ? -5.682  10.669  -1.692  1.00 12.71 ? 59  ALA A C     1 
ATOM   450  O  O     . ALA A 1 71  ? -4.540  10.811  -2.197  1.00 13.97 ? 59  ALA A O     1 
ATOM   451  C  CB    . ALA A 1 71  ? -5.368  8.625   -0.301  1.00 14.48 ? 59  ALA A CB    1 
ATOM   452  N  N     . ALA A 1 72  ? -6.793  11.060  -2.344  1.00 12.76 ? 60  ALA A N     1 
ATOM   453  C  CA    . ALA A 1 72  ? -6.688  11.825  -3.568  1.00 13.16 ? 60  ALA A CA    1 
ATOM   454  C  C     . ALA A 1 72  ? -6.459  13.336  -3.319  1.00 12.13 ? 60  ALA A C     1 
ATOM   455  O  O     . ALA A 1 72  ? -6.305  14.111  -4.262  1.00 15.48 ? 60  ALA A O     1 
ATOM   456  C  CB    . ALA A 1 72  ? -7.925  11.589  -4.456  1.00 15.17 ? 60  ALA A CB    1 
ATOM   457  N  N     . GLU A 1 73  ? -6.371  13.750  -2.063  1.00 14.07 ? 61  GLU A N     1 
ATOM   458  C  CA    . GLU A 1 73  ? -6.049  15.111  -1.674  1.00 15.16 ? 61  GLU A CA    1 
ATOM   459  C  C     . GLU A 1 73  ? -4.600  15.206  -1.142  1.00 15.64 ? 61  GLU A C     1 
ATOM   460  O  O     . GLU A 1 73  ? -4.196  14.421  -0.253  1.00 13.49 ? 61  GLU A O     1 
ATOM   461  C  CB    A GLU A 1 73  ? -7.023  15.591  -0.591  0.67 16.80 ? 61  GLU A CB    1 
ATOM   462  C  CB    B GLU A 1 73  ? -7.008  15.593  -0.587  0.33 15.60 ? 61  GLU A CB    1 
ATOM   463  C  CG    A GLU A 1 73  ? -8.490  15.542  -1.031  0.67 20.77 ? 61  GLU A CG    1 
ATOM   464  C  CG    B GLU A 1 73  ? -8.451  15.741  -1.055  0.33 15.49 ? 61  GLU A CG    1 
ATOM   465  C  CD    A GLU A 1 73  ? -9.475  16.084  0.017   0.67 31.79 ? 61  GLU A CD    1 
ATOM   466  C  CD    B GLU A 1 73  ? -8.687  16.967  -1.923  0.33 20.58 ? 61  GLU A CD    1 
ATOM   467  O  OE1   A GLU A 1 73  ? -9.029  16.628  1.057   0.67 32.89 ? 61  GLU A OE1   1 
ATOM   468  O  OE1   B GLU A 1 73  ? -7.866  17.910  -1.874  0.33 22.04 ? 61  GLU A OE1   1 
ATOM   469  O  OE2   A GLU A 1 73  ? -10.706 15.960  -0.214  0.67 37.11 ? 61  GLU A OE2   1 
ATOM   470  O  OE2   B GLU A 1 73  ? -9.699  16.984  -2.653  0.33 24.67 ? 61  GLU A OE2   1 
ATOM   471  N  N     . PHE A 1 74  ? -3.833  16.165  -1.656  1.00 14.22 ? 62  PHE A N     1 
ATOM   472  C  CA    . PHE A 1 74  ? -2.453  16.322  -1.260  1.00 13.22 ? 62  PHE A CA    1 
ATOM   473  C  C     . PHE A 1 74  ? -2.333  16.554  0.235   1.00 13.74 ? 62  PHE A C     1 
ATOM   474  O  O     . PHE A 1 74  ? -1.439  16.022  0.885   1.00 16.08 ? 62  PHE A O     1 
ATOM   475  C  CB    . PHE A 1 74  ? -1.788  17.468  -2.013  1.00 12.83 ? 62  PHE A CB    1 
ATOM   476  C  CG    . PHE A 1 74  ? -0.330  17.578  -1.731  1.00 16.22 ? 62  PHE A CG    1 
ATOM   477  C  CD1   . PHE A 1 74  ? 0.560   16.647  -2.296  1.00 17.40 ? 62  PHE A CD1   1 
ATOM   478  C  CD2   . PHE A 1 74  ? 0.186   18.537  -0.857  1.00 14.28 ? 62  PHE A CD2   1 
ATOM   479  C  CE1   . PHE A 1 74  ? 1.898   16.672  -2.021  1.00 19.63 ? 62  PHE A CE1   1 
ATOM   480  C  CE2   . PHE A 1 74  ? 1.539   18.592  -0.583  1.00 19.85 ? 62  PHE A CE2   1 
ATOM   481  C  CZ    . PHE A 1 74  ? 2.406   17.641  -1.149  1.00 17.44 ? 62  PHE A CZ    1 
ATOM   482  N  N     . GLU A 1 75  ? -3.246  17.324  0.804   1.00 15.73 ? 63  GLU A N     1 
ATOM   483  C  CA    . GLU A 1 75  ? -3.156  17.545  2.246   1.00 16.05 ? 63  GLU A CA    1 
ATOM   484  C  C     . GLU A 1 75  ? -3.176  16.230  3.042   1.00 17.58 ? 63  GLU A C     1 
ATOM   485  O  O     . GLU A 1 75  ? -2.518  16.117  4.067   1.00 18.08 ? 63  GLU A O     1 
ATOM   486  C  CB    . GLU A 1 75  ? -4.238  18.490  2.717   1.00 17.77 ? 63  GLU A CB    1 
ATOM   487  C  CG    . GLU A 1 75  ? -3.987  19.910  2.252   1.00 33.09 ? 63  GLU A CG    1 
ATOM   488  C  CD    . GLU A 1 75  ? -2.767  20.552  2.927   1.00 50.55 ? 63  GLU A CD    1 
ATOM   489  O  OE1   . GLU A 1 75  ? -2.734  20.606  4.185   1.00 53.28 ? 63  GLU A OE1   1 
ATOM   490  O  OE2   . GLU A 1 75  ? -1.843  20.996  2.192   1.00 57.64 ? 63  GLU A OE2   1 
ATOM   491  N  N     . THR A 1 76  ? -3.892  15.210  2.573   1.00 14.45 ? 64  THR A N     1 
ATOM   492  C  CA    . THR A 1 76  ? -3.858  13.957  3.293   1.00 12.09 ? 64  THR A CA    1 
ATOM   493  C  C     . THR A 1 76  ? -2.450  13.325  3.228   1.00 12.38 ? 64  THR A C     1 
ATOM   494  O  O     . THR A 1 76  ? -1.924  12.755  4.213   1.00 13.95 ? 64  THR A O     1 
ATOM   495  C  CB    . THR A 1 76  ? -4.934  12.958  2.716   1.00 10.91 ? 64  THR A CB    1 
ATOM   496  O  OG1   . THR A 1 76  ? -6.237  13.524  2.810   1.00 12.47 ? 64  THR A OG1   1 
ATOM   497  C  CG2   . THR A 1 76  ? -4.923  11.657  3.438   1.00 14.39 ? 64  THR A CG2   1 
ATOM   498  N  N     . LEU A 1 77  ? -1.850  13.349  2.039   1.00 14.27 ? 65  LEU A N     1 
ATOM   499  C  CA    . LEU A 1 77  ? -0.515  12.800  1.852   1.00 14.80 ? 65  LEU A CA    1 
ATOM   500  C  C     . LEU A 1 77  ? 0.507   13.479  2.725   1.00 15.48 ? 65  LEU A C     1 
ATOM   501  O  O     . LEU A 1 77  ? 1.476   12.846  3.159   1.00 18.26 ? 65  LEU A O     1 
ATOM   502  C  CB    . LEU A 1 77  ? -0.106  12.932  0.398   1.00 15.22 ? 65  LEU A CB    1 
ATOM   503  C  CG    . LEU A 1 77  ? -1.036  12.311  -0.649  1.00 13.11 ? 65  LEU A CG    1 
ATOM   504  C  CD1   . LEU A 1 77  ? -0.361  12.300  -2.007  1.00 16.80 ? 65  LEU A CD1   1 
ATOM   505  C  CD2   . LEU A 1 77  ? -1.391  10.913  -0.305  1.00 14.23 ? 65  LEU A CD2   1 
ATOM   506  N  N     . LYS A 1 78  ? 0.327   14.749  2.979   1.00 13.72 ? 66  LYS A N     1 
ATOM   507  C  CA    . LYS A 1 78  ? 1.246   15.494  3.849   1.00 16.05 ? 66  LYS A CA    1 
ATOM   508  C  C     . LYS A 1 78  ? 1.176   15.094  5.317   1.00 15.75 ? 66  LYS A C     1 
ATOM   509  O  O     . LYS A 1 78  ? 2.097   15.357  6.090   1.00 22.20 ? 66  LYS A O     1 
ATOM   510  C  CB    . LYS A 1 78  ? 0.963   16.995  3.768   1.00 17.70 ? 66  LYS A CB    1 
ATOM   511  C  CG    . LYS A 1 78  ? 1.538   17.660  2.602   1.00 23.63 ? 66  LYS A CG    1 
ATOM   512  C  CD    . LYS A 1 78  ? 1.404   19.181  2.753   1.00 27.67 ? 66  LYS A CD    1 
ATOM   513  N  N     . GLU A 1 79  ? 0.069   14.505  5.731   1.00 13.13 ? 67  GLU A N     1 
ATOM   514  C  CA    . GLU A 1 79  ? -0.158  14.166  7.130   1.00 12.12 ? 67  GLU A CA    1 
ATOM   515  C  C     . GLU A 1 79  ? 0.403   12.813  7.533   1.00 14.84 ? 67  GLU A C     1 
ATOM   516  O  O     . GLU A 1 79  ? 0.212   12.375  8.659   1.00 20.52 ? 67  GLU A O     1 
ATOM   517  C  CB    . GLU A 1 79  ? -1.630  14.217  7.449   1.00 16.63 ? 67  GLU A CB    1 
ATOM   518  C  CG    . GLU A 1 79  ? -2.162  15.615  7.324   1.00 20.75 ? 67  GLU A CG    1 
ATOM   519  C  CD    . GLU A 1 79  ? -3.592  15.742  7.743   1.00 37.29 ? 67  GLU A CD    1 
ATOM   520  O  OE1   . GLU A 1 79  ? -4.344  14.742  7.609   1.00 41.39 ? 67  GLU A OE1   1 
ATOM   521  O  OE2   . GLU A 1 79  ? -3.955  16.854  8.203   1.00 51.71 ? 67  GLU A OE2   1 
ATOM   522  N  N     . CYS A 1 80  ? 1.098   12.128  6.628   1.00 16.58 ? 68  CYS A N     1 
ATOM   523  C  CA    A CYS A 1 80  ? 1.607   10.767  6.828   0.70 19.71 ? 68  CYS A CA    1 
ATOM   524  C  CA    B CYS A 1 80  ? 1.583   10.801  7.047   0.30 18.61 ? 68  CYS A CA    1 
ATOM   525  C  C     . CYS A 1 80  ? 3.093   10.657  7.113   1.00 19.51 ? 68  CYS A C     1 
ATOM   526  O  O     . CYS A 1 80  ? 3.587   9.558   7.368   1.00 19.63 ? 68  CYS A O     1 
ATOM   527  C  CB    A CYS A 1 80  ? 1.322   9.978   5.552   0.70 21.06 ? 68  CYS A CB    1 
ATOM   528  C  CB    B CYS A 1 80  ? 0.959   9.709   6.198   0.30 19.85 ? 68  CYS A CB    1 
ATOM   529  S  SG    A CYS A 1 80  ? -0.426  9.764   5.262   0.70 20.92 ? 68  CYS A SG    1 
ATOM   530  S  SG    B CYS A 1 80  ? 1.408   9.867   4.507   0.30 15.99 ? 68  CYS A SG    1 
ATOM   531  N  N     . GLY A 1 81  ? 3.818   11.760  6.992   1.00 20.30 ? 69  GLY A N     1 
ATOM   532  C  CA    . GLY A 1 81  ? 5.267   11.740  7.180   1.00 20.87 ? 69  GLY A CA    1 
ATOM   533  C  C     . GLY A 1 81  ? 5.920   10.889  6.103   1.00 17.85 ? 69  GLY A C     1 
ATOM   534  O  O     . GLY A 1 81  ? 6.899   10.181  6.352   1.00 18.07 ? 69  GLY A O     1 
ATOM   535  N  N     . MET A 1 82  ? 5.411   10.989  4.877   1.00 18.64 ? 70  MET A N     1 
ATOM   536  C  CA    A MET A 1 82  ? 5.874   10.077  3.834   0.70 15.51 ? 70  MET A CA    1 
ATOM   537  C  CA    B MET A 1 82  ? 5.854   10.112  3.805   0.30 15.75 ? 70  MET A CA    1 
ATOM   538  C  C     . MET A 1 82  ? 7.338   10.258  3.460   1.00 15.71 ? 70  MET A C     1 
ATOM   539  O  O     . MET A 1 82  ? 7.977   9.311   2.999   1.00 17.12 ? 70  MET A O     1 
ATOM   540  C  CB    A MET A 1 82  ? 5.016   10.136  2.565   0.70 19.41 ? 70  MET A CB    1 
ATOM   541  C  CB    B MET A 1 82  ? 5.011   10.362  2.563   0.30 17.60 ? 70  MET A CB    1 
ATOM   542  C  CG    A MET A 1 82  ? 3.805   9.214   2.574   0.70 21.53 ? 70  MET A CG    1 
ATOM   543  C  CG    B MET A 1 82  ? 4.890   9.158   1.663   0.30 11.36 ? 70  MET A CG    1 
ATOM   544  S  SD    A MET A 1 82  ? 3.270   8.794   0.918   0.70 19.55 ? 70  MET A SD    1 
ATOM   545  S  SD    B MET A 1 82  ? 3.782   9.426   0.238   0.30 15.58 ? 70  MET A SD    1 
ATOM   546  C  CE    A MET A 1 82  ? 2.463   10.302  0.434   0.70 23.99 ? 70  MET A CE    1 
ATOM   547  C  CE    B MET A 1 82  ? 2.378   10.163  1.120   0.30 2.00  ? 70  MET A CE    1 
ATOM   548  N  N     . GLU A 1 83  ? 7.912   11.436  3.693   1.00 14.91 ? 71  GLU A N     1 
ATOM   549  C  CA    . GLU A 1 83  ? 9.355   11.583  3.397   1.00 14.34 ? 71  GLU A CA    1 
ATOM   550  C  C     . GLU A 1 83  ? 10.227  10.774  4.330   1.00 12.00 ? 71  GLU A C     1 
ATOM   551  O  O     . GLU A 1 83  ? 11.416  10.570  4.059   1.00 13.51 ? 71  GLU A O     1 
ATOM   552  C  CB    . GLU A 1 83  ? 9.793   13.029  3.376   1.00 14.77 ? 71  GLU A CB    1 
ATOM   553  C  CG    . GLU A 1 83  ? 9.903   13.701  4.704   1.00 14.29 ? 71  GLU A CG    1 
ATOM   554  C  CD    . GLU A 1 83  ? 8.557   14.101  5.346   1.00 20.66 ? 71  GLU A CD    1 
ATOM   555  O  OE1   . GLU A 1 83  ? 7.453   13.830  4.793   1.00 18.67 ? 71  GLU A OE1   1 
ATOM   556  O  OE2   . GLU A 1 83  ? 8.651   14.762  6.418   1.00 24.81 ? 71  GLU A OE2   1 
ATOM   557  N  N     . LYS A 1 84  ? 9.652   10.303  5.436   1.00 12.70 ? 72  LYS A N     1 
ATOM   558  C  CA    . LYS A 1 84  ? 10.336  9.389   6.336   1.00 10.51 ? 72  LYS A CA    1 
ATOM   559  C  C     . LYS A 1 84  ? 10.129  7.911   6.011   1.00 9.49  ? 72  LYS A C     1 
ATOM   560  O  O     . LYS A 1 84  ? 10.761  7.075   6.628   1.00 12.75 ? 72  LYS A O     1 
ATOM   561  C  CB    . LYS A 1 84  ? 9.899   9.648   7.775   1.00 14.88 ? 72  LYS A CB    1 
ATOM   562  C  CG    . LYS A 1 84  ? 10.424  10.958  8.302   1.00 17.93 ? 72  LYS A CG    1 
ATOM   563  C  CD    . LYS A 1 84  ? 9.344   11.809  8.851   1.00 27.47 ? 72  LYS A CD    1 
ATOM   564  C  CE    . LYS A 1 84  ? 9.873   13.172  9.176   1.00 27.19 ? 72  LYS A CE    1 
ATOM   565  N  NZ    . LYS A 1 84  ? 8.798   14.187  9.020   1.00 30.51 ? 72  LYS A NZ    1 
ATOM   566  N  N     . ALA A 1 85  ? 9.239   7.616   5.054   1.00 11.51 ? 73  ALA A N     1 
ATOM   567  C  CA    . ALA A 1 85  ? 8.870   6.257   4.788   1.00 11.68 ? 73  ALA A CA    1 
ATOM   568  C  C     . ALA A 1 85  ? 9.943   5.467   4.062   1.00 12.37 ? 73  ALA A C     1 
ATOM   569  O  O     . ALA A 1 85  ? 10.533  5.948   3.067   1.00 12.99 ? 73  ALA A O     1 
ATOM   570  C  CB    . ALA A 1 85  ? 7.582   6.215   3.972   1.00 13.41 ? 73  ALA A CB    1 
ATOM   571  N  N     . ASP A 1 86  ? 10.087  4.235   4.477   1.00 12.62 ? 74  ASP A N     1 
ATOM   572  C  CA    . ASP A 1 86  ? 10.861  3.241   3.771   1.00 11.36 ? 74  ASP A CA    1 
ATOM   573  C  C     . ASP A 1 86  ? 10.099  2.611   2.630   1.00 12.17 ? 74  ASP A C     1 
ATOM   574  O  O     . ASP A 1 86  ? 10.695  2.208   1.587   1.00 13.81 ? 74  ASP A O     1 
ATOM   575  C  CB    . ASP A 1 86  ? 11.336  2.178   4.713   1.00 12.73 ? 74  ASP A CB    1 
ATOM   576  C  CG    . ASP A 1 86  ? 12.286  2.755   5.772   1.00 16.46 ? 74  ASP A CG    1 
ATOM   577  O  OD1   . ASP A 1 86  ? 13.380  3.251   5.354   1.00 22.12 ? 74  ASP A OD1   1 
ATOM   578  O  OD2   . ASP A 1 86  ? 11.961  2.737   6.970   1.00 15.22 ? 74  ASP A OD2   1 
ATOM   579  N  N     . MET A 1 87  ? 8.772   2.516   2.774   1.00 11.32 ? 75  MET A N     1 
ATOM   580  C  CA    . MET A 1 87  ? 7.939   1.880   1.756   1.00 9.60  ? 75  MET A CA    1 
ATOM   581  C  C     . MET A 1 87  ? 6.577   2.525   1.830   1.00 10.04 ? 75  MET A C     1 
ATOM   582  O  O     . MET A 1 87  ? 6.142   2.846   2.947   1.00 9.42  ? 75  MET A O     1 
ATOM   583  C  CB    . MET A 1 87  ? 7.681   0.398   2.051   1.00 13.49 ? 75  MET A CB    1 
ATOM   584  C  CG    . MET A 1 87  ? 8.817   -0.497  2.025   1.00 25.23 ? 75  MET A CG    1 
ATOM   585  S  SD    . MET A 1 87  ? 8.198   -1.997  2.864   1.00 23.72 ? 75  MET A SD    1 
ATOM   586  C  CE    . MET A 1 87  ? 9.619   -2.287  3.911   1.00 31.61 ? 75  MET A CE    1 
ATOM   587  N  N     . VAL A 1 88  ? 5.907   2.689   0.696   1.00 8.86  ? 76  VAL A N     1 
ATOM   588  C  CA    . VAL A 1 88  ? 4.523   3.167   0.602   1.00 7.98  ? 76  VAL A CA    1 
ATOM   589  C  C     . VAL A 1 88  ? 3.755   2.147   -0.230  1.00 10.62 ? 76  VAL A C     1 
ATOM   590  O  O     . VAL A 1 88  ? 4.221   1.785   -1.321  1.00 10.27 ? 76  VAL A O     1 
ATOM   591  C  CB    . VAL A 1 88  ? 4.467   4.531   -0.075  1.00 9.92  ? 76  VAL A CB    1 
ATOM   592  C  CG1   . VAL A 1 88  ? 3.063   4.886   -0.437  1.00 11.87 ? 76  VAL A CG1   1 
ATOM   593  C  CG2   . VAL A 1 88  ? 5.087   5.583   0.828   1.00 11.19 ? 76  VAL A CG2   1 
ATOM   594  N  N     . PHE A 1 89  ? 2.584   1.759   0.289   1.00 8.55  ? 77  PHE A N     1 
ATOM   595  C  CA    . PHE A 1 89  ? 1.670   0.845   -0.402  1.00 8.43  ? 77  PHE A CA    1 
ATOM   596  C  C     . PHE A 1 89  ? 0.393   1.590   -0.765  1.00 9.76  ? 77  PHE A C     1 
ATOM   597  O  O     . PHE A 1 89  ? -0.286  2.105   0.109   1.00 11.56 ? 77  PHE A O     1 
ATOM   598  C  CB    . PHE A 1 89  ? 1.282   -0.308  0.510   1.00 8.57  ? 77  PHE A CB    1 
ATOM   599  C  CG    . PHE A 1 89  ? 2.395   -1.243  0.842   1.00 10.96 ? 77  PHE A CG    1 
ATOM   600  C  CD1   . PHE A 1 89  ? 2.591   -2.382  0.066   1.00 19.75 ? 77  PHE A CD1   1 
ATOM   601  C  CD2   . PHE A 1 89  ? 3.144   -1.085  1.962   1.00 16.00 ? 77  PHE A CD2   1 
ATOM   602  C  CE1   . PHE A 1 89  ? 3.581   -3.287  0.402   1.00 24.96 ? 77  PHE A CE1   1 
ATOM   603  C  CE2   . PHE A 1 89  ? 4.184   -1.992  2.287   1.00 23.69 ? 77  PHE A CE2   1 
ATOM   604  C  CZ    . PHE A 1 89  ? 4.396   -3.065  1.533   1.00 20.15 ? 77  PHE A CZ    1 
ATOM   605  N  N     . ALA A 1 90  ? 0.103   1.687   -2.077  1.00 8.22  ? 78  ALA A N     1 
ATOM   606  C  CA    . ALA A 1 90  ? -1.069  2.413   -2.592  1.00 7.55  ? 78  ALA A CA    1 
ATOM   607  C  C     . ALA A 1 90  ? -2.110  1.305   -2.899  1.00 10.57 ? 78  ALA A C     1 
ATOM   608  O  O     . ALA A 1 90  ? -2.162  0.745   -4.007  1.00 9.18  ? 78  ALA A O     1 
ATOM   609  C  CB    . ALA A 1 90  ? -0.687  3.216   -3.830  1.00 9.19  ? 78  ALA A CB    1 
ATOM   610  N  N     . PHE A 1 91  ? -2.908  0.981   -1.882  1.00 8.57  ? 79  PHE A N     1 
ATOM   611  C  CA    . PHE A 1 91  ? -3.825  -0.163  -1.908  1.00 9.35  ? 79  PHE A CA    1 
ATOM   612  C  C     . PHE A 1 91  ? -5.294  0.237   -1.751  1.00 9.45  ? 79  PHE A C     1 
ATOM   613  O  O     . PHE A 1 91  ? -6.108  -0.529  -1.233  1.00 10.02 ? 79  PHE A O     1 
ATOM   614  C  CB    . PHE A 1 91  ? -3.433  -1.178  -0.818  1.00 9.09  ? 79  PHE A CB    1 
ATOM   615  C  CG    . PHE A 1 91  ? -2.138  -1.994  -1.078  1.00 9.96  ? 79  PHE A CG    1 
ATOM   616  C  CD1   . PHE A 1 91  ? -1.449  -2.034  -2.287  1.00 13.26 ? 79  PHE A CD1   1 
ATOM   617  C  CD2   . PHE A 1 91  ? -1.606  -2.725  -0.010  1.00 16.58 ? 79  PHE A CD2   1 
ATOM   618  C  CE1   . PHE A 1 91  ? -0.335  -2.870  -2.462  1.00 17.92 ? 79  PHE A CE1   1 
ATOM   619  C  CE2   . PHE A 1 91  ? -0.486  -3.514  -0.178  1.00 16.84 ? 79  PHE A CE2   1 
ATOM   620  C  CZ    . PHE A 1 91  ? 0.148   -3.579  -1.408  1.00 21.22 ? 79  PHE A CZ    1 
ATOM   621  N  N     . THR A 1 92  ? -5.699  1.389   -2.278  1.00 9.58  ? 80  THR A N     1 
ATOM   622  C  CA    . THR A 1 92  ? -7.118  1.697   -2.384  1.00 9.30  ? 80  THR A CA    1 
ATOM   623  C  C     . THR A 1 92  ? -7.727  0.880   -3.548  1.00 10.16 ? 80  THR A C     1 
ATOM   624  O  O     . THR A 1 92  ? -7.006  0.167   -4.255  1.00 9.33  ? 80  THR A O     1 
ATOM   625  C  CB    . THR A 1 92  ? -7.400  3.162   -2.620  1.00 8.72  ? 80  THR A CB    1 
ATOM   626  O  OG1   . THR A 1 92  ? -7.246  3.507   -4.013  1.00 10.33 ? 80  THR A OG1   1 
ATOM   627  C  CG2   . THR A 1 92  ? -6.601  4.075   -1.730  1.00 9.41  ? 80  THR A CG2   1 
ATOM   628  N  N     . ASN A 1 93  ? -9.036  0.956   -3.682  1.00 10.95 ? 81  ASN A N     1 
ATOM   629  C  CA    . ASN A 1 93  ? -9.742  0.231   -4.757  1.00 10.00 ? 81  ASN A CA    1 
ATOM   630  C  C     . ASN A 1 93  ? -9.903  1.096   -6.005  1.00 10.10 ? 81  ASN A C     1 
ATOM   631  O  O     . ASN A 1 93  ? -10.730 0.774   -6.885  1.00 11.65 ? 81  ASN A O     1 
ATOM   632  C  CB    . ASN A 1 93  ? -11.086 -0.270  -4.270  1.00 9.85  ? 81  ASN A CB    1 
ATOM   633  C  CG    . ASN A 1 93  ? -11.959 0.807   -3.742  1.00 14.36 ? 81  ASN A CG    1 
ATOM   634  O  OD1   . ASN A 1 93  ? -11.619 1.959   -3.745  1.00 14.86 ? 81  ASN A OD1   1 
ATOM   635  N  ND2   . ASN A 1 93  ? -13.139 0.416   -3.265  1.00 23.05 ? 81  ASN A ND2   1 
ATOM   636  N  N     . ASP A 1 94  ? -9.117  2.150   -6.133  1.00 9.49  ? 82  ASP A N     1 
ATOM   637  C  CA    . ASP A 1 94  ? -9.211  3.038   -7.306  1.00 9.94  ? 82  ASP A CA    1 
ATOM   638  C  C     . ASP A 1 94  ? -7.844  3.249   -7.934  1.00 11.34 ? 82  ASP A C     1 
ATOM   639  O  O     . ASP A 1 94  ? -6.948  3.737   -7.291  1.00 10.45 ? 82  ASP A O     1 
ATOM   640  C  CB    . ASP A 1 94  ? -9.849  4.383   -6.908  1.00 11.72 ? 82  ASP A CB    1 
ATOM   641  C  CG    . ASP A 1 94  ? -10.065 5.294   -8.097  1.00 20.18 ? 82  ASP A CG    1 
ATOM   642  O  OD1   . ASP A 1 94  ? -11.165 5.188   -8.700  1.00 35.04 ? 82  ASP A OD1   1 
ATOM   643  O  OD2   . ASP A 1 94  ? -9.163  6.083   -8.465  1.00 19.11 ? 82  ASP A OD2   1 
ATOM   644  N  N     . ASP A 1 95  ? -7.687  2.833   -9.191  1.00 11.84 ? 83  ASP A N     1 
ATOM   645  C  CA    . ASP A 1 95  ? -6.378  2.895   -9.868  1.00 11.27 ? 83  ASP A CA    1 
ATOM   646  C  C     . ASP A 1 95  ? -5.857  4.341   -9.991  1.00 10.16 ? 83  ASP A C     1 
ATOM   647  O  O     . ASP A 1 95  ? -4.686  4.619   -9.794  1.00 11.42 ? 83  ASP A O     1 
ATOM   648  C  CB    . ASP A 1 95  ? -6.470  2.322   -11.285 1.00 14.15 ? 83  ASP A CB    1 
ATOM   649  C  CG    . ASP A 1 95  ? -6.584  0.800   -11.313 1.00 16.76 ? 83  ASP A CG    1 
ATOM   650  O  OD1   . ASP A 1 95  ? -6.339  0.188   -10.256 1.00 14.90 ? 83  ASP A OD1   1 
ATOM   651  O  OD2   . ASP A 1 95  ? -6.919  0.228   -12.386 1.00 14.36 ? 83  ASP A OD2   1 
ATOM   652  N  N     . SER A 1 96  ? -6.751  5.285   -10.314 1.00 11.17 ? 84  SER A N     1 
ATOM   653  C  CA    . SER A 1 96  ? -6.331  6.704   -10.410 1.00 11.79 ? 84  SER A CA    1 
ATOM   654  C  C     . SER A 1 96  ? -5.840  7.246   -9.082  1.00 10.70 ? 84  SER A C     1 
ATOM   655  O  O     . SER A 1 96  ? -4.801  7.918   -9.026  1.00 11.22 ? 84  SER A O     1 
ATOM   656  C  CB    . SER A 1 96  ? -7.480  7.596   -10.885 1.00 14.72 ? 84  SER A CB    1 
ATOM   657  O  OG    . SER A 1 96  ? -7.830  7.291   -12.217 1.00 22.22 ? 84  SER A OG    1 
ATOM   658  N  N     . THR A 1 97  ? -6.552  6.921   -7.997  1.00 10.82 ? 85  THR A N     1 
ATOM   659  C  CA    . THR A 1 97  ? -6.093  7.329   -6.680  1.00 10.58 ? 85  THR A CA    1 
ATOM   660  C  C     . THR A 1 97  ? -4.734  6.707   -6.356  1.00 9.09  ? 85  THR A C     1 
ATOM   661  O  O     . THR A 1 97  ? -3.826  7.367   -5.827  1.00 9.96  ? 85  THR A O     1 
ATOM   662  C  CB    . THR A 1 97  ? -7.134  6.984   -5.640  1.00 9.56  ? 85  THR A CB    1 
ATOM   663  O  OG1   . THR A 1 97  ? -8.388  7.635   -6.021  1.00 12.26 ? 85  THR A OG1   1 
ATOM   664  C  CG2   . THR A 1 97  ? -6.679  7.417   -4.238  1.00 11.29 ? 85  THR A CG2   1 
ATOM   665  N  N     . ASN A 1 98  ? -4.591  5.393   -6.635  1.00 7.99  ? 86  ASN A N     1 
ATOM   666  C  CA    . ASN A 1 98  ? -3.305  4.719   -6.351  1.00 7.63  ? 86  ASN A CA    1 
ATOM   667  C  C     . ASN A 1 98  ? -2.151  5.311   -7.178  1.00 8.41  ? 86  ASN A C     1 
ATOM   668  O  O     . ASN A 1 98  ? -1.035  5.423   -6.691  1.00 9.04  ? 86  ASN A O     1 
ATOM   669  C  CB    . ASN A 1 98  ? -3.425  3.213   -6.580  1.00 8.84  ? 86  ASN A CB    1 
ATOM   670  C  CG    . ASN A 1 98  ? -4.337  2.551   -5.588  1.00 8.36  ? 86  ASN A CG    1 
ATOM   671  O  OD1   . ASN A 1 98  ? -4.529  3.081   -4.475  1.00 10.35 ? 86  ASN A OD1   1 
ATOM   672  N  ND2   . ASN A 1 98  ? -4.772  1.337   -5.908  1.00 8.37  ? 86  ASN A ND2   1 
ATOM   673  N  N     . PHE A 1 99  ? -2.433  5.742   -8.427  1.00 8.47  ? 87  PHE A N     1 
ATOM   674  C  CA    . PHE A 1 99  ? -1.431  6.452   -9.250  1.00 9.48  ? 87  PHE A CA    1 
ATOM   675  C  C     . PHE A 1 99  ? -1.050  7.791   -8.606  1.00 10.77 ? 87  PHE A C     1 
ATOM   676  O  O     . PHE A 1 99  ? 0.113   8.144   -8.514  1.00 10.80 ? 87  PHE A O     1 
ATOM   677  C  CB    . PHE A 1 99  ? -1.967  6.633   -10.678 1.00 10.08 ? 87  PHE A CB    1 
ATOM   678  C  CG    . PHE A 1 99  ? -0.916  7.137   -11.630 1.00 10.76 ? 87  PHE A CG    1 
ATOM   679  C  CD1   . PHE A 1 99  ? 0.188   6.332   -11.966 1.00 10.19 ? 87  PHE A CD1   1 
ATOM   680  C  CD2   . PHE A 1 99  ? -0.992  8.384   -12.177 1.00 11.69 ? 87  PHE A CD2   1 
ATOM   681  C  CE1   . PHE A 1 99  ? 1.173   6.768   -12.851 1.00 11.41 ? 87  PHE A CE1   1 
ATOM   682  C  CE2   . PHE A 1 99  ? -0.023  8.812   -13.050 1.00 11.37 ? 87  PHE A CE2   1 
ATOM   683  C  CZ    . PHE A 1 99  ? 1.055   8.007   -13.381 1.00 10.51 ? 87  PHE A CZ    1 
ATOM   684  N  N     . PHE A 1 100 ? -2.040  8.567   -8.171  1.00 8.08  ? 88  PHE A N     1 
ATOM   685  C  CA    . PHE A 1 100 ? -1.790  9.845   -7.504  1.00 9.74  ? 88  PHE A CA    1 
ATOM   686  C  C     . PHE A 1 100 ? -0.889  9.635   -6.280  1.00 9.98  ? 88  PHE A C     1 
ATOM   687  O  O     . PHE A 1 100 ? 0.102   10.328  -6.046  1.00 10.09 ? 88  PHE A O     1 
ATOM   688  C  CB    . PHE A 1 100 ? -3.114  10.516  -7.128  1.00 9.68  ? 88  PHE A CB    1 
ATOM   689  C  CG    . PHE A 1 100 ? -2.964  11.829  -6.387  1.00 9.97  ? 88  PHE A CG    1 
ATOM   690  C  CD1   . PHE A 1 100 ? -2.679  12.993  -7.087  1.00 16.24 ? 88  PHE A CD1   1 
ATOM   691  C  CD2   . PHE A 1 100 ? -3.159  11.915  -5.002  1.00 11.38 ? 88  PHE A CD2   1 
ATOM   692  C  CE1   . PHE A 1 100 ? -2.554  14.202  -6.407  1.00 14.73 ? 88  PHE A CE1   1 
ATOM   693  C  CE2   . PHE A 1 100 ? -3.047  13.133  -4.336  1.00 10.88 ? 88  PHE A CE2   1 
ATOM   694  C  CZ    . PHE A 1 100 ? -2.747  14.255  -5.045  1.00 14.46 ? 88  PHE A CZ    1 
ATOM   695  N  N     . ILE A 1 101 ? -1.279  8.705   -5.425  1.00 9.28  ? 89  ILE A N     1 
ATOM   696  C  CA    . ILE A 1 101 ? -0.506  8.415   -4.221  1.00 9.19  ? 89  ILE A CA    1 
ATOM   697  C  C     . ILE A 1 101 ? 0.946   8.030   -4.591  1.00 8.35  ? 89  ILE A C     1 
ATOM   698  O  O     . ILE A 1 101 ? 1.894   8.559   -3.997  1.00 9.96  ? 89  ILE A O     1 
ATOM   699  C  CB    . ILE A 1 101 ? -1.165  7.241   -3.466  1.00 9.15  ? 89  ILE A CB    1 
ATOM   700  C  CG1   . ILE A 1 101 ? -2.493  7.619   -2.858  1.00 10.75 ? 89  ILE A CG1   1 
ATOM   701  C  CG2   . ILE A 1 101 ? -0.186  6.746   -2.401  1.00 11.38 ? 89  ILE A CG2   1 
ATOM   702  C  CD1   . ILE A 1 101 ? -3.316  6.381   -2.521  1.00 14.36 ? 89  ILE A CD1   1 
ATOM   703  N  N     . SER A 1 102 ? 1.082   7.125   -5.546  1.00 8.05  ? 90  SER A N     1 
ATOM   704  C  CA    . SER A 1 102 ? 2.383   6.527   -5.855  1.00 8.52  ? 90  SER A CA    1 
ATOM   705  C  C     . SER A 1 102 ? 3.323   7.557   -6.527  1.00 9.84  ? 90  SER A C     1 
ATOM   706  O  O     . SER A 1 102 ? 4.525   7.561   -6.241  1.00 10.41 ? 90  SER A O     1 
ATOM   707  C  CB    . SER A 1 102 ? 2.146   5.339   -6.803  1.00 11.08 ? 90  SER A CB    1 
ATOM   708  O  OG    . SER A 1 102 ? 1.455   4.317   -6.126  1.00 12.02 ? 90  SER A OG    1 
ATOM   709  N  N     . MET A 1 103 ? 2.788   8.370   -7.432  1.00 8.75  ? 91  MET A N     1 
ATOM   710  C  CA    . MET A 1 103 ? 3.588   9.403   -8.071  1.00 8.42  ? 91  MET A CA    1 
ATOM   711  C  C     . MET A 1 103 ? 4.058   10.406  -7.038  1.00 8.53  ? 91  MET A C     1 
ATOM   712  O  O     . MET A 1 103 ? 5.204   10.847  -7.073  1.00 9.60  ? 91  MET A O     1 
ATOM   713  C  CB    . MET A 1 103 ? 2.809   10.068  -9.189  1.00 9.74  ? 91  MET A CB    1 
ATOM   714  C  CG    . MET A 1 103 ? 2.545   9.184   -10.388 1.00 9.10  ? 91  MET A CG    1 
ATOM   715  S  SD    . MET A 1 103 ? 4.035   8.782   -11.395 1.00 9.92  ? 91  MET A SD    1 
ATOM   716  C  CE    . MET A 1 103 ? 4.205   10.312  -12.325 1.00 9.92  ? 91  MET A CE    1 
ATOM   717  N  N     . ASN A 1 104 ? 3.168   10.847  -6.139  1.00 8.40  ? 92  ASN A N     1 
ATOM   718  C  CA    . ASN A 1 104 ? 3.608   11.721  -5.054  1.00 8.88  ? 92  ASN A CA    1 
ATOM   719  C  C     . ASN A 1 104 ? 4.665   11.066  -4.169  1.00 9.35  ? 92  ASN A C     1 
ATOM   720  O  O     . ASN A 1 104 ? 5.678   11.683  -3.827  1.00 9.38  ? 92  ASN A O     1 
ATOM   721  C  CB    . ASN A 1 104 ? 2.411   12.202  -4.232  1.00 9.40  ? 92  ASN A CB    1 
ATOM   722  C  CG    . ASN A 1 104 ? 1.727   13.366  -4.879  1.00 12.20 ? 92  ASN A CG    1 
ATOM   723  O  OD1   . ASN A 1 104 ? 2.143   14.508  -4.694  1.00 13.52 ? 92  ASN A OD1   1 
ATOM   724  N  ND2   . ASN A 1 104 ? 0.624   13.115  -5.550  1.00 11.82 ? 92  ASN A ND2   1 
ATOM   725  N  N     . ALA A 1 105 ? 4.456   9.794   -3.811  1.00 9.42  ? 93  ALA A N     1 
ATOM   726  C  CA    . ALA A 1 105 ? 5.435   9.101   -3.013  1.00 9.01  ? 93  ALA A CA    1 
ATOM   727  C  C     . ALA A 1 105 ? 6.817   9.092   -3.674  1.00 9.18  ? 93  ALA A C     1 
ATOM   728  O  O     . ALA A 1 105 ? 7.818   9.386   -3.043  1.00 10.42 ? 93  ALA A O     1 
ATOM   729  C  CB    . ALA A 1 105 ? 4.970   7.700   -2.693  1.00 10.67 ? 93  ALA A CB    1 
ATOM   730  N  N     . ARG A 1 106 ? 6.871   8.714   -4.941  1.00 9.37  ? 94  ARG A N     1 
ATOM   731  C  CA    . ARG A 1 106 ? 8.129   8.661   -5.660  1.00 10.15 ? 94  ARG A CA    1 
ATOM   732  C  C     . ARG A 1 106 ? 8.829   10.015  -5.774  1.00 9.59  ? 94  ARG A C     1 
ATOM   733  O  O     . ARG A 1 106 ? 10.053  10.109  -5.564  1.00 10.69 ? 94  ARG A O     1 
ATOM   734  C  CB    . ARG A 1 106 ? 7.917   8.104   -7.081  1.00 10.83 ? 94  ARG A CB    1 
ATOM   735  C  CG    . ARG A 1 106 ? 7.580   6.631   -7.171  1.00 11.15 ? 94  ARG A CG    1 
ATOM   736  C  CD    . ARG A 1 106 ? 8.786   5.699   -7.016  1.00 13.51 ? 94  ARG A CD    1 
ATOM   737  N  NE    . ARG A 1 106 ? 9.689   5.843   -8.146  1.00 12.69 ? 94  ARG A NE    1 
ATOM   738  C  CZ    . ARG A 1 106 ? 10.971  5.473   -8.145  1.00 19.64 ? 94  ARG A CZ    1 
ATOM   739  N  NH1   . ARG A 1 106 ? 11.526  4.933   -7.071  1.00 20.41 ? 94  ARG A NH1   1 
ATOM   740  N  NH2   . ARG A 1 106 ? 11.705  5.623   -9.229  1.00 17.28 ? 94  ARG A NH2   1 
ATOM   741  N  N     . TYR A 1 107 ? 8.078   11.027  -6.210  1.00 8.04  ? 95  TYR A N     1 
ATOM   742  C  CA    . TYR A 1 107 ? 8.667   12.248  -6.691  1.00 7.69  ? 95  TYR A CA    1 
ATOM   743  C  C     . TYR A 1 107 ? 8.557   13.444  -5.766  1.00 7.52  ? 95  TYR A C     1 
ATOM   744  O  O     . TYR A 1 107 ? 9.460   14.308  -5.804  1.00 9.42  ? 95  TYR A O     1 
ATOM   745  C  CB    . TYR A 1 107 ? 8.045   12.546  -8.045  1.00 9.67  ? 95  TYR A CB    1 
ATOM   746  C  CG    . TYR A 1 107 ? 8.320   11.493  -9.116  1.00 7.91  ? 95  TYR A CG    1 
ATOM   747  C  CD1   . TYR A 1 107 ? 9.599   11.161  -9.495  1.00 10.42 ? 95  TYR A CD1   1 
ATOM   748  C  CD2   . TYR A 1 107 ? 7.282   10.893  -9.785  1.00 9.19  ? 95  TYR A CD2   1 
ATOM   749  C  CE1   . TYR A 1 107 ? 9.841   10.228  -10.518 1.00 12.99 ? 95  TYR A CE1   1 
ATOM   750  C  CE2   . TYR A 1 107 ? 7.514   9.941   -10.763 1.00 8.30  ? 95  TYR A CE2   1 
ATOM   751  C  CZ    . TYR A 1 107 ? 8.777   9.649   -11.160 1.00 8.24  ? 95  TYR A CZ    1 
ATOM   752  O  OH    . TYR A 1 107 ? 9.057   8.764   -12.185 1.00 11.26 ? 95  TYR A OH    1 
ATOM   753  N  N     . MET A 1 108 ? 7.461   13.563  -5.031  1.00 9.16  ? 96  MET A N     1 
ATOM   754  C  CA    . MET A 1 108 ? 7.355   14.628  -4.041  1.00 8.33  ? 96  MET A CA    1 
ATOM   755  C  C     . MET A 1 108 ? 8.108   14.265  -2.768  1.00 8.86  ? 96  MET A C     1 
ATOM   756  O  O     . MET A 1 108 ? 8.787   15.100  -2.154  1.00 10.14 ? 96  MET A O     1 
ATOM   757  C  CB    . MET A 1 108 ? 5.907   14.963  -3.729  1.00 8.91  ? 96  MET A CB    1 
ATOM   758  C  CG    A MET A 1 108 ? 5.718   16.054  -2.754  0.50 10.13 ? 96  MET A CG    1 
ATOM   759  C  CG    B MET A 1 108 ? 5.824   16.095  -2.688  0.50 8.45  ? 96  MET A CG    1 
ATOM   760  S  SD    A MET A 1 108 ? 5.862   17.653  -3.521  0.50 13.66 ? 96  MET A SD    1 
ATOM   761  S  SD    B MET A 1 108 ? 6.649   17.646  -3.148  0.50 9.01  ? 96  MET A SD    1 
ATOM   762  C  CE    A MET A 1 108 ? 6.278   18.680  -2.112  0.50 15.73 ? 96  MET A CE    1 
ATOM   763  C  CE    B MET A 1 108 ? 5.727   17.801  -4.670  0.50 27.50 ? 96  MET A CE    1 
ATOM   764  N  N     . PHE A 1 109 ? 7.880   13.037  -2.306  1.00 9.20  ? 97  PHE A N     1 
ATOM   765  C  CA    . PHE A 1 109 ? 8.416   12.594  -1.014  1.00 8.99  ? 97  PHE A CA    1 
ATOM   766  C  C     . PHE A 1 109 ? 9.683   11.702  -1.128  1.00 9.99  ? 97  PHE A C     1 
ATOM   767  O  O     . PHE A 1 109 ? 10.233  11.273  -0.078  1.00 10.38 ? 97  PHE A O     1 
ATOM   768  C  CB    . PHE A 1 109 ? 7.293   11.909  -0.232  1.00 8.70  ? 97  PHE A CB    1 
ATOM   769  C  CG    . PHE A 1 109 ? 6.151   12.814  0.073   1.00 9.55  ? 97  PHE A CG    1 
ATOM   770  C  CD1   . PHE A 1 109 ? 6.279   13.797  1.023   1.00 13.38 ? 97  PHE A CD1   1 
ATOM   771  C  CD2   . PHE A 1 109 ? 5.007   12.751  -0.674  1.00 10.95 ? 97  PHE A CD2   1 
ATOM   772  C  CE1   . PHE A 1 109 ? 5.223   14.641  1.299   1.00 14.01 ? 97  PHE A CE1   1 
ATOM   773  C  CE2   . PHE A 1 109 ? 3.955   13.627  -0.420  1.00 10.85 ? 97  PHE A CE2   1 
ATOM   774  C  CZ    . PHE A 1 109 ? 4.095   14.585  0.537   1.00 12.16 ? 97  PHE A CZ    1 
ATOM   775  N  N     . ASN A 1 110 ? 10.122  11.403  -2.353  1.00 9.65  ? 98  ASN A N     1 
ATOM   776  C  CA    . ASN A 1 110 ? 11.410  10.765  -2.638  1.00 8.23  ? 98  ASN A CA    1 
ATOM   777  C  C     . ASN A 1 110 ? 11.472  9.376   -1.980  1.00 9.79  ? 98  ASN A C     1 
ATOM   778  O  O     . ASN A 1 110 ? 12.556  8.999   -1.487  1.00 11.83 ? 98  ASN A O     1 
ATOM   779  C  CB    . ASN A 1 110 ? 12.566  11.655  -2.225  1.00 9.21  ? 98  ASN A CB    1 
ATOM   780  C  CG    . ASN A 1 110 ? 12.683  12.912  -3.081  1.00 11.57 ? 98  ASN A CG    1 
ATOM   781  O  OD1   . ASN A 1 110 ? 11.849  13.218  -3.904  1.00 11.38 ? 98  ASN A OD1   1 
ATOM   782  N  ND2   . ASN A 1 110 ? 13.786  13.622  -2.902  1.00 18.78 ? 98  ASN A ND2   1 
ATOM   783  N  N     . VAL A 1 111 ? 10.370  8.629   -2.025  1.00 9.51  ? 99  VAL A N     1 
ATOM   784  C  CA    . VAL A 1 111 ? 10.369  7.241   -1.512  1.00 10.60 ? 99  VAL A CA    1 
ATOM   785  C  C     . VAL A 1 111 ? 10.823  6.266   -2.618  1.00 10.65 ? 99  VAL A C     1 
ATOM   786  O  O     . VAL A 1 111 ? 10.211  6.244   -3.698  1.00 13.03 ? 99  VAL A O     1 
ATOM   787  C  CB    . VAL A 1 111 ? 8.978   6.878   -1.030  1.00 9.87  ? 99  VAL A CB    1 
ATOM   788  C  CG1   . VAL A 1 111 ? 8.918   5.445   -0.471  1.00 9.74  ? 99  VAL A CG1   1 
ATOM   789  C  CG2   . VAL A 1 111 ? 8.452   7.881   0.054   1.00 13.18 ? 99  VAL A CG2   1 
ATOM   790  N  N     . GLU A 1 112 ? 11.870  5.476   -2.362  1.00 13.83 ? 100 GLU A N     1 
ATOM   791  C  CA    . GLU A 1 112 ? 12.345  4.561   -3.368  1.00 16.38 ? 100 GLU A CA    1 
ATOM   792  C  C     . GLU A 1 112 ? 11.393  3.407   -3.587  1.00 15.69 ? 100 GLU A C     1 
ATOM   793  O  O     . GLU A 1 112 ? 11.102  3.096   -4.732  1.00 18.68 ? 100 GLU A O     1 
ATOM   794  C  CB    . GLU A 1 112 ? 13.726  4.024   -3.005  1.00 18.69 ? 100 GLU A CB    1 
ATOM   795  N  N     . ASN A 1 113 ? 10.873  2.788   -2.517  1.00 12.22 ? 101 ASN A N     1 
ATOM   796  C  CA    . ASN A 1 113 ? 10.086  1.541   -2.632  1.00 10.61 ? 101 ASN A CA    1 
ATOM   797  C  C     . ASN A 1 113 ? 8.577   1.863   -2.524  1.00 10.51 ? 101 ASN A C     1 
ATOM   798  O  O     . ASN A 1 113 ? 8.063   2.086   -1.413  1.00 11.19 ? 101 ASN A O     1 
ATOM   799  C  CB    . ASN A 1 113 ? 10.497  0.495   -1.570  1.00 12.16 ? 101 ASN A CB    1 
ATOM   800  C  CG    . ASN A 1 113 ? 9.948   -0.940  -1.895  1.00 26.10 ? 101 ASN A CG    1 
ATOM   801  O  OD1   . ASN A 1 113 ? 9.321   -1.174  -2.949  1.00 24.83 ? 101 ASN A OD1   1 
ATOM   802  N  ND2   . ASN A 1 113 ? 10.203  -1.911  -0.980  1.00 23.88 ? 101 ASN A ND2   1 
ATOM   803  N  N     . VAL A 1 114 ? 7.880   1.837   -3.659  1.00 8.72  ? 102 VAL A N     1 
ATOM   804  C  CA    . VAL A 1 114 ? 6.480   2.214   -3.756  1.00 7.84  ? 102 VAL A CA    1 
ATOM   805  C  C     . VAL A 1 114 ? 5.812   1.061   -4.517  1.00 9.85  ? 102 VAL A C     1 
ATOM   806  O  O     . VAL A 1 114 ? 6.267   0.705   -5.596  1.00 10.30 ? 102 VAL A O     1 
ATOM   807  C  CB    . VAL A 1 114 ? 6.276   3.567   -4.478  1.00 9.35  ? 102 VAL A CB    1 
ATOM   808  C  CG1   . VAL A 1 114 ? 4.809   3.938   -4.522  1.00 10.15 ? 102 VAL A CG1   1 
ATOM   809  C  CG2   . VAL A 1 114 ? 7.066   4.651   -3.786  1.00 10.04 ? 102 VAL A CG2   1 
ATOM   810  N  N     . ILE A 1 115 ? 4.773   0.502   -3.939  1.00 9.48  ? 103 ILE A N     1 
ATOM   811  C  CA    . ILE A 1 115 ? 4.002   -0.643  -4.491  1.00 8.69  ? 103 ILE A CA    1 
ATOM   812  C  C     . ILE A 1 115 ? 2.568   -0.219  -4.599  1.00 11.35 ? 103 ILE A C     1 
ATOM   813  O  O     . ILE A 1 115 ? 1.997   0.246   -3.620  1.00 12.05 ? 103 ILE A O     1 
ATOM   814  C  CB    . ILE A 1 115 ? 4.094   -1.874  -3.545  1.00 11.38 ? 103 ILE A CB    1 
ATOM   815  C  CG1   . ILE A 1 115 ? 5.561   -2.244  -3.321  1.00 14.50 ? 103 ILE A CG1   1 
ATOM   816  C  CG2   . ILE A 1 115 ? 3.346   -3.073  -4.116  1.00 14.06 ? 103 ILE A CG2   1 
ATOM   817  C  CD1   . ILE A 1 115 ? 5.789   -3.334  -2.167  1.00 24.07 ? 103 ILE A CD1   1 
ATOM   818  N  N     . ALA A 1 116 ? 1.959   -0.406  -5.774  1.00 9.20  ? 104 ALA A N     1 
ATOM   819  C  CA    . ALA A 1 116 ? 0.552   -0.046  -5.983  1.00 7.55  ? 104 ALA A CA    1 
ATOM   820  C  C     . ALA A 1 116 ? -0.253  -1.217  -6.485  1.00 9.39  ? 104 ALA A C     1 
ATOM   821  O  O     . ALA A 1 116 ? 0.218   -2.045  -7.271  1.00 10.26 ? 104 ALA A O     1 
ATOM   822  C  CB    . ALA A 1 116 ? 0.395   1.057   -7.028  1.00 9.37  ? 104 ALA A CB    1 
ATOM   823  N  N     A ARG A 1 117 ? -1.491  -1.297  -5.995  0.50 8.67  ? 105 ARG A N     1 
ATOM   824  N  N     B ARG A 1 117 ? -1.500  -1.222  -6.046  0.50 9.17  ? 105 ARG A N     1 
ATOM   825  C  CA    A ARG A 1 117 ? -2.464  -2.174  -6.630  0.50 9.41  ? 105 ARG A CA    1 
ATOM   826  C  CA    B ARG A 1 117 ? -2.518  -2.118  -6.553  0.50 10.30 ? 105 ARG A CA    1 
ATOM   827  C  C     A ARG A 1 117 ? -3.068  -1.522  -7.866  0.50 10.58 ? 105 ARG A C     1 
ATOM   828  C  C     B ARG A 1 117 ? -3.102  -1.526  -7.843  0.50 10.79 ? 105 ARG A C     1 
ATOM   829  O  O     . ARG A 1 117 ? -3.476  -0.375  -7.845  1.00 10.63 ? 105 ARG A O     1 
ATOM   830  C  CB    A ARG A 1 117 ? -3.593  -2.613  -5.700  0.50 10.29 ? 105 ARG A CB    1 
ATOM   831  C  CB    B ARG A 1 117 ? -3.565  -2.246  -5.453  0.50 10.87 ? 105 ARG A CB    1 
ATOM   832  C  CG    A ARG A 1 117 ? -4.654  -3.417  -6.488  0.50 11.81 ? 105 ARG A CG    1 
ATOM   833  C  CG    B ARG A 1 117 ? -4.848  -2.943  -5.783  0.50 17.51 ? 105 ARG A CG    1 
ATOM   834  C  CD    A ARG A 1 117 ? -5.604  -4.072  -5.613  0.50 14.03 ? 105 ARG A CD    1 
ATOM   835  C  CD    B ARG A 1 117 ? -5.674  -2.846  -4.524  0.50 8.63  ? 105 ARG A CD    1 
ATOM   836  N  NE    A ARG A 1 117 ? -6.337  -3.109  -4.797  0.50 14.23 ? 105 ARG A NE    1 
ATOM   837  N  NE    B ARG A 1 117 ? -7.019  -3.366  -4.691  0.50 12.13 ? 105 ARG A NE    1 
ATOM   838  C  CZ    A ARG A 1 117 ? -7.071  -3.458  -3.742  0.50 15.51 ? 105 ARG A CZ    1 
ATOM   839  C  CZ    B ARG A 1 117 ? -7.889  -3.469  -3.694  0.50 16.05 ? 105 ARG A CZ    1 
ATOM   840  N  NH1   A ARG A 1 117 ? -7.182  -4.735  -3.407  0.50 11.63 ? 105 ARG A NH1   1 
ATOM   841  N  NH1   B ARG A 1 117 ? -7.549  -3.066  -2.465  0.50 13.00 ? 105 ARG A NH1   1 
ATOM   842  N  NH2   A ARG A 1 117 ? -7.703  -2.520  -3.024  0.50 13.34 ? 105 ARG A NH2   1 
ATOM   843  N  NH2   B ARG A 1 117 ? -9.098  -3.952  -3.930  0.50 15.95 ? 105 ARG A NH2   1 
ATOM   844  N  N     . VAL A 1 118 ? -3.154  -2.309  -8.931  1.00 9.87  ? 106 VAL A N     1 
ATOM   845  C  CA    . VAL A 1 118 ? -3.607  -1.839  -10.224 1.00 10.85 ? 106 VAL A CA    1 
ATOM   846  C  C     . VAL A 1 118 ? -4.613  -2.862  -10.739 1.00 13.73 ? 106 VAL A C     1 
ATOM   847  O  O     . VAL A 1 118 ? -4.240  -3.997  -11.036 1.00 14.66 ? 106 VAL A O     1 
ATOM   848  C  CB    . VAL A 1 118 ? -2.434  -1.684  -11.230 1.00 11.74 ? 106 VAL A CB    1 
ATOM   849  C  CG1   . VAL A 1 118 ? -2.981  -1.070  -12.538 1.00 14.36 ? 106 VAL A CG1   1 
ATOM   850  C  CG2   . VAL A 1 118 ? -1.318  -0.800  -10.667 1.00 15.25 ? 106 VAL A CG2   1 
ATOM   851  N  N     . TYR A 1 119 ? -5.884  -2.495  -10.853 1.00 11.70 ? 107 TYR A N     1 
ATOM   852  C  CA    A TYR A 1 119 ? -6.876  -3.461  -11.331 0.50 11.05 ? 107 TYR A CA    1 
ATOM   853  C  CA    B TYR A 1 119 ? -6.921  -3.418  -11.305 0.50 11.25 ? 107 TYR A CA    1 
ATOM   854  C  C     . TYR A 1 119 ? -6.833  -3.696  -12.817 1.00 11.23 ? 107 TYR A C     1 
ATOM   855  O  O     . TYR A 1 119 ? -6.940  -4.837  -13.256 1.00 12.30 ? 107 TYR A O     1 
ATOM   856  C  CB    A TYR A 1 119 ? -8.283  -3.041  -10.969 0.50 12.26 ? 107 TYR A CB    1 
ATOM   857  C  CB    B TYR A 1 119 ? -8.290  -2.845  -10.895 0.50 12.84 ? 107 TYR A CB    1 
ATOM   858  C  CG    A TYR A 1 119 ? -8.498  -3.013  -9.509  0.50 13.24 ? 107 TYR A CG    1 
ATOM   859  C  CG    B TYR A 1 119 ? -9.522  -3.511  -11.477 0.50 13.49 ? 107 TYR A CG    1 
ATOM   860  C  CD1   A TYR A 1 119 ? -8.862  -4.151  -8.834  0.50 16.24 ? 107 TYR A CD1   1 
ATOM   861  C  CD1   B TYR A 1 119 ? -10.015 -4.700  -10.952 0.50 17.67 ? 107 TYR A CD1   1 
ATOM   862  C  CD2   A TYR A 1 119 ? -8.317  -1.848  -8.801  0.50 20.66 ? 107 TYR A CD2   1 
ATOM   863  C  CD2   B TYR A 1 119 ? -10.225 -2.928  -12.535 0.50 15.67 ? 107 TYR A CD2   1 
ATOM   864  C  CE1   A TYR A 1 119 ? -9.066  -4.123  -7.472  0.50 18.57 ? 107 TYR A CE1   1 
ATOM   865  C  CE1   B TYR A 1 119 ? -11.158 -5.311  -11.481 0.50 12.53 ? 107 TYR A CE1   1 
ATOM   866  C  CE2   A TYR A 1 119 ? -8.517  -1.808  -7.468  0.50 21.23 ? 107 TYR A CE2   1 
ATOM   867  C  CE2   B TYR A 1 119 ? -11.362 -3.532  -13.066 0.50 16.57 ? 107 TYR A CE2   1 
ATOM   868  C  CZ    A TYR A 1 119 ? -8.894  -2.942  -6.812  0.50 12.22 ? 107 TYR A CZ    1 
ATOM   869  C  CZ    B TYR A 1 119 ? -11.825 -4.721  -12.530 0.50 18.50 ? 107 TYR A CZ    1 
ATOM   870  O  OH    A TYR A 1 119 ? -9.090  -2.894  -5.450  0.50 23.78 ? 107 TYR A OH    1 
ATOM   871  O  OH    B TYR A 1 119 ? -12.959 -5.323  -13.054 0.50 17.94 ? 107 TYR A OH    1 
ATOM   872  N  N     . ASP A 1 120 ? -6.669  -2.609  -13.586 1.00 10.28 ? 108 ASP A N     1 
ATOM   873  C  CA    . ASP A 1 120 ? -6.670  -2.650  -15.051 1.00 11.72 ? 108 ASP A CA    1 
ATOM   874  C  C     . ASP A 1 120 ? -5.263  -2.960  -15.579 1.00 10.60 ? 108 ASP A C     1 
ATOM   875  O  O     . ASP A 1 120 ? -4.359  -2.152  -15.458 1.00 11.98 ? 108 ASP A O     1 
ATOM   876  C  CB    . ASP A 1 120 ? -7.147  -1.296  -15.594 1.00 12.14 ? 108 ASP A CB    1 
ATOM   877  C  CG    . ASP A 1 120 ? -7.322  -1.287  -17.117 1.00 17.00 ? 108 ASP A CG    1 
ATOM   878  O  OD1   . ASP A 1 120 ? -6.955  -2.274  -17.792 1.00 15.69 ? 108 ASP A OD1   1 
ATOM   879  O  OD2   . ASP A 1 120 ? -7.820  -0.246  -17.628 1.00 22.46 ? 108 ASP A OD2   1 
ATOM   880  N  N     . PRO A 1 121 ? -5.072  -4.135  -16.202 1.00 10.22 ? 109 PRO A N     1 
ATOM   881  C  CA    . PRO A 1 121 ? -3.744  -4.469  -16.731 1.00 11.47 ? 109 PRO A CA    1 
ATOM   882  C  C     . PRO A 1 121 ? -3.182  -3.446  -17.713 1.00 12.20 ? 109 PRO A C     1 
ATOM   883  O  O     . PRO A 1 121 ? -1.954  -3.298  -17.841 1.00 12.62 ? 109 PRO A O     1 
ATOM   884  C  CB    . PRO A 1 121 ? -3.973  -5.821  -17.421 1.00 11.96 ? 109 PRO A CB    1 
ATOM   885  C  CG    . PRO A 1 121 ? -5.162  -6.368  -16.801 1.00 13.77 ? 109 PRO A CG    1 
ATOM   886  C  CD    . PRO A 1 121 ? -6.040  -5.214  -16.444 1.00 11.27 ? 109 PRO A CD    1 
ATOM   887  N  N     . GLU A 1 122 ? -4.053  -2.727  -18.405 1.00 13.12 ? 110 GLU A N     1 
ATOM   888  C  CA    . GLU A 1 122 ? -3.567  -1.748  -19.366 1.00 13.78 ? 110 GLU A CA    1 
ATOM   889  C  C     . GLU A 1 122 ? -2.924  -0.544  -18.674 1.00 14.26 ? 110 GLU A C     1 
ATOM   890  O  O     . GLU A 1 122 ? -2.220  0.241   -19.321 1.00 13.88 ? 110 GLU A O     1 
ATOM   891  C  CB    . GLU A 1 122 ? -4.703  -1.249  -20.252 1.00 16.42 ? 110 GLU A CB    1 
ATOM   892  C  CG    . GLU A 1 122 ? -5.326  -2.325  -21.124 1.00 23.37 ? 110 GLU A CG    1 
ATOM   893  C  CD    . GLU A 1 122 ? -6.395  -1.764  -22.073 1.00 42.37 ? 110 GLU A CD    1 
ATOM   894  O  OE1   . GLU A 1 122 ? -6.102  -0.754  -22.756 1.00 52.48 ? 110 GLU A OE1   1 
ATOM   895  O  OE2   . GLU A 1 122 ? -7.519  -2.329  -22.144 1.00 46.41 ? 110 GLU A OE2   1 
ATOM   896  N  N     . LYS A 1 123 ? -3.172  -0.383  -17.380 1.00 10.69 ? 111 LYS A N     1 
ATOM   897  C  CA    . LYS A 1 123 ? -2.587  0.728   -16.602 1.00 12.01 ? 111 LYS A CA    1 
ATOM   898  C  C     . LYS A 1 123 ? -1.224  0.400   -15.958 1.00 12.10 ? 111 LYS A C     1 
ATOM   899  O  O     . LYS A 1 123 ? -0.563  1.284   -15.409 1.00 11.85 ? 111 LYS A O     1 
ATOM   900  C  CB    . LYS A 1 123 ? -3.579  1.229   -15.537 1.00 11.50 ? 111 LYS A CB    1 
ATOM   901  C  CG    . LYS A 1 123 ? -4.823  1.839   -16.168 1.00 13.12 ? 111 LYS A CG    1 
ATOM   902  C  CD    . LYS A 1 123 ? -5.869  2.306   -15.144 1.00 22.29 ? 111 LYS A CD    1 
ATOM   903  C  CE    . LYS A 1 123 ? -7.205  2.718   -15.800 1.00 26.59 ? 111 LYS A CE    1 
ATOM   904  N  NZ    . LYS A 1 123 ? -8.159  3.215   -14.773 1.00 38.08 ? 111 LYS A NZ    1 
ATOM   905  N  N     . ILE A 1 124 ? -0.815  -0.859  -16.005 1.00 11.58 ? 112 ILE A N     1 
ATOM   906  C  CA    . ILE A 1 124 ? 0.401   -1.262  -15.352 1.00 12.51 ? 112 ILE A CA    1 
ATOM   907  C  C     . ILE A 1 124 ? 1.600   -0.483  -15.886 1.00 11.64 ? 112 ILE A C     1 
ATOM   908  O  O     . ILE A 1 124 ? 2.445   -0.037  -15.102 1.00 11.43 ? 112 ILE A O     1 
ATOM   909  C  CB    . ILE A 1 124 ? 0.641   -2.778  -15.513 1.00 10.60 ? 112 ILE A CB    1 
ATOM   910  C  CG1   . ILE A 1 124 ? -0.368  -3.581  -14.682 1.00 14.01 ? 112 ILE A CG1   1 
ATOM   911  C  CG2   . ILE A 1 124 ? 2.086   -3.152  -15.171 1.00 11.68 ? 112 ILE A CG2   1 
ATOM   912  C  CD1   . ILE A 1 124 ? -0.458  -5.062  -15.035 1.00 14.06 ? 112 ILE A CD1   1 
ATOM   913  N  N     . LYS A 1 125 ? 1.695   -0.320  -17.201 1.00 11.04 ? 113 LYS A N     1 
ATOM   914  C  CA    . LYS A 1 125 ? 2.886   0.261   -17.839 1.00 12.00 ? 113 LYS A CA    1 
ATOM   915  C  C     . LYS A 1 125 ? 3.267   1.642   -17.285 1.00 11.84 ? 113 LYS A C     1 
ATOM   916  O  O     . LYS A 1 125 ? 4.454   1.910   -17.009 1.00 11.25 ? 113 LYS A O     1 
ATOM   917  C  CB    . LYS A 1 125 ? 2.697   0.265   -19.356 1.00 14.20 ? 113 LYS A CB    1 
ATOM   918  C  CG    . LYS A 1 125 ? 3.821   0.926   -20.127 1.00 18.66 ? 113 LYS A CG    1 
ATOM   919  C  CD    . LYS A 1 125 ? 3.727   0.640   -21.630 1.00 23.91 ? 113 LYS A CD    1 
ATOM   920  C  CE    . LYS A 1 125 ? 2.757   1.578   -22.335 1.00 33.84 ? 113 LYS A CE    1 
ATOM   921  N  N     . ILE A 1 126 ? 2.266   2.509   -17.122 1.00 10.13 ? 114 ILE A N     1 
ATOM   922  C  CA    . ILE A 1 126 ? 2.534   3.914   -16.712 1.00 9.82  ? 114 ILE A CA    1 
ATOM   923  C  C     . ILE A 1 126 ? 3.062   3.945   -15.267 1.00 10.09 ? 114 ILE A C     1 
ATOM   924  O  O     . ILE A 1 126 ? 3.892   4.762   -14.893 1.00 10.95 ? 114 ILE A O     1 
ATOM   925  C  CB    . ILE A 1 126 ? 1.344   4.881   -16.958 1.00 11.59 ? 114 ILE A CB    1 
ATOM   926  C  CG1   . ILE A 1 126 ? 1.811   6.317   -16.743 1.00 13.57 ? 114 ILE A CG1   1 
ATOM   927  C  CG2   . ILE A 1 126 ? 0.179   4.620   -16.069 1.00 12.34 ? 114 ILE A CG2   1 
ATOM   928  C  CD1   . ILE A 1 126 ? 2.876   6.778   -17.732 1.00 18.50 ? 114 ILE A CD1   1 
ATOM   929  N  N     . PHE A 1 127 ? 2.593   3.023   -14.422 1.00 10.65 ? 115 PHE A N     1 
ATOM   930  C  CA    . PHE A 1 127 ? 3.145   2.902   -13.078 1.00 9.83  ? 115 PHE A CA    1 
ATOM   931  C  C     . PHE A 1 127 ? 4.616   2.418   -13.163 1.00 8.92  ? 115 PHE A C     1 
ATOM   932  O  O     . PHE A 1 127 ? 5.503   3.038   -12.564 1.00 9.28  ? 115 PHE A O     1 
ATOM   933  C  CB    . PHE A 1 127 ? 2.344   1.883   -12.261 1.00 8.86  ? 115 PHE A CB    1 
ATOM   934  C  CG    . PHE A 1 127 ? 1.022   2.361   -11.700 1.00 8.22  ? 115 PHE A CG    1 
ATOM   935  C  CD1   . PHE A 1 127 ? -0.102  2.358   -12.494 1.00 10.62 ? 115 PHE A CD1   1 
ATOM   936  C  CD2   . PHE A 1 127 ? 0.910   2.729   -10.393 1.00 8.98  ? 115 PHE A CD2   1 
ATOM   937  C  CE1   . PHE A 1 127 ? -1.355  2.751   -11.984 1.00 10.65 ? 115 PHE A CE1   1 
ATOM   938  C  CE2   . PHE A 1 127 ? -0.314  3.131   -9.874  1.00 10.20 ? 115 PHE A CE2   1 
ATOM   939  C  CZ    . PHE A 1 127 ? -1.450  3.136   -10.639 1.00 10.85 ? 115 PHE A CZ    1 
ATOM   940  N  N     . GLU A 1 128 ? 4.864   1.347   -13.904 1.00 8.70  ? 116 GLU A N     1 
ATOM   941  C  CA    . GLU A 1 128 ? 6.198   0.755   -13.965 1.00 11.94 ? 116 GLU A CA    1 
ATOM   942  C  C     . GLU A 1 128 ? 7.232   1.655   -14.626 1.00 11.39 ? 116 GLU A C     1 
ATOM   943  O  O     . GLU A 1 128 ? 8.379   1.696   -14.185 1.00 11.43 ? 116 GLU A O     1 
ATOM   944  C  CB    . GLU A 1 128 ? 6.122   -0.619  -14.640 1.00 12.17 ? 116 GLU A CB    1 
ATOM   945  C  CG    . GLU A 1 128 ? 5.326   -1.606  -13.765 1.00 13.13 ? 116 GLU A CG    1 
ATOM   946  C  CD    . GLU A 1 128 ? 5.439   -3.057  -14.166 1.00 23.03 ? 116 GLU A CD    1 
ATOM   947  O  OE1   . GLU A 1 128 ? 5.928   -3.362  -15.277 1.00 24.33 ? 116 GLU A OE1   1 
ATOM   948  O  OE2   . GLU A 1 128 ? 5.010   -3.906  -13.327 1.00 21.10 ? 116 GLU A OE2   1 
ATOM   949  N  N     . GLU A 1 129 ? 6.804   2.477   -15.591 1.00 9.65  ? 117 GLU A N     1 
ATOM   950  C  CA    . GLU A 1 129 ? 7.728   3.444   -16.259 1.00 11.71 ? 117 GLU A CA    1 
ATOM   951  C  C     . GLU A 1 129 ? 8.155   4.544   -15.265 1.00 9.84  ? 117 GLU A C     1 
ATOM   952  O  O     . GLU A 1 129 ? 9.111   5.285   -15.512 1.00 11.84 ? 117 GLU A O     1 
ATOM   953  C  CB    . GLU A 1 129 ? 7.029   4.104   -17.424 1.00 11.95 ? 117 GLU A CB    1 
ATOM   954  C  CG    . GLU A 1 129 ? 6.858   3.231   -18.621 1.00 16.29 ? 117 GLU A CG    1 
ATOM   955  C  CD    . GLU A 1 129 ? 6.032   3.882   -19.750 1.00 19.85 ? 117 GLU A CD    1 
ATOM   956  O  OE1   . GLU A 1 129 ? 5.329   4.928   -19.552 1.00 17.55 ? 117 GLU A OE1   1 
ATOM   957  O  OE2   . GLU A 1 129 ? 6.060   3.280   -20.854 1.00 27.45 ? 117 GLU A OE2   1 
ATOM   958  N  N     . ASN A 1 130 ? 7.421   4.694   -14.185 1.00 8.88  ? 118 ASN A N     1 
ATOM   959  C  CA    . ASN A 1 130 ? 7.710   5.619   -13.090 1.00 8.59  ? 118 ASN A CA    1 
ATOM   960  C  C     . ASN A 1 130 ? 8.295   4.961   -11.826 1.00 11.50 ? 118 ASN A C     1 
ATOM   961  O  O     . ASN A 1 130 ? 8.354   5.578   -10.769 1.00 11.73 ? 118 ASN A O     1 
ATOM   962  C  CB    . ASN A 1 130 ? 6.451   6.435   -12.778 1.00 8.38  ? 118 ASN A CB    1 
ATOM   963  C  CG    . ASN A 1 130 ? 6.231   7.535   -13.826 1.00 10.07 ? 118 ASN A CG    1 
ATOM   964  O  OD1   . ASN A 1 130 ? 7.016   8.490   -13.911 1.00 10.04 ? 118 ASN A OD1   1 
ATOM   965  N  ND2   . ASN A 1 130 ? 5.253   7.320   -14.710 1.00 9.55  ? 118 ASN A ND2   1 
ATOM   966  N  N     . GLY A 1 131 ? 8.753   3.731   -11.981 1.00 10.37 ? 119 GLY A N     1 
ATOM   967  C  CA    . GLY A 1 131 ? 9.462   3.046   -10.926 1.00 9.34  ? 119 GLY A CA    1 
ATOM   968  C  C     . GLY A 1 131 ? 8.598   2.555   -9.815  1.00 10.05 ? 119 GLY A C     1 
ATOM   969  O  O     . GLY A 1 131 ? 9.116   2.279   -8.723  1.00 11.36 ? 119 GLY A O     1 
ATOM   970  N  N     . ILE A 1 132 ? 7.292   2.426   -10.071 1.00 9.14  ? 120 ILE A N     1 
ATOM   971  C  CA    . ILE A 1 132 ? 6.337   1.925   -9.073  1.00 8.48  ? 120 ILE A CA    1 
ATOM   972  C  C     . ILE A 1 132 ? 6.058   0.459   -9.349  1.00 11.07 ? 120 ILE A C     1 
ATOM   973  O  O     . ILE A 1 132 ? 5.722   0.072   -10.486 1.00 10.84 ? 120 ILE A O     1 
ATOM   974  C  CB    . ILE A 1 132 ? 5.006   2.708   -9.125  1.00 9.41  ? 120 ILE A CB    1 
ATOM   975  C  CG1   . ILE A 1 132 ? 5.282   4.198   -8.861  1.00 11.54 ? 120 ILE A CG1   1 
ATOM   976  C  CG2   . ILE A 1 132 ? 4.002   2.163   -8.143  1.00 10.53 ? 120 ILE A CG2   1 
ATOM   977  C  CD1   . ILE A 1 132 ? 4.369   5.109   -9.584  1.00 14.53 ? 120 ILE A CD1   1 
ATOM   978  N  N     . LYS A 1 133 ? 6.260   -0.377  -8.335  1.00 9.94  ? 121 LYS A N     1 
ATOM   979  C  CA    . LYS A 1 133 ? 6.018   -1.820  -8.453  1.00 10.07 ? 121 LYS A CA    1 
ATOM   980  C  C     . LYS A 1 133 ? 4.506   -2.023  -8.421  1.00 9.57  ? 121 LYS A C     1 
ATOM   981  O  O     . LYS A 1 133 ? 3.786   -1.247  -7.770  1.00 11.02 ? 121 LYS A O     1 
ATOM   982  C  CB    . LYS A 1 133 ? 6.728   -2.587  -7.363  1.00 8.28  ? 121 LYS A CB    1 
ATOM   983  C  CG    . LYS A 1 133 ? 8.259   -2.337  -7.336  1.00 14.91 ? 121 LYS A CG    1 
ATOM   984  C  CD    A LYS A 1 133 ? 8.865   -2.833  -5.999  0.40 20.48 ? 121 LYS A CD    1 
ATOM   985  C  CD    B LYS A 1 133 ? 8.934   -2.890  -6.093  0.35 20.88 ? 121 LYS A CD    1 
ATOM   986  C  CD    C LYS A 1 133 ? 8.949   -2.821  -6.070  0.25 22.27 ? 121 LYS A CD    1 
ATOM   987  C  CE    A LYS A 1 133 ? 10.380  -2.573  -5.872  0.40 16.64 ? 121 LYS A CE    1 
ATOM   988  C  CE    B LYS A 1 133 ? 10.422  -3.122  -6.361  0.35 18.38 ? 121 LYS A CE    1 
ATOM   989  C  CE    C LYS A 1 133 ? 10.329  -2.159  -5.946  0.25 22.57 ? 121 LYS A CE    1 
ATOM   990  N  NZ    A LYS A 1 133 ? 10.744  -1.192  -5.451  0.40 16.46 ? 121 LYS A NZ    1 
ATOM   991  N  NZ    B LYS A 1 133 ? 11.148  -3.612  -5.141  0.35 16.96 ? 121 LYS A NZ    1 
ATOM   992  N  NZ    C LYS A 1 133 ? 10.953  -1.928  -7.293  0.25 22.65 ? 121 LYS A NZ    1 
ATOM   993  N  N     . THR A 1 134 ? 4.004   -3.024  -9.169  1.00 9.74  ? 122 THR A N     1 
ATOM   994  C  CA    . THR A 1 134 ? 2.559   -3.233  -9.285  1.00 9.50  ? 122 THR A CA    1 
ATOM   995  C  C     . THR A 1 134 ? 2.108   -4.606  -8.837  1.00 9.17  ? 122 THR A C     1 
ATOM   996  O  O     . THR A 1 134 ? 2.785   -5.615  -9.073  1.00 11.48 ? 122 THR A O     1 
ATOM   997  C  CB    . THR A 1 134 ? 2.084   -2.983  -10.736 1.00 13.17 ? 122 THR A CB    1 
ATOM   998  O  OG1   . THR A 1 134 ? 2.741   -3.876  -11.657 1.00 12.88 ? 122 THR A OG1   1 
ATOM   999  C  CG2   . THR A 1 134 ? 2.366   -1.548  -11.125 1.00 12.53 ? 122 THR A CG2   1 
ATOM   1000 N  N     . ILE A 1 135 ? 0.931   -4.636  -8.235  1.00 10.97 ? 123 ILE A N     1 
ATOM   1001 C  CA    . ILE A 1 135 ? 0.243   -5.877  -7.960  1.00 9.89  ? 123 ILE A CA    1 
ATOM   1002 C  C     . ILE A 1 135 ? -1.081  -5.752  -8.706  1.00 11.92 ? 123 ILE A C     1 
ATOM   1003 O  O     . ILE A 1 135 ? -1.959  -4.960  -8.322  1.00 10.81 ? 123 ILE A O     1 
ATOM   1004 C  CB    . ILE A 1 135 ? -0.027  -6.069  -6.489  1.00 14.64 ? 123 ILE A CB    1 
ATOM   1005 C  CG1   . ILE A 1 135 ? 1.302   -6.130  -5.729  1.00 20.00 ? 123 ILE A CG1   1 
ATOM   1006 C  CG2   . ILE A 1 135 ? -0.869  -7.339  -6.258  1.00 18.89 ? 123 ILE A CG2   1 
ATOM   1007 C  CD1   . ILE A 1 135 ? 1.141   -6.134  -4.230  1.00 24.70 ? 123 ILE A CD1   1 
ATOM   1008 N  N     . CYS A 1 136 ? -1.230  -6.531  -9.751  1.00 11.39 ? 124 CYS A N     1 
ATOM   1009 C  CA    . CYS A 1 136 ? -2.469  -6.559  -10.542 1.00 13.45 ? 124 CYS A CA    1 
ATOM   1010 C  C     . CYS A 1 136 ? -3.088  -7.936  -10.369 1.00 13.34 ? 124 CYS A C     1 
ATOM   1011 O  O     . CYS A 1 136 ? -2.533  -8.928  -10.815 1.00 13.72 ? 124 CYS A O     1 
ATOM   1012 C  CB    . CYS A 1 136 ? -2.172  -6.295  -12.002 1.00 14.63 ? 124 CYS A CB    1 
ATOM   1013 S  SG    . CYS A 1 136 ? -3.597  -6.511  -13.086 1.00 17.93 ? 124 CYS A SG    1 
ATOM   1014 N  N     . PRO A 1 137 ? -4.190  -8.021  -9.620  1.00 14.23 ? 125 PRO A N     1 
ATOM   1015 C  CA    . PRO A 1 137 ? -4.769  -9.337  -9.310  1.00 15.25 ? 125 PRO A CA    1 
ATOM   1016 C  C     . PRO A 1 137 ? -4.987  -10.248 -10.505 1.00 14.25 ? 125 PRO A C     1 
ATOM   1017 O  O     . PRO A 1 137 ? -4.649  -11.441 -10.433 1.00 15.75 ? 125 PRO A O     1 
ATOM   1018 C  CB    . PRO A 1 137 ? -6.073  -8.963  -8.602  1.00 16.19 ? 125 PRO A CB    1 
ATOM   1019 C  CG    . PRO A 1 137 ? -5.706  -7.658  -7.901  1.00 16.63 ? 125 PRO A CG    1 
ATOM   1020 C  CD    . PRO A 1 137 ? -4.911  -6.923  -8.923  1.00 14.71 ? 125 PRO A CD    1 
ATOM   1021 N  N     . ALA A 1 138 ? -5.555  -9.738  -11.600 1.00 15.58 ? 126 ALA A N     1 
ATOM   1022 C  CA    . ALA A 1 138 ? -5.802  -10.593 -12.762 1.00 14.35 ? 126 ALA A CA    1 
ATOM   1023 C  C     . ALA A 1 138 ? -4.513  -11.169 -13.298 1.00 15.44 ? 126 ALA A C     1 
ATOM   1024 O  O     . ALA A 1 138 ? -4.455  -12.343 -13.668 1.00 15.17 ? 126 ALA A O     1 
ATOM   1025 C  CB    . ALA A 1 138 ? -6.527  -9.843  -13.828 1.00 15.15 ? 126 ALA A CB    1 
ATOM   1026 N  N     . VAL A 1 139 ? -3.500  -10.329 -13.399 1.00 15.47 ? 127 VAL A N     1 
ATOM   1027 C  CA    . VAL A 1 139 ? -2.200  -10.764 -13.948 1.00 13.94 ? 127 VAL A CA    1 
ATOM   1028 C  C     . VAL A 1 139 ? -1.565  -11.800 -13.029 1.00 14.94 ? 127 VAL A C     1 
ATOM   1029 O  O     . VAL A 1 139 ? -1.015  -12.806 -13.506 1.00 16.24 ? 127 VAL A O     1 
ATOM   1030 C  CB    . VAL A 1 139 ? -1.257  -9.557  -14.215 1.00 14.94 ? 127 VAL A CB    1 
ATOM   1031 C  CG1   . VAL A 1 139 ? 0.160   -10.014 -14.495 1.00 16.95 ? 127 VAL A CG1   1 
ATOM   1032 C  CG2   . VAL A 1 139 ? -1.754  -8.786  -15.370 1.00 15.78 ? 127 VAL A CG2   1 
ATOM   1033 N  N     . LEU A 1 140 ? -1.630  -11.556 -11.729 1.00 15.22 ? 128 LEU A N     1 
ATOM   1034 C  CA    A LEU A 1 140 ? -1.060  -12.448 -10.761 0.67 15.37 ? 128 LEU A CA    1 
ATOM   1035 C  CA    B LEU A 1 140 ? -1.071  -12.476 -10.735 0.33 14.88 ? 128 LEU A CA    1 
ATOM   1036 C  C     . LEU A 1 140 ? -1.714  -13.858 -10.809 1.00 15.31 ? 128 LEU A C     1 
ATOM   1037 O  O     . LEU A 1 140 ? -1.020  -14.894 -10.739 1.00 17.02 ? 128 LEU A O     1 
ATOM   1038 C  CB    A LEU A 1 140 ? -1.204  -11.820 -9.391  0.67 17.56 ? 128 LEU A CB    1 
ATOM   1039 C  CB    B LEU A 1 140 ? -1.254  -11.954 -9.314  0.33 15.63 ? 128 LEU A CB    1 
ATOM   1040 C  CG    A LEU A 1 140 ? -0.367  -12.348 -8.249  0.67 19.47 ? 128 LEU A CG    1 
ATOM   1041 C  CG    B LEU A 1 140 ? -0.353  -10.839 -8.787  0.33 12.53 ? 128 LEU A CG    1 
ATOM   1042 C  CD1   A LEU A 1 140 ? 1.108   -12.291 -8.581  0.67 27.95 ? 128 LEU A CD1   1 
ATOM   1043 C  CD1   B LEU A 1 140 ? -0.781  -10.515 -7.377  0.33 10.90 ? 128 LEU A CD1   1 
ATOM   1044 C  CD2   A LEU A 1 140 ? -0.653  -11.566 -6.994  0.67 18.56 ? 128 LEU A CD2   1 
ATOM   1045 C  CD2   B LEU A 1 140 ? 1.090   -11.260 -8.813  0.33 15.90 ? 128 LEU A CD2   1 
ATOM   1046 N  N     . MET A 1 141 ? -3.044  -13.894 -10.955 1.00 15.12 ? 129 MET A N     1 
ATOM   1047 C  CA    A MET A 1 141 ? -3.763  -15.171 -11.034 0.50 15.95 ? 129 MET A CA    1 
ATOM   1048 C  CA    B MET A 1 141 ? -3.791  -15.168 -11.078 0.50 16.41 ? 129 MET A CA    1 
ATOM   1049 C  C     . MET A 1 141 ? -3.382  -15.921 -12.333 1.00 17.18 ? 129 MET A C     1 
ATOM   1050 O  O     . MET A 1 141 ? -3.077  -17.113 -12.300 1.00 17.23 ? 129 MET A O     1 
ATOM   1051 C  CB    A MET A 1 141 ? -5.276  -14.959 -10.914 0.50 14.91 ? 129 MET A CB    1 
ATOM   1052 C  CB    B MET A 1 141 ? -5.297  -14.939 -11.157 0.50 17.44 ? 129 MET A CB    1 
ATOM   1053 C  CG    A MET A 1 141 ? -5.708  -14.163 -9.675  0.50 19.05 ? 129 MET A CG    1 
ATOM   1054 C  CG    B MET A 1 141 ? -5.887  -14.337 -9.947  0.50 18.38 ? 129 MET A CG    1 
ATOM   1055 S  SD    A MET A 1 141 ? -5.638  -15.118 -8.148  0.50 31.27 ? 129 MET A SD    1 
ATOM   1056 S  SD    B MET A 1 141 ? -5.775  -15.518 -8.609  0.50 21.09 ? 129 MET A SD    1 
ATOM   1057 C  CE    A MET A 1 141 ? -6.755  -16.463 -8.567  0.50 35.17 ? 129 MET A CE    1 
ATOM   1058 C  CE    B MET A 1 141 ? -6.501  -14.542 -7.290  0.50 25.34 ? 129 MET A CE    1 
ATOM   1059 N  N     . ILE A 1 142 ? -3.373  -15.225 -13.461 1.00 15.46 ? 130 ILE A N     1 
ATOM   1060 C  CA    . ILE A 1 142 ? -3.014  -15.837 -14.754 1.00 14.35 ? 130 ILE A CA    1 
ATOM   1061 C  C     . ILE A 1 142 ? -1.578  -16.342 -14.713 1.00 13.75 ? 130 ILE A C     1 
ATOM   1062 O  O     . ILE A 1 142 ? -1.297  -17.450 -15.168 1.00 15.11 ? 130 ILE A O     1 
ATOM   1063 C  CB    . ILE A 1 142 ? -3.186  -14.822 -15.907 1.00 14.39 ? 130 ILE A CB    1 
ATOM   1064 C  CG1   . ILE A 1 142 ? -4.670  -14.456 -16.155 1.00 18.81 ? 130 ILE A CG1   1 
ATOM   1065 C  CG2   . ILE A 1 142 ? -2.538  -15.315 -17.200 1.00 15.45 ? 130 ILE A CG2   1 
ATOM   1066 C  CD1   . ILE A 1 142 ? -4.847  -13.143 -17.022 1.00 23.70 ? 130 ILE A CD1   1 
ATOM   1067 N  N     . GLU A 1 143 ? -0.668  -15.557 -14.139 1.00 15.11 ? 131 GLU A N     1 
ATOM   1068 C  CA    . GLU A 1 143 ? 0.739   -15.979 -14.019 1.00 14.43 ? 131 GLU A CA    1 
ATOM   1069 C  C     . GLU A 1 143 ? 0.869   -17.274 -13.196 1.00 15.58 ? 131 GLU A C     1 
ATOM   1070 O  O     . GLU A 1 143 ? 1.603   -18.160 -13.564 1.00 16.89 ? 131 GLU A O     1 
ATOM   1071 C  CB    . GLU A 1 143 ? 1.599   -14.908 -13.349 1.00 14.60 ? 131 GLU A CB    1 
ATOM   1072 C  CG    . GLU A 1 143 ? 1.992   -13.776 -14.198 1.00 29.90 ? 131 GLU A CG    1 
ATOM   1073 C  CD    . GLU A 1 143 ? 2.876   -12.788 -13.425 1.00 42.14 ? 131 GLU A CD    1 
ATOM   1074 O  OE1   . GLU A 1 143 ? 2.796   -12.724 -12.152 1.00 42.34 ? 131 GLU A OE1   1 
ATOM   1075 O  OE2   . GLU A 1 143 ? 3.651   -12.084 -14.106 1.00 52.58 ? 131 GLU A OE2   1 
ATOM   1076 N  N     . LYS A 1 144 ? 0.112   -17.364 -12.114 1.00 14.92 ? 132 LYS A N     1 
ATOM   1077 C  CA    . LYS A 1 144 ? 0.143   -18.549 -11.254 1.00 15.03 ? 132 LYS A CA    1 
ATOM   1078 C  C     . LYS A 1 144 ? -0.432  -19.759 -11.985 1.00 14.51 ? 132 LYS A C     1 
ATOM   1079 O  O     . LYS A 1 144 ? 0.127   -20.831 -11.895 1.00 16.44 ? 132 LYS A O     1 
ATOM   1080 C  CB    . LYS A 1 144 ? -0.627  -18.249 -9.967  1.00 16.46 ? 132 LYS A CB    1 
ATOM   1081 C  CG    . LYS A 1 144 ? -0.512  -19.331 -8.902  1.00 21.57 ? 132 LYS A CG    1 
ATOM   1082 C  CD    . LYS A 1 144 ? 0.907   -19.484 -8.431  1.00 27.27 ? 132 LYS A CD    1 
ATOM   1083 C  CE    . LYS A 1 144 ? 0.982   -20.247 -7.105  1.00 34.89 ? 132 LYS A CE    1 
ATOM   1084 N  NZ    . LYS A 1 144 ? 2.322   -20.823 -6.937  1.00 33.81 ? 132 LYS A NZ    1 
ATOM   1085 N  N     . VAL A 1 145 ? -1.562  -19.597 -12.688 1.00 14.83 ? 133 VAL A N     1 
ATOM   1086 C  CA    . VAL A 1 145 ? -2.106  -20.694 -13.501 1.00 13.46 ? 133 VAL A CA    1 
ATOM   1087 C  C     . VAL A 1 145 ? -1.062  -21.159 -14.519 1.00 14.73 ? 133 VAL A C     1 
ATOM   1088 O  O     . VAL A 1 145 ? -0.808  -22.369 -14.701 1.00 16.76 ? 133 VAL A O     1 
ATOM   1089 C  CB    . VAL A 1 145 ? -3.420  -20.293 -14.185 1.00 17.17 ? 133 VAL A CB    1 
ATOM   1090 C  CG1   . VAL A 1 145 ? -3.867  -21.288 -15.262 1.00 16.58 ? 133 VAL A CG1   1 
ATOM   1091 C  CG2   . VAL A 1 145 ? -4.500  -20.125 -13.141 1.00 16.07 ? 133 VAL A CG2   1 
ATOM   1092 N  N     . LYS A 1 146 ? -0.439  -20.201 -15.200 1.00 14.47 ? 134 LYS A N     1 
ATOM   1093 C  CA    . LYS A 1 146 ? 0.574   -20.583 -16.185 1.00 16.00 ? 134 LYS A CA    1 
ATOM   1094 C  C     . LYS A 1 146 ? 1.703   -21.392 -15.557 1.00 16.34 ? 134 LYS A C     1 
ATOM   1095 O  O     . LYS A 1 146 ? 2.162   -22.362 -16.153 1.00 15.63 ? 134 LYS A O     1 
ATOM   1096 C  CB    . LYS A 1 146 ? 1.167   -19.367 -16.881 1.00 17.93 ? 134 LYS A CB    1 
ATOM   1097 C  CG    A LYS A 1 146 ? 0.275   -18.836 -17.974 0.60 22.31 ? 134 LYS A CG    1 
ATOM   1098 C  CG    B LYS A 1 146 ? 0.297   -18.723 -17.936 0.40 20.79 ? 134 LYS A CG    1 
ATOM   1099 C  CD    A LYS A 1 146 ? 1.066   -18.091 -19.040 0.60 22.48 ? 134 LYS A CD    1 
ATOM   1100 C  CD    B LYS A 1 146 ? 0.798   -17.297 -18.262 0.40 19.80 ? 134 LYS A CD    1 
ATOM   1101 C  CE    A LYS A 1 146 ? 0.143   -17.510 -20.109 0.60 28.96 ? 134 LYS A CE    1 
ATOM   1102 C  CE    B LYS A 1 146 ? 2.279   -17.291 -18.623 0.40 26.93 ? 134 LYS A CE    1 
ATOM   1103 N  N     . GLU A 1 147 ? 2.187   -20.990 -14.378 1.00 13.95 ? 135 GLU A N     1 
ATOM   1104 C  CA    . GLU A 1 147 ? 3.255   -21.733 -13.704 1.00 18.06 ? 135 GLU A CA    1 
ATOM   1105 C  C     . GLU A 1 147 ? 2.848   -23.144 -13.447 1.00 18.58 ? 135 GLU A C     1 
ATOM   1106 O  O     . GLU A 1 147 ? 3.669   -24.054 -13.576 1.00 18.46 ? 135 GLU A O     1 
ATOM   1107 C  CB    . GLU A 1 147 ? 3.670   -21.109 -12.372 1.00 19.54 ? 135 GLU A CB    1 
ATOM   1108 C  CG    . GLU A 1 147 ? 4.371   -19.814 -12.505 1.00 31.65 ? 135 GLU A CG    1 
ATOM   1109 C  CD    . GLU A 1 147 ? 4.912   -19.291 -11.167 1.00 48.83 ? 135 GLU A CD    1 
ATOM   1110 O  OE1   . GLU A 1 147 ? 4.593   -19.891 -10.101 1.00 45.87 ? 135 GLU A OE1   1 
ATOM   1111 O  OE2   . GLU A 1 147 ? 5.663   -18.278 -11.203 1.00 53.93 ? 135 GLU A OE2   1 
ATOM   1112 N  N     . PHE A 1 148 ? 1.582   -23.366 -13.095 1.00 17.35 ? 136 PHE A N     1 
ATOM   1113 C  CA    . PHE A 1 148 ? 1.113   -24.721 -12.836 1.00 17.50 ? 136 PHE A CA    1 
ATOM   1114 C  C     . PHE A 1 148 ? 0.930   -25.575 -14.098 1.00 18.93 ? 136 PHE A C     1 
ATOM   1115 O  O     . PHE A 1 148 ? 0.827   -26.785 -14.021 1.00 22.49 ? 136 PHE A O     1 
ATOM   1116 C  CB    . PHE A 1 148 ? -0.223  -24.667 -12.103 1.00 17.37 ? 136 PHE A CB    1 
ATOM   1117 C  CG    . PHE A 1 148 ? -0.126  -24.223 -10.653 1.00 18.71 ? 136 PHE A CG    1 
ATOM   1118 C  CD1   . PHE A 1 148 ? 0.954   -24.567 -9.840  1.00 19.62 ? 136 PHE A CD1   1 
ATOM   1119 C  CD2   . PHE A 1 148 ? -1.199  -23.601 -10.057 1.00 18.56 ? 136 PHE A CD2   1 
ATOM   1120 C  CE1   . PHE A 1 148 ? 0.964   -24.200 -8.486  1.00 15.66 ? 136 PHE A CE1   1 
ATOM   1121 C  CE2   . PHE A 1 148 ? -1.180  -23.241 -8.711  1.00 14.60 ? 136 PHE A CE2   1 
ATOM   1122 C  CZ    . PHE A 1 148 ? -0.077  -23.558 -7.937  1.00 14.71 ? 136 PHE A CZ    1 
ATOM   1123 N  N     . ILE A 1 149 ? 0.899   -24.962 -15.261 1.00 16.54 ? 137 ILE A N     1 
ATOM   1124 C  CA    . ILE A 1 149 ? 0.716   -25.707 -16.504 1.00 16.37 ? 137 ILE A CA    1 
ATOM   1125 C  C     . ILE A 1 149 ? 2.022   -25.847 -17.197 1.00 17.55 ? 137 ILE A C     1 
ATOM   1126 O  O     . ILE A 1 149 ? 2.405   -26.959 -17.590 1.00 16.57 ? 137 ILE A O     1 
ATOM   1127 C  CB    . ILE A 1 149 ? -0.202  -24.975 -17.453 1.00 17.85 ? 137 ILE A CB    1 
ATOM   1128 C  CG1   . ILE A 1 149 ? -1.594  -24.916 -16.868 1.00 20.68 ? 137 ILE A CG1   1 
ATOM   1129 C  CG2   . ILE A 1 149 ? -0.248  -25.692 -18.798 1.00 21.84 ? 137 ILE A CG2   1 
ATOM   1130 C  CD1   . ILE A 1 149 ? -2.530  -24.016 -17.666 1.00 20.99 ? 137 ILE A CD1   1 
ATOM   1131 N  N     . ILE A 1 150 ? 2.688   -24.717 -17.415 1.00 16.91 ? 138 ILE A N     1 
ATOM   1132 C  CA    . ILE A 1 150 ? 3.908   -24.738 -18.258 1.00 18.69 ? 138 ILE A CA    1 
ATOM   1133 C  C     . ILE A 1 150 ? 5.222   -24.756 -17.469 1.00 21.85 ? 138 ILE A C     1 
ATOM   1134 O  O     . ILE A 1 150 ? 6.275   -24.929 -18.074 1.00 24.82 ? 138 ILE A O     1 
ATOM   1135 C  CB    . ILE A 1 150 ? 3.986   -23.576 -19.317 1.00 20.78 ? 138 ILE A CB    1 
ATOM   1136 C  CG1   . ILE A 1 150 ? 4.146   -22.222 -18.667 1.00 24.68 ? 138 ILE A CG1   1 
ATOM   1137 C  CG2   . ILE A 1 150 ? 2.768   -23.565 -20.219 1.00 24.04 ? 138 ILE A CG2   1 
ATOM   1138 C  CD1   . ILE A 1 150 ? 4.219   -21.102 -19.691 1.00 31.91 ? 138 ILE A CD1   1 
ATOM   1139 N  N     . GLY A 1 151 ? 5.156   -24.599 -16.150 1.00 23.22 ? 139 GLY A N     1 
ATOM   1140 C  CA    . GLY A 1 151 ? 6.348   -24.485 -15.319 1.00 27.24 ? 139 GLY A CA    1 
ATOM   1141 C  C     . GLY A 1 151 ? 6.774   -23.038 -15.088 1.00 31.06 ? 139 GLY A C     1 
ATOM   1142 O  O     . GLY A 1 151 ? 6.243   -22.097 -15.710 1.00 30.79 ? 139 GLY A O     1 
ATOM   1143 N  N     . SER A 1 152 ? 7.746   -22.849 -14.193 1.00 34.66 ? 140 SER A N     1 
ATOM   1144 C  CA    . SER A 1 152 ? 8.241   -21.510 -13.861 1.00 35.09 ? 140 SER A CA    1 
HETATM 1145 NA NA    . NA  B 2 .   ? 7.713   9.847   -15.775 1.00 18.72 ? 144 NA  A NA    1 
HETATM 1146 P  P     . AMP C 3 .   ? -10.732 -3.259  -0.500  1.00 23.82 ? 301 AMP A P     1 
HETATM 1147 O  O1P   . AMP C 3 .   ? -11.353 -4.240  0.509   1.00 22.18 ? 301 AMP A O1P   1 
HETATM 1148 O  O2P   . AMP C 3 .   ? -9.224  -3.471  -0.573  1.00 26.13 ? 301 AMP A O2P   1 
HETATM 1149 O  O3P   . AMP C 3 .   ? -11.360 -3.168  -1.897  1.00 24.97 ? 301 AMP A O3P   1 
HETATM 1150 O  "O5'" . AMP C 3 .   ? -10.930 -1.790  0.104   1.00 23.89 ? 301 AMP A "O5'" 1 
HETATM 1151 C  "C5'" . AMP C 3 .   ? -10.451 -0.592  -0.508  1.00 23.53 ? 301 AMP A "C5'" 1 
HETATM 1152 C  "C4'" . AMP C 3 .   ? -10.208 0.436   0.607   1.00 19.81 ? 301 AMP A "C4'" 1 
HETATM 1153 O  "O4'" . AMP C 3 .   ? -9.689  1.626   0.036   1.00 20.75 ? 301 AMP A "O4'" 1 
HETATM 1154 C  "C3'" . AMP C 3 .   ? -11.511 0.791   1.377   1.00 20.70 ? 301 AMP A "C3'" 1 
HETATM 1155 O  "O3'" . AMP C 3 .   ? -11.369 0.592   2.805   1.00 21.43 ? 301 AMP A "O3'" 1 
HETATM 1156 C  "C2'" . AMP C 3 .   ? -11.774 2.233   0.951   1.00 20.24 ? 301 AMP A "C2'" 1 
HETATM 1157 O  "O2'" . AMP C 3 .   ? -12.501 3.095   1.879   1.00 23.11 ? 301 AMP A "O2'" 1 
HETATM 1158 C  "C1'" . AMP C 3 .   ? -10.343 2.739   0.639   1.00 20.83 ? 301 AMP A "C1'" 1 
HETATM 1159 N  N9    . AMP C 3 .   ? -10.305 3.888   -0.247  1.00 20.88 ? 301 AMP A N9    1 
HETATM 1160 C  C8    . AMP C 3 .   ? -10.909 4.020   -1.450  1.00 21.01 ? 301 AMP A C8    1 
HETATM 1161 N  N7    . AMP C 3 .   ? -10.663 5.249   -1.961  1.00 22.69 ? 301 AMP A N7    1 
HETATM 1162 C  C5    . AMP C 3 .   ? -9.915  5.914   -1.051  1.00 20.37 ? 301 AMP A C5    1 
HETATM 1163 C  C6    . AMP C 3 .   ? -9.378  7.271   -1.004  1.00 21.45 ? 301 AMP A C6    1 
HETATM 1164 N  N6    . AMP C 3 .   ? -9.566  8.156   -1.998  1.00 25.52 ? 301 AMP A N6    1 
HETATM 1165 N  N1    . AMP C 3 .   ? -8.671  7.607   0.116   1.00 22.72 ? 301 AMP A N1    1 
HETATM 1166 C  C2    . AMP C 3 .   ? -8.463  6.693   1.100   1.00 23.26 ? 301 AMP A C2    1 
HETATM 1167 N  N3    . AMP C 3 .   ? -8.957  5.417   1.150   1.00 19.51 ? 301 AMP A N3    1 
HETATM 1168 C  C4    . AMP C 3 .   ? -9.689  5.018   0.060   1.00 18.44 ? 301 AMP A C4    1 
HETATM 1169 C  C1    . MPD D 4 .   ? -3.256  9.760   -14.784 1.00 47.46 ? 302 MPD A C1    1 
HETATM 1170 C  C2    . MPD D 4 .   ? -3.293  8.731   -15.905 1.00 46.50 ? 302 MPD A C2    1 
HETATM 1171 O  O2    . MPD D 4 .   ? -4.662  8.687   -16.379 1.00 53.81 ? 302 MPD A O2    1 
HETATM 1172 C  CM    . MPD D 4 .   ? -2.391  9.202   -17.037 1.00 49.42 ? 302 MPD A CM    1 
HETATM 1173 C  C3    . MPD D 4 .   ? -2.861  7.339   -15.441 1.00 38.94 ? 302 MPD A C3    1 
HETATM 1174 C  C4    . MPD D 4 .   ? -3.903  6.591   -14.635 1.00 36.76 ? 302 MPD A C4    1 
HETATM 1175 O  O4    . MPD D 4 .   ? -4.992  6.194   -15.441 1.00 38.86 ? 302 MPD A O4    1 
HETATM 1176 C  C5    . MPD D 4 .   ? -3.294  5.298   -14.109 1.00 32.40 ? 302 MPD A C5    1 
HETATM 1177 C  C1    . MPD E 4 .   ? 4.642   -9.360  6.370   1.00 53.67 ? 303 MPD A C1    1 
HETATM 1178 C  C2    . MPD E 4 .   ? 4.626   -8.616  5.038   1.00 54.94 ? 303 MPD A C2    1 
HETATM 1179 O  O2    . MPD E 4 .   ? 5.739   -9.114  4.244   1.00 60.49 ? 303 MPD A O2    1 
HETATM 1180 C  CM    . MPD E 4 .   ? 3.321   -8.911  4.292   1.00 52.99 ? 303 MPD A CM    1 
HETATM 1181 C  C3    . MPD E 4 .   ? 4.740   -7.103  5.205   1.00 46.67 ? 303 MPD A C3    1 
HETATM 1182 C  C4    . MPD E 4 .   ? 6.137   -6.644  5.579   1.00 47.21 ? 303 MPD A C4    1 
HETATM 1183 O  O4    . MPD E 4 .   ? 6.205   -5.243  5.450   1.00 54.66 ? 303 MPD A O4    1 
HETATM 1184 C  C5    . MPD E 4 .   ? 6.456   -7.017  7.011   1.00 36.59 ? 303 MPD A C5    1 
HETATM 1185 O  O     . HOH F 5 .   ? -7.210  -2.288  0.856   1.00 19.11 ? 304 HOH A O     1 
HETATM 1186 O  O     . HOH F 5 .   ? 5.572   9.283   -16.905 1.00 19.81 ? 305 HOH A O     1 
HETATM 1187 O  O     . HOH F 5 .   ? 9.488   1.315   -6.117  1.00 20.98 ? 306 HOH A O     1 
HETATM 1188 O  O     . HOH F 5 .   ? -0.288  2.266   -18.817 1.00 24.40 ? 307 HOH A O     1 
HETATM 1189 O  O     . HOH F 5 .   ? 8.501   7.872   -16.875 1.00 25.14 ? 308 HOH A O     1 
HETATM 1190 O  O     . HOH F 5 .   ? 0.259   -2.190  -19.129 1.00 25.27 ? 309 HOH A O     1 
HETATM 1191 O  O     . HOH F 5 .   ? 6.163   -4.501  -10.843 1.00 25.52 ? 310 HOH A O     1 
HETATM 1192 O  O     . HOH F 5 .   ? -7.024  -7.171  -11.766 1.00 26.32 ? 311 HOH A O     1 
HETATM 1193 O  O     . HOH F 5 .   ? 11.155  7.002   -11.683 1.00 26.40 ? 312 HOH A O     1 
HETATM 1194 O  O     . HOH F 5 .   ? 1.066   -8.190  -10.641 1.00 27.36 ? 313 HOH A O     1 
HETATM 1195 O  O     . HOH F 5 .   ? 12.283  10.295  1.442   1.00 27.75 ? 314 HOH A O     1 
HETATM 1196 O  O     . HOH F 5 .   ? 6.281   7.350   -18.903 1.00 27.82 ? 315 HOH A O     1 
HETATM 1197 O  O     . HOH F 5 .   ? -10.013 1.831   -10.686 1.00 28.38 ? 316 HOH A O     1 
HETATM 1198 O  O     . HOH F 5 .   ? 9.928   10.007  -14.774 1.00 29.23 ? 317 HOH A O     1 
HETATM 1199 O  O     . HOH F 5 .   ? 10.608  15.600  10.522  1.00 29.32 ? 318 HOH A O     1 
HETATM 1200 O  O     . HOH F 5 .   ? 12.367  3.157   -0.047  1.00 29.67 ? 319 HOH A O     1 
HETATM 1201 O  O     . HOH F 5 .   ? 10.280  2.020   13.466  1.00 29.92 ? 320 HOH A O     1 
HETATM 1202 O  O     . HOH F 5 .   ? 12.593  10.954  -6.619  1.00 30.66 ? 321 HOH A O     1 
HETATM 1203 O  O     . HOH F 5 .   ? 12.302  6.744   8.817   1.00 31.15 ? 322 HOH A O     1 
HETATM 1204 O  O     . HOH F 5 .   ? -5.230  -9.758  8.718   1.00 32.46 ? 323 HOH A O     1 
HETATM 1205 O  O     . HOH F 5 .   ? 3.305   -0.043  13.953  1.00 32.56 ? 324 HOH A O     1 
HETATM 1206 O  O     . HOH F 5 .   ? -4.767  17.455  -4.109  1.00 33.15 ? 325 HOH A O     1 
HETATM 1207 O  O     . HOH F 5 .   ? 2.860   -7.102  -14.788 1.00 33.84 ? 326 HOH A O     1 
HETATM 1208 O  O     . HOH F 5 .   ? -8.160  -9.401  4.558   1.00 33.85 ? 327 HOH A O     1 
HETATM 1209 O  O     . HOH F 5 .   ? -8.569  -5.701  -1.283  1.00 34.03 ? 328 HOH A O     1 
HETATM 1210 O  O     . HOH F 5 .   ? -1.004  -6.585  14.103  1.00 34.92 ? 329 HOH A O     1 
HETATM 1211 O  O     . HOH F 5 .   ? -9.075  0.999   -13.404 1.00 34.99 ? 330 HOH A O     1 
HETATM 1212 O  O     . HOH F 5 .   ? 1.531   16.342  -6.613  1.00 35.00 ? 331 HOH A O     1 
HETATM 1213 O  O     . HOH F 5 .   ? -9.572  4.765   -11.433 1.00 35.18 ? 332 HOH A O     1 
HETATM 1214 O  O     . HOH F 5 .   ? 3.469   12.969  4.503   1.00 35.48 ? 333 HOH A O     1 
HETATM 1215 O  O     . HOH F 5 .   ? -6.922  11.149  11.267  1.00 35.63 ? 334 HOH A O     1 
HETATM 1216 O  O     . HOH F 5 .   ? -4.334  9.829   -11.141 1.00 35.68 ? 335 HOH A O     1 
HETATM 1217 O  O     . HOH F 5 .   ? 2.569   -10.213 -11.373 1.00 35.88 ? 336 HOH A O     1 
HETATM 1218 O  O     . HOH F 5 .   ? 12.003  1.646   -8.830  1.00 35.88 ? 337 HOH A O     1 
HETATM 1219 O  O     . HOH F 5 .   ? -9.614  14.337  3.380   1.00 35.90 ? 338 HOH A O     1 
HETATM 1220 O  O     . HOH F 5 .   ? 3.758   14.549  7.987   1.00 37.02 ? 339 HOH A O     1 
HETATM 1221 O  O     . HOH F 5 .   ? -4.177  16.187  -8.980  1.00 37.22 ? 340 HOH A O     1 
HETATM 1222 O  O     . HOH F 5 .   ? 13.166  5.634   0.183   1.00 37.32 ? 341 HOH A O     1 
HETATM 1223 O  O     . HOH F 5 .   ? 2.630   -3.716  -18.962 1.00 37.38 ? 342 HOH A O     1 
HETATM 1224 O  O     . HOH F 5 .   ? 5.042   15.053  5.114   1.00 38.20 ? 343 HOH A O     1 
HETATM 1225 O  O     . HOH F 5 .   ? 12.367  7.277   1.876   1.00 38.43 ? 344 HOH A O     1 
HETATM 1226 O  O     . HOH F 5 .   ? 1.552   -15.117 -9.836  1.00 38.58 ? 345 HOH A O     1 
HETATM 1227 O  O     . HOH F 5 .   ? -2.846  -10.243 8.194   1.00 38.64 ? 346 HOH A O     1 
HETATM 1228 O  O     . HOH F 5 .   ? -7.413  -8.458  7.051   1.00 38.85 ? 347 HOH A O     1 
HETATM 1229 O  O     . HOH F 5 .   ? -0.104  -1.343  -21.681 1.00 39.11 ? 348 HOH A O     1 
HETATM 1230 O  O     . HOH F 5 .   ? 3.853   -17.628 -14.969 1.00 39.69 ? 349 HOH A O     1 
HETATM 1231 O  O     . HOH F 5 .   ? -0.824  17.947  -5.873  1.00 39.90 ? 350 HOH A O     1 
HETATM 1232 O  O     . HOH F 5 .   ? 6.870   12.884  10.354  1.00 40.15 ? 351 HOH A O     1 
HETATM 1233 O  O     . HOH F 5 .   ? -10.639 7.867   -4.674  1.00 40.78 ? 352 HOH A O     1 
HETATM 1234 O  O     . HOH F 5 .   ? -13.419 -3.318  1.886   1.00 40.83 ? 353 HOH A O     1 
HETATM 1235 O  O     . HOH F 5 .   ? -13.007 -1.171  3.824   1.00 40.88 ? 354 HOH A O     1 
HETATM 1236 O  O     . HOH F 5 .   ? 12.890  3.983   9.133   1.00 41.04 ? 355 HOH A O     1 
HETATM 1237 O  O     . HOH F 5 .   ? -5.145  19.025  -0.494  1.00 42.01 ? 356 HOH A O     1 
HETATM 1238 O  O     . HOH F 5 .   ? 4.699   -6.890  -10.992 1.00 42.02 ? 357 HOH A O     1 
HETATM 1239 O  O     . HOH F 5 .   ? -8.312  -9.066  16.569  1.00 42.07 ? 358 HOH A O     1 
HETATM 1240 O  O     . HOH F 5 .   ? 5.163   -6.336  -13.817 1.00 42.31 ? 359 HOH A O     1 
HETATM 1241 O  O     . HOH F 5 .   ? -6.023  14.244  -7.229  1.00 42.55 ? 360 HOH A O     1 
HETATM 1242 O  O     . HOH F 5 .   ? 6.716   10.476  10.981  1.00 43.20 ? 361 HOH A O     1 
HETATM 1243 O  O     . HOH F 5 .   ? -12.434 11.016  4.849   1.00 43.28 ? 362 HOH A O     1 
HETATM 1244 O  O     . HOH F 5 .   ? -9.035  -8.128  9.319   1.00 43.58 ? 363 HOH A O     1 
HETATM 1245 O  O     . HOH F 5 .   ? 11.223  -5.156  12.538  1.00 43.84 ? 364 HOH A O     1 
HETATM 1246 O  O     . HOH F 5 .   ? 11.597  5.584   -13.874 1.00 43.95 ? 365 HOH A O     1 
HETATM 1247 O  O     . HOH F 5 .   ? 1.194   -6.235  15.841  1.00 44.37 ? 366 HOH A O     1 
HETATM 1248 O  O     . HOH F 5 .   ? 0.883   3.626   -20.952 1.00 45.03 ? 367 HOH A O     1 
HETATM 1249 O  O     . HOH F 5 .   ? -14.673 2.603   -1.512  1.00 45.09 ? 368 HOH A O     1 
HETATM 1250 O  O     . HOH F 5 .   ? 1.137   -29.507 -17.382 1.00 45.15 ? 369 HOH A O     1 
HETATM 1251 O  O     . HOH F 5 .   ? 3.661   -9.592  -14.038 1.00 45.20 ? 370 HOH A O     1 
HETATM 1252 O  O     . HOH F 5 .   ? -7.328  -7.328  -5.112  1.00 45.44 ? 371 HOH A O     1 
HETATM 1253 O  O     . HOH F 5 .   ? 4.850   -2.704  -17.702 1.00 45.63 ? 372 HOH A O     1 
HETATM 1254 O  O     . HOH F 5 .   ? -8.388  -3.608  -19.562 1.00 45.68 ? 373 HOH A O     1 
HETATM 1255 O  O     . HOH F 5 .   ? 8.951   -0.685  -11.658 1.00 46.48 ? 374 HOH A O     1 
HETATM 1256 O  O     . HOH F 5 .   ? 15.762  12.589  -0.844  1.00 46.66 ? 375 HOH A O     1 
HETATM 1257 O  O     . HOH F 5 .   ? 9.714   -3.250  16.736  1.00 48.06 ? 376 HOH A O     1 
HETATM 1258 O  O     . HOH F 5 .   ? -13.466 -2.210  -2.651  1.00 48.54 ? 377 HOH A O     1 
HETATM 1259 O  O     . HOH F 5 .   ? -15.052 2.306   2.375   1.00 48.85 ? 378 HOH A O     1 
HETATM 1260 O  O     . HOH F 5 .   ? -3.706  12.295  -10.742 1.00 49.08 ? 379 HOH A O     1 
HETATM 1261 O  O     . HOH F 5 .   ? 12.591  8.282   -5.431  1.00 49.12 ? 380 HOH A O     1 
HETATM 1262 O  O     . HOH F 5 .   ? 3.269   4.919   -21.124 1.00 49.27 ? 381 HOH A O     1 
HETATM 1263 O  O     . HOH F 5 .   ? 11.936  8.184   -15.821 1.00 49.51 ? 382 HOH A O     1 
HETATM 1264 O  O     . HOH F 5 .   ? 13.701  11.325  5.857   1.00 50.18 ? 383 HOH A O     1 
HETATM 1265 O  O     . HOH F 5 .   ? 11.844  -1.548  1.068   1.00 50.34 ? 384 HOH A O     1 
HETATM 1266 O  O     . HOH F 5 .   ? 10.846  3.931   11.979  1.00 50.39 ? 385 HOH A O     1 
HETATM 1267 O  O     . HOH F 5 .   ? -6.953  5.295   -13.577 1.00 50.77 ? 386 HOH A O     1 
HETATM 1268 O  O     . HOH F 5 .   ? 7.622   1.068   -21.011 1.00 50.87 ? 387 HOH A O     1 
HETATM 1269 O  O     . HOH F 5 .   ? -11.564 10.456  -3.601  1.00 51.26 ? 388 HOH A O     1 
HETATM 1270 O  O     . HOH F 5 .   ? -1.099  -9.943  12.749  1.00 52.27 ? 389 HOH A O     1 
HETATM 1271 O  O     . HOH F 5 .   ? 11.434  15.779  6.797   1.00 52.99 ? 390 HOH A O     1 
HETATM 1272 O  O     . HOH F 5 .   ? -8.487  10.098  -7.763  1.00 53.14 ? 391 HOH A O     1 
HETATM 1273 O  O     . HOH F 5 .   ? 14.708  4.857   -9.208  1.00 53.25 ? 392 HOH A O     1 
HETATM 1274 O  O     . HOH F 5 .   ? -15.041 8.131   8.032   1.00 53.69 ? 393 HOH A O     1 
HETATM 1275 O  O     . HOH F 5 .   ? -8.208  0.540   -19.985 1.00 53.73 ? 394 HOH A O     1 
HETATM 1276 O  O     . HOH F 5 .   ? 5.120   -19.487 -16.362 1.00 54.35 ? 395 HOH A O     1 
HETATM 1277 O  O     . HOH F 5 .   ? -13.356 2.491   13.112  1.00 54.87 ? 396 HOH A O     1 
HETATM 1278 O  O     . HOH F 5 .   ? 12.820  -2.163  3.609   1.00 56.13 ? 397 HOH A O     1 
HETATM 1279 O  O     . HOH F 5 .   ? -1.918  18.484  5.693   1.00 56.14 ? 398 HOH A O     1 
HETATM 1280 O  O     . HOH F 5 .   ? -13.130 3.894   -4.849  1.00 57.71 ? 399 HOH A O     1 
HETATM 1281 O  O     . HOH F 5 .   ? -16.375 -1.240  7.198   1.00 57.91 ? 400 HOH A O     1 
HETATM 1282 O  O     . HOH F 5 .   ? -13.852 -10.719 -0.339  1.00 58.09 ? 401 HOH A O     1 
HETATM 1283 O  O     . HOH F 5 .   ? 2.469   -6.325  -17.515 1.00 58.19 ? 402 HOH A O     1 
HETATM 1284 O  O     . HOH F 5 .   ? 13.543  5.925   5.739   1.00 58.41 ? 403 HOH A O     1 
HETATM 1285 O  O     . HOH F 5 .   ? 9.520   -7.798  7.285   1.00 58.57 ? 404 HOH A O     1 
HETATM 1286 O  O     . HOH F 5 .   ? 14.547  2.521   2.806   1.00 60.88 ? 405 HOH A O     1 
HETATM 1287 O  O     . HOH F 5 .   ? -7.057  -5.728  -20.082 1.00 61.61 ? 406 HOH A O     1 
HETATM 1288 O  O     . HOH F 5 .   ? -6.172  11.744  -7.899  1.00 63.39 ? 407 HOH A O     1 
HETATM 1289 O  O     . HOH F 5 .   ? 8.902   -4.354  -10.921 1.00 64.78 ? 408 HOH A O     1 
HETATM 1290 O  O     . HOH F 5 .   ? 0.776   -5.001  20.085  1.00 64.94 ? 409 HOH A O     1 
HETATM 1291 O  O     A HOH F 5 .   ? 1.358   -6.218  -12.577 0.50 15.25 ? 410 HOH A O     1 
HETATM 1292 O  O     B HOH F 5 .   ? 2.476   -6.665  -12.291 0.50 24.25 ? 410 HOH A O     1 
HETATM 1293 O  O     B HOH F 5 .   ? -7.081  -0.515  -7.439  0.50 18.65 ? 411 HOH A O     1 
HETATM 1294 O  O     B HOH F 5 .   ? -13.866 -7.824  -11.754 0.50 36.54 ? 412 HOH A O     1 
# 
loop_
_pdbx_poly_seq_scheme.asym_id 
_pdbx_poly_seq_scheme.entity_id 
_pdbx_poly_seq_scheme.seq_id 
_pdbx_poly_seq_scheme.mon_id 
_pdbx_poly_seq_scheme.ndb_seq_num 
_pdbx_poly_seq_scheme.pdb_seq_num 
_pdbx_poly_seq_scheme.auth_seq_num 
_pdbx_poly_seq_scheme.pdb_mon_id 
_pdbx_poly_seq_scheme.auth_mon_id 
_pdbx_poly_seq_scheme.pdb_strand_id 
_pdbx_poly_seq_scheme.pdb_ins_code 
_pdbx_poly_seq_scheme.hetero 
A 1 1   MET 1   -11 ?   ?   ?   A . n 
A 1 2   GLY 2   -10 ?   ?   ?   A . n 
A 1 3   SER 3   -9  ?   ?   ?   A . n 
A 1 4   ASP 4   -8  ?   ?   ?   A . n 
A 1 5   LYS 5   -7  ?   ?   ?   A . n 
A 1 6   ILE 6   -6  ?   ?   ?   A . n 
A 1 7   HIS 7   -5  ?   ?   ?   A . n 
A 1 8   HIS 8   -4  ?   ?   ?   A . n 
A 1 9   HIS 9   -3  ?   ?   ?   A . n 
A 1 10  HIS 10  -2  ?   ?   ?   A . n 
A 1 11  HIS 11  -1  ?   ?   ?   A . n 
A 1 12  HIS 12  0   ?   ?   ?   A . n 
A 1 13  MET 13  1   ?   ?   ?   A . n 
A 1 14  SER 14  2   ?   ?   ?   A . n 
A 1 15  LYS 15  3   ?   ?   ?   A . n 
A 1 16  LYS 16  4   4   LYS LYS A . n 
A 1 17  GLN 17  5   5   GLN GLN A . n 
A 1 18  LYS 18  6   6   LYS LYS A . n 
A 1 19  SER 19  7   7   SER SER A . n 
A 1 20  LYS 20  8   8   LYS LYS A . n 
A 1 21  TYR 21  9   9   TYR TYR A . n 
A 1 22  ILE 22  10  10  ILE ILE A . n 
A 1 23  VAL 23  11  11  VAL VAL A . n 
A 1 24  ILE 24  12  12  ILE ILE A . n 
A 1 25  PHE 25  13  13  PHE PHE A . n 
A 1 26  GLY 26  14  14  GLY GLY A . n 
A 1 27  CYS 27  15  15  CYS CYS A . n 
A 1 28  GLY 28  16  16  GLY GLY A . n 
A 1 29  ARG 29  17  17  ARG ARG A . n 
A 1 30  LEU 30  18  18  LEU LEU A . n 
A 1 31  GLY 31  19  19  GLY GLY A . n 
A 1 32  SER 32  20  20  SER SER A . n 
A 1 33  LEU 33  21  21  LEU LEU A . n 
A 1 34  ILE 34  22  22  ILE ILE A . n 
A 1 35  ALA 35  23  23  ALA ALA A . n 
A 1 36  ASN 36  24  24  ASN ASN A . n 
A 1 37  LEU 37  25  25  LEU LEU A . n 
A 1 38  ALA 38  26  26  ALA ALA A . n 
A 1 39  SER 39  27  27  SER SER A . n 
A 1 40  SER 40  28  28  SER SER A . n 
A 1 41  SER 41  29  29  SER SER A . n 
A 1 42  GLY 42  30  30  GLY GLY A . n 
A 1 43  HIS 43  31  31  HIS HIS A . n 
A 1 44  SER 44  32  32  SER SER A . n 
A 1 45  VAL 45  33  33  VAL VAL A . n 
A 1 46  VAL 46  34  34  VAL VAL A . n 
A 1 47  VAL 47  35  35  VAL VAL A . n 
A 1 48  VAL 48  36  36  VAL VAL A . n 
A 1 49  ASP 49  37  37  ASP ASP A . n 
A 1 50  LYS 50  38  38  LYS LYS A . n 
A 1 51  ASN 51  39  39  ASN ASN A . n 
A 1 52  GLU 52  40  40  GLU GLU A . n 
A 1 53  TYR 53  41  41  TYR TYR A . n 
A 1 54  ALA 54  42  42  ALA ALA A . n 
A 1 55  PHE 55  43  43  PHE PHE A . n 
A 1 56  HIS 56  44  44  HIS HIS A . n 
A 1 57  ARG 57  45  45  ARG ARG A . n 
A 1 58  LEU 58  46  46  LEU LEU A . n 
A 1 59  ASN 59  47  47  ASN ASN A . n 
A 1 60  SER 60  48  48  SER SER A . n 
A 1 61  GLU 61  49  49  GLU GLU A . n 
A 1 62  PHE 62  50  50  PHE PHE A . n 
A 1 63  SER 63  51  51  SER SER A . n 
A 1 64  GLY 64  52  52  GLY GLY A . n 
A 1 65  PHE 65  53  53  PHE PHE A . n 
A 1 66  THR 66  54  54  THR THR A . n 
A 1 67  VAL 67  55  55  VAL VAL A . n 
A 1 68  VAL 68  56  56  VAL VAL A . n 
A 1 69  GLY 69  57  57  GLY GLY A . n 
A 1 70  ASP 70  58  58  ASP ASP A . n 
A 1 71  ALA 71  59  59  ALA ALA A . n 
A 1 72  ALA 72  60  60  ALA ALA A . n 
A 1 73  GLU 73  61  61  GLU GLU A . n 
A 1 74  PHE 74  62  62  PHE PHE A . n 
A 1 75  GLU 75  63  63  GLU GLU A . n 
A 1 76  THR 76  64  64  THR THR A . n 
A 1 77  LEU 77  65  65  LEU LEU A . n 
A 1 78  LYS 78  66  66  LYS LYS A . n 
A 1 79  GLU 79  67  67  GLU GLU A . n 
A 1 80  CYS 80  68  68  CYS CYS A . n 
A 1 81  GLY 81  69  69  GLY GLY A . n 
A 1 82  MET 82  70  70  MET MET A . n 
A 1 83  GLU 83  71  71  GLU GLU A . n 
A 1 84  LYS 84  72  72  LYS LYS A . n 
A 1 85  ALA 85  73  73  ALA ALA A . n 
A 1 86  ASP 86  74  74  ASP ASP A . n 
A 1 87  MET 87  75  75  MET MET A . n 
A 1 88  VAL 88  76  76  VAL VAL A . n 
A 1 89  PHE 89  77  77  PHE PHE A . n 
A 1 90  ALA 90  78  78  ALA ALA A . n 
A 1 91  PHE 91  79  79  PHE PHE A . n 
A 1 92  THR 92  80  80  THR THR A . n 
A 1 93  ASN 93  81  81  ASN ASN A . n 
A 1 94  ASP 94  82  82  ASP ASP A . n 
A 1 95  ASP 95  83  83  ASP ASP A . n 
A 1 96  SER 96  84  84  SER SER A . n 
A 1 97  THR 97  85  85  THR THR A . n 
A 1 98  ASN 98  86  86  ASN ASN A . n 
A 1 99  PHE 99  87  87  PHE PHE A . n 
A 1 100 PHE 100 88  88  PHE PHE A . n 
A 1 101 ILE 101 89  89  ILE ILE A . n 
A 1 102 SER 102 90  90  SER SER A . n 
A 1 103 MET 103 91  91  MET MET A . n 
A 1 104 ASN 104 92  92  ASN ASN A . n 
A 1 105 ALA 105 93  93  ALA ALA A . n 
A 1 106 ARG 106 94  94  ARG ARG A . n 
A 1 107 TYR 107 95  95  TYR TYR A . n 
A 1 108 MET 108 96  96  MET MET A . n 
A 1 109 PHE 109 97  97  PHE PHE A . n 
A 1 110 ASN 110 98  98  ASN ASN A . n 
A 1 111 VAL 111 99  99  VAL VAL A . n 
A 1 112 GLU 112 100 100 GLU GLU A . n 
A 1 113 ASN 113 101 101 ASN ASN A . n 
A 1 114 VAL 114 102 102 VAL VAL A . n 
A 1 115 ILE 115 103 103 ILE ILE A . n 
A 1 116 ALA 116 104 104 ALA ALA A . n 
A 1 117 ARG 117 105 105 ARG ARG A . n 
A 1 118 VAL 118 106 106 VAL VAL A . n 
A 1 119 TYR 119 107 107 TYR TYR A . n 
A 1 120 ASP 120 108 108 ASP ASP A . n 
A 1 121 PRO 121 109 109 PRO PRO A . n 
A 1 122 GLU 122 110 110 GLU GLU A . n 
A 1 123 LYS 123 111 111 LYS LYS A . n 
A 1 124 ILE 124 112 112 ILE ILE A . n 
A 1 125 LYS 125 113 113 LYS LYS A . n 
A 1 126 ILE 126 114 114 ILE ILE A . n 
A 1 127 PHE 127 115 115 PHE PHE A . n 
A 1 128 GLU 128 116 116 GLU GLU A . n 
A 1 129 GLU 129 117 117 GLU GLU A . n 
A 1 130 ASN 130 118 118 ASN ASN A . n 
A 1 131 GLY 131 119 119 GLY GLY A . n 
A 1 132 ILE 132 120 120 ILE ILE A . n 
A 1 133 LYS 133 121 121 LYS LYS A . n 
A 1 134 THR 134 122 122 THR THR A . n 
A 1 135 ILE 135 123 123 ILE ILE A . n 
A 1 136 CYS 136 124 124 CYS CYS A . n 
A 1 137 PRO 137 125 125 PRO PRO A . n 
A 1 138 ALA 138 126 126 ALA ALA A . n 
A 1 139 VAL 139 127 127 VAL VAL A . n 
A 1 140 LEU 140 128 128 LEU LEU A . n 
A 1 141 MET 141 129 129 MET MET A . n 
A 1 142 ILE 142 130 130 ILE ILE A . n 
A 1 143 GLU 143 131 131 GLU GLU A . n 
A 1 144 LYS 144 132 132 LYS LYS A . n 
A 1 145 VAL 145 133 133 VAL VAL A . n 
A 1 146 LYS 146 134 134 LYS LYS A . n 
A 1 147 GLU 147 135 135 GLU GLU A . n 
A 1 148 PHE 148 136 136 PHE PHE A . n 
A 1 149 ILE 149 137 137 ILE ILE A . n 
A 1 150 ILE 150 138 138 ILE ILE A . n 
A 1 151 GLY 151 139 139 GLY GLY A . n 
A 1 152 SER 152 140 140 SER SER A . n 
A 1 153 GLU 153 141 ?   ?   ?   A . n 
A 1 154 GLU 154 142 ?   ?   ?   A . n 
A 1 155 ASP 155 143 ?   ?   ?   A . n 
# 
_pdbx_SG_project.project_name          'PSI, Protein Structure Initiative' 
_pdbx_SG_project.full_name_of_center   'Joint Center for Structural Genomics' 
_pdbx_SG_project.id                    1 
_pdbx_SG_project.initial_of_center     JCSG 
# 
loop_
_pdbx_nonpoly_scheme.asym_id 
_pdbx_nonpoly_scheme.entity_id 
_pdbx_nonpoly_scheme.mon_id 
_pdbx_nonpoly_scheme.ndb_seq_num 
_pdbx_nonpoly_scheme.pdb_seq_num 
_pdbx_nonpoly_scheme.auth_seq_num 
_pdbx_nonpoly_scheme.pdb_mon_id 
_pdbx_nonpoly_scheme.auth_mon_id 
_pdbx_nonpoly_scheme.pdb_strand_id 
_pdbx_nonpoly_scheme.pdb_ins_code 
B 2 NA  1   144 1   NA  NA  A . 
C 3 AMP 1   301 301 AMP AMP A . 
D 4 MPD 1   302 2   MPD MPD A . 
E 4 MPD 1   303 3   MPD MPD A . 
F 5 HOH 1   304 4   HOH HOH A . 
F 5 HOH 2   305 5   HOH HOH A . 
F 5 HOH 3   306 6   HOH HOH A . 
F 5 HOH 4   307 7   HOH HOH A . 
F 5 HOH 5   308 8   HOH HOH A . 
F 5 HOH 6   309 9   HOH HOH A . 
F 5 HOH 7   310 10  HOH HOH A . 
F 5 HOH 8   311 11  HOH HOH A . 
F 5 HOH 9   312 12  HOH HOH A . 
F 5 HOH 10  313 13  HOH HOH A . 
F 5 HOH 11  314 14  HOH HOH A . 
F 5 HOH 12  315 15  HOH HOH A . 
F 5 HOH 13  316 16  HOH HOH A . 
F 5 HOH 14  317 17  HOH HOH A . 
F 5 HOH 15  318 18  HOH HOH A . 
F 5 HOH 16  319 19  HOH HOH A . 
F 5 HOH 17  320 20  HOH HOH A . 
F 5 HOH 18  321 21  HOH HOH A . 
F 5 HOH 19  322 22  HOH HOH A . 
F 5 HOH 20  323 23  HOH HOH A . 
F 5 HOH 21  324 24  HOH HOH A . 
F 5 HOH 22  325 25  HOH HOH A . 
F 5 HOH 23  326 26  HOH HOH A . 
F 5 HOH 24  327 27  HOH HOH A . 
F 5 HOH 25  328 28  HOH HOH A . 
F 5 HOH 26  329 29  HOH HOH A . 
F 5 HOH 27  330 30  HOH HOH A . 
F 5 HOH 28  331 31  HOH HOH A . 
F 5 HOH 29  332 32  HOH HOH A . 
F 5 HOH 30  333 33  HOH HOH A . 
F 5 HOH 31  334 34  HOH HOH A . 
F 5 HOH 32  335 35  HOH HOH A . 
F 5 HOH 33  336 36  HOH HOH A . 
F 5 HOH 34  337 37  HOH HOH A . 
F 5 HOH 35  338 38  HOH HOH A . 
F 5 HOH 36  339 39  HOH HOH A . 
F 5 HOH 37  340 40  HOH HOH A . 
F 5 HOH 38  341 41  HOH HOH A . 
F 5 HOH 39  342 42  HOH HOH A . 
F 5 HOH 40  343 43  HOH HOH A . 
F 5 HOH 41  344 44  HOH HOH A . 
F 5 HOH 42  345 45  HOH HOH A . 
F 5 HOH 43  346 46  HOH HOH A . 
F 5 HOH 44  347 47  HOH HOH A . 
F 5 HOH 45  348 48  HOH HOH A . 
F 5 HOH 46  349 49  HOH HOH A . 
F 5 HOH 47  350 50  HOH HOH A . 
F 5 HOH 48  351 51  HOH HOH A . 
F 5 HOH 49  352 52  HOH HOH A . 
F 5 HOH 50  353 53  HOH HOH A . 
F 5 HOH 51  354 54  HOH HOH A . 
F 5 HOH 52  355 55  HOH HOH A . 
F 5 HOH 53  356 56  HOH HOH A . 
F 5 HOH 54  357 57  HOH HOH A . 
F 5 HOH 55  358 58  HOH HOH A . 
F 5 HOH 56  359 59  HOH HOH A . 
F 5 HOH 57  360 60  HOH HOH A . 
F 5 HOH 58  361 61  HOH HOH A . 
F 5 HOH 59  362 62  HOH HOH A . 
F 5 HOH 60  363 63  HOH HOH A . 
F 5 HOH 61  364 64  HOH HOH A . 
F 5 HOH 62  365 65  HOH HOH A . 
F 5 HOH 63  366 66  HOH HOH A . 
F 5 HOH 64  367 67  HOH HOH A . 
F 5 HOH 65  368 68  HOH HOH A . 
F 5 HOH 66  369 69  HOH HOH A . 
F 5 HOH 67  370 70  HOH HOH A . 
F 5 HOH 68  371 71  HOH HOH A . 
F 5 HOH 69  372 72  HOH HOH A . 
F 5 HOH 70  373 73  HOH HOH A . 
F 5 HOH 71  374 74  HOH HOH A . 
F 5 HOH 72  375 75  HOH HOH A . 
F 5 HOH 73  376 76  HOH HOH A . 
F 5 HOH 74  377 77  HOH HOH A . 
F 5 HOH 75  378 78  HOH HOH A . 
F 5 HOH 76  379 79  HOH HOH A . 
F 5 HOH 77  380 80  HOH HOH A . 
F 5 HOH 78  381 81  HOH HOH A . 
F 5 HOH 79  382 82  HOH HOH A . 
F 5 HOH 80  383 83  HOH HOH A . 
F 5 HOH 81  384 84  HOH HOH A . 
F 5 HOH 82  385 85  HOH HOH A . 
F 5 HOH 83  386 86  HOH HOH A . 
F 5 HOH 84  387 87  HOH HOH A . 
F 5 HOH 85  388 88  HOH HOH A . 
F 5 HOH 86  389 89  HOH HOH A . 
F 5 HOH 87  390 90  HOH HOH A . 
F 5 HOH 88  391 91  HOH HOH A . 
F 5 HOH 89  392 92  HOH HOH A . 
F 5 HOH 90  393 93  HOH HOH A . 
F 5 HOH 91  394 94  HOH HOH A . 
F 5 HOH 92  395 95  HOH HOH A . 
F 5 HOH 93  396 96  HOH HOH A . 
F 5 HOH 94  397 97  HOH HOH A . 
F 5 HOH 95  398 98  HOH HOH A . 
F 5 HOH 96  399 99  HOH HOH A . 
F 5 HOH 97  400 100 HOH HOH A . 
F 5 HOH 98  401 101 HOH HOH A . 
F 5 HOH 99  402 102 HOH HOH A . 
F 5 HOH 100 403 103 HOH HOH A . 
F 5 HOH 101 404 104 HOH HOH A . 
F 5 HOH 102 405 105 HOH HOH A . 
F 5 HOH 103 406 106 HOH HOH A . 
F 5 HOH 104 407 107 HOH HOH A . 
F 5 HOH 105 408 108 HOH HOH A . 
F 5 HOH 106 409 109 HOH HOH A . 
F 5 HOH 107 410 110 HOH HOH A . 
F 5 HOH 108 411 111 HOH HOH A . 
F 5 HOH 109 412 112 HOH HOH A . 
# 
_pdbx_struct_assembly.id                   1 
_pdbx_struct_assembly.details              author_and_software_defined_assembly 
_pdbx_struct_assembly.method_details       PISA,PQS 
_pdbx_struct_assembly.oligomeric_details   dimeric 
_pdbx_struct_assembly.oligomeric_count     2 
# 
_pdbx_struct_assembly_gen.assembly_id       1 
_pdbx_struct_assembly_gen.oper_expression   1,2 
_pdbx_struct_assembly_gen.asym_id_list      A,B,C,D,E,F 
# 
loop_
_pdbx_struct_assembly_prop.biol_id 
_pdbx_struct_assembly_prop.type 
_pdbx_struct_assembly_prop.value 
_pdbx_struct_assembly_prop.details 
1 'ABSA (A^2)' 4920  ? 
1 MORE         -95   ? 
1 'SSA (A^2)'  13540 ? 
# 
loop_
_pdbx_struct_oper_list.id 
_pdbx_struct_oper_list.type 
_pdbx_struct_oper_list.name 
_pdbx_struct_oper_list.symmetry_operation 
_pdbx_struct_oper_list.matrix[1][1] 
_pdbx_struct_oper_list.matrix[1][2] 
_pdbx_struct_oper_list.matrix[1][3] 
_pdbx_struct_oper_list.vector[1] 
_pdbx_struct_oper_list.matrix[2][1] 
_pdbx_struct_oper_list.matrix[2][2] 
_pdbx_struct_oper_list.matrix[2][3] 
_pdbx_struct_oper_list.vector[2] 
_pdbx_struct_oper_list.matrix[3][1] 
_pdbx_struct_oper_list.matrix[3][2] 
_pdbx_struct_oper_list.matrix[3][3] 
_pdbx_struct_oper_list.vector[3] 
1 'identity operation'         1_555 x,y,z       1.0000000000 0.0000000000  0.0000000000  0.0000000000   0.0000000000  1.0000000000  0.0000000000 0.0000000000   0.0000000000  0.0000000000 1.0000000000  0.0000000000   
2 'crystal symmetry operation' 2_656 -x+1,y,-z+1 0.7312215253 -0.5902397810 -0.3419533328 -10.7191151165 -0.5902397810 -0.7987646330 0.1165849993 -24.2782743190 -0.3419533328 0.1165849993 -0.9324568924 -12.3618023281 
# 
loop_
_pdbx_struct_conn_angle.id 
_pdbx_struct_conn_angle.ptnr1_label_atom_id 
_pdbx_struct_conn_angle.ptnr1_label_alt_id 
_pdbx_struct_conn_angle.ptnr1_label_asym_id 
_pdbx_struct_conn_angle.ptnr1_label_comp_id 
_pdbx_struct_conn_angle.ptnr1_label_seq_id 
_pdbx_struct_conn_angle.ptnr1_auth_atom_id 
_pdbx_struct_conn_angle.ptnr1_auth_asym_id 
_pdbx_struct_conn_angle.ptnr1_auth_comp_id 
_pdbx_struct_conn_angle.ptnr1_auth_seq_id 
_pdbx_struct_conn_angle.ptnr1_PDB_ins_code 
_pdbx_struct_conn_angle.ptnr1_symmetry 
_pdbx_struct_conn_angle.ptnr2_label_atom_id 
_pdbx_struct_conn_angle.ptnr2_label_alt_id 
_pdbx_struct_conn_angle.ptnr2_label_asym_id 
_pdbx_struct_conn_angle.ptnr2_label_comp_id 
_pdbx_struct_conn_angle.ptnr2_label_seq_id 
_pdbx_struct_conn_angle.ptnr2_auth_atom_id 
_pdbx_struct_conn_angle.ptnr2_auth_asym_id 
_pdbx_struct_conn_angle.ptnr2_auth_comp_id 
_pdbx_struct_conn_angle.ptnr2_auth_seq_id 
_pdbx_struct_conn_angle.ptnr2_PDB_ins_code 
_pdbx_struct_conn_angle.ptnr2_symmetry 
_pdbx_struct_conn_angle.ptnr3_label_atom_id 
_pdbx_struct_conn_angle.ptnr3_label_alt_id 
_pdbx_struct_conn_angle.ptnr3_label_asym_id 
_pdbx_struct_conn_angle.ptnr3_label_comp_id 
_pdbx_struct_conn_angle.ptnr3_label_seq_id 
_pdbx_struct_conn_angle.ptnr3_auth_atom_id 
_pdbx_struct_conn_angle.ptnr3_auth_asym_id 
_pdbx_struct_conn_angle.ptnr3_auth_comp_id 
_pdbx_struct_conn_angle.ptnr3_auth_seq_id 
_pdbx_struct_conn_angle.ptnr3_PDB_ins_code 
_pdbx_struct_conn_angle.ptnr3_symmetry 
_pdbx_struct_conn_angle.value 
_pdbx_struct_conn_angle.value_esd 
1 OD1 ? A ASN 130 ? A ASN 118 ? 1_555 NA ? B NA . ? A NA 144 ? 1_555 O ? F HOH . ? A HOH 305 ? 1_555 88.5  ? 
2 OD1 ? A ASN 130 ? A ASN 118 ? 1_555 NA ? B NA . ? A NA 144 ? 1_555 O ? F HOH . ? A HOH 308 ? 1_555 89.2  ? 
3 O   ? F HOH .   ? A HOH 305 ? 1_555 NA ? B NA . ? A NA 144 ? 1_555 O ? F HOH . ? A HOH 308 ? 1_555 83.5  ? 
4 OD1 ? A ASN 130 ? A ASN 118 ? 1_555 NA ? B NA . ? A NA 144 ? 1_555 O ? F HOH . ? A HOH 317 ? 1_555 89.0  ? 
5 O   ? F HOH .   ? A HOH 305 ? 1_555 NA ? B NA . ? A NA 144 ? 1_555 O ? F HOH . ? A HOH 317 ? 1_555 170.0 ? 
6 O   ? F HOH .   ? A HOH 308 ? 1_555 NA ? B NA . ? A NA 144 ? 1_555 O ? F HOH . ? A HOH 317 ? 1_555 86.8  ? 
# 
loop_
_pdbx_audit_revision_history.ordinal 
_pdbx_audit_revision_history.data_content_type 
_pdbx_audit_revision_history.major_revision 
_pdbx_audit_revision_history.minor_revision 
_pdbx_audit_revision_history.revision_date 
1 'Structure model' 1 0 2006-03-28 
2 'Structure model' 1 1 2008-05-01 
3 'Structure model' 1 2 2011-07-13 
4 'Structure model' 1 3 2023-08-30 
# 
_pdbx_audit_revision_details.ordinal             1 
_pdbx_audit_revision_details.revision_ordinal    1 
_pdbx_audit_revision_details.data_content_type   'Structure model' 
_pdbx_audit_revision_details.provider            repository 
_pdbx_audit_revision_details.type                'Initial release' 
_pdbx_audit_revision_details.description         ? 
_pdbx_audit_revision_details.details             ? 
# 
loop_
_pdbx_audit_revision_group.ordinal 
_pdbx_audit_revision_group.revision_ordinal 
_pdbx_audit_revision_group.data_content_type 
_pdbx_audit_revision_group.group 
1 2 'Structure model' 'Version format compliance' 
2 3 'Structure model' Advisory                    
3 3 'Structure model' 'Derived calculations'      
4 3 'Structure model' 'Version format compliance' 
5 4 'Structure model' 'Data collection'           
6 4 'Structure model' 'Database references'       
7 4 'Structure model' 'Derived calculations'      
8 4 'Structure model' 'Refinement description'    
# 
loop_
_pdbx_audit_revision_category.ordinal 
_pdbx_audit_revision_category.revision_ordinal 
_pdbx_audit_revision_category.data_content_type 
_pdbx_audit_revision_category.category 
1 4 'Structure model' chem_comp_atom                
2 4 'Structure model' chem_comp_bond                
3 4 'Structure model' database_2                    
4 4 'Structure model' pdbx_initial_refinement_model 
5 4 'Structure model' pdbx_struct_conn_angle        
6 4 'Structure model' struct_conn                   
7 4 'Structure model' struct_site                   
# 
loop_
_pdbx_audit_revision_item.ordinal 
_pdbx_audit_revision_item.revision_ordinal 
_pdbx_audit_revision_item.data_content_type 
_pdbx_audit_revision_item.item 
1  4 'Structure model' '_database_2.pdbx_DOI'                      
2  4 'Structure model' '_database_2.pdbx_database_accession'       
3  4 'Structure model' '_pdbx_struct_conn_angle.ptnr1_auth_seq_id' 
4  4 'Structure model' '_pdbx_struct_conn_angle.ptnr3_auth_seq_id' 
5  4 'Structure model' '_pdbx_struct_conn_angle.value'             
6  4 'Structure model' '_struct_conn.pdbx_dist_value'              
7  4 'Structure model' '_struct_conn.ptnr1_auth_comp_id'           
8  4 'Structure model' '_struct_conn.ptnr1_auth_seq_id'            
9  4 'Structure model' '_struct_conn.ptnr1_label_asym_id'          
10 4 'Structure model' '_struct_conn.ptnr1_label_atom_id'          
11 4 'Structure model' '_struct_conn.ptnr1_label_comp_id'          
12 4 'Structure model' '_struct_conn.ptnr1_label_seq_id'           
13 4 'Structure model' '_struct_conn.ptnr2_auth_comp_id'           
14 4 'Structure model' '_struct_conn.ptnr2_auth_seq_id'            
15 4 'Structure model' '_struct_conn.ptnr2_label_asym_id'          
16 4 'Structure model' '_struct_conn.ptnr2_label_atom_id'          
17 4 'Structure model' '_struct_conn.ptnr2_label_comp_id'          
18 4 'Structure model' '_struct_conn.ptnr2_label_seq_id'           
19 4 'Structure model' '_struct_site.pdbx_auth_asym_id'            
20 4 'Structure model' '_struct_site.pdbx_auth_comp_id'            
21 4 'Structure model' '_struct_site.pdbx_auth_seq_id'             
# 
loop_
_pdbx_refine_tls.id 
_pdbx_refine_tls.details 
_pdbx_refine_tls.method 
_pdbx_refine_tls.origin_x 
_pdbx_refine_tls.origin_y 
_pdbx_refine_tls.origin_z 
_pdbx_refine_tls.T[1][1] 
_pdbx_refine_tls.T[2][2] 
_pdbx_refine_tls.T[3][3] 
_pdbx_refine_tls.T[1][2] 
_pdbx_refine_tls.T[1][3] 
_pdbx_refine_tls.T[2][3] 
_pdbx_refine_tls.L[1][1] 
_pdbx_refine_tls.L[2][2] 
_pdbx_refine_tls.L[3][3] 
_pdbx_refine_tls.L[1][2] 
_pdbx_refine_tls.L[1][3] 
_pdbx_refine_tls.L[2][3] 
_pdbx_refine_tls.S[1][1] 
_pdbx_refine_tls.S[2][2] 
_pdbx_refine_tls.S[3][3] 
_pdbx_refine_tls.S[1][2] 
_pdbx_refine_tls.S[1][3] 
_pdbx_refine_tls.S[2][3] 
_pdbx_refine_tls.S[2][1] 
_pdbx_refine_tls.S[3][1] 
_pdbx_refine_tls.S[3][2] 
_pdbx_refine_tls.pdbx_refine_id 
1 ? refined -2.7451 -0.2729  9.0118   0.0300 0.0927  0.0543 -0.0006 0.0186  -0.0009 2.9926  2.6524  4.0376 0.3288  1.2208 0.6598  0.0292  -0.0785 0.0492  -0.3342 -0.0467 0.0900  0.1881  0.2659  -0.2551 'X-RAY DIFFRACTION' 
2 ? refined 0.8737  13.8139  3.1427   0.1086 0.0367  0.0669 0.0134  -0.0089 -0.0271 10.9585 4.9424  7.0881 -4.1757 5.7406 -2.9863 -0.1210 -0.0384 0.1594  -0.3773 0.5512  0.1153  0.2172  -0.5324 -0.1903 'X-RAY DIFFRACTION' 
3 ? refined 1.4423  3.0902   -7.5576  0.0815 0.0183  0.0525 0.0007  -0.0161 0.0064  1.1932  2.1291  2.8157 0.3923  0.1549 0.2001  -0.0465 0.0041  0.0424  0.0250  -0.0472 0.0660  -0.2744 0.0408  -0.0422 'X-RAY DIFFRACTION' 
4 ? refined -0.2172 -17.3397 -13.2793 0.0717 -0.0021 0.0973 -0.0367 0.0614  -0.0219 2.7606  27.0289 2.5091 -5.5472 0.6369 4.2701  -0.0609 0.1519  -0.0910 -0.0005 0.0500  -0.6047 -0.5009 -0.0272 0.1853  'X-RAY DIFFRACTION' 
# 
loop_
_pdbx_refine_tls_group.id 
_pdbx_refine_tls_group.refine_tls_id 
_pdbx_refine_tls_group.beg_label_asym_id 
_pdbx_refine_tls_group.beg_label_seq_id 
_pdbx_refine_tls_group.end_label_asym_id 
_pdbx_refine_tls_group.end_label_seq_id 
_pdbx_refine_tls_group.selection 
_pdbx_refine_tls_group.beg_auth_asym_id 
_pdbx_refine_tls_group.beg_auth_seq_id 
_pdbx_refine_tls_group.end_auth_asym_id 
_pdbx_refine_tls_group.end_auth_seq_id 
_pdbx_refine_tls_group.pdbx_refine_id 
_pdbx_refine_tls_group.selection_details 
1 1 A 16  A 72  ALL A 4   A 60  'X-RAY DIFFRACTION' ? 
2 2 A 73  A 84  ALL A 61  A 72  'X-RAY DIFFRACTION' ? 
3 3 A 85  A 135 ALL A 73  A 123 'X-RAY DIFFRACTION' ? 
4 4 A 136 A 152 ALL A 124 A 140 'X-RAY DIFFRACTION' ? 
# 
_phasing.method   MR 
# 
loop_
_software.name 
_software.version 
_software.date 
_software.type 
_software.contact_author 
_software.contact_author_email 
_software.classification 
_software.location 
_software.language 
_software.citation_id 
_software.pdbx_ordinal 
REFMAC      5.2.0005  ?              program 'Murshudov, G.N.' ccp4@dl.ac.uk            refinement        
http://www.ccp4.ac.uk/main.html            Fortran ? 1 
SCALA       .         ?              program 'Phil Evans'      pre@mrc-lmb.cam.ac.uk    'data scaling'    
http://www.ccp4.ac.uk/dist/html/INDEX.html Fortran ? 2 
PDB_EXTRACT 1.701     'Nov. 1, 2005' package PDB               sw-help@rcsb.rutgers.edu 'data extraction' 
http://pdb.rutgers.edu/software/           C++     ? 3 
MOSFLM      .         ?              ?       ?                 ?                        'data reduction'  ? ?       ? 4 
CCP4        '(SCALA)' ?              ?       ?                 ?                        'data scaling'    ? ?       ? 5 
MOLREP      .         ?              ?       ?                 ?                        phasing           ? ?       ? 6 
# 
_pdbx_database_remark.id     999 
_pdbx_database_remark.text   
;SEQUENCE: 
NO SUITABLE SEQUENCE DATABASE REFERENCE WAS AVAILABLE AT  
TIME OF PROCESSING THIS ENTRY. 

;
# 
_pdbx_validate_rmsd_angle.id                         1 
_pdbx_validate_rmsd_angle.PDB_model_num              1 
_pdbx_validate_rmsd_angle.auth_atom_id_1             CB 
_pdbx_validate_rmsd_angle.auth_asym_id_1             A 
_pdbx_validate_rmsd_angle.auth_comp_id_1             PHE 
_pdbx_validate_rmsd_angle.auth_seq_id_1              79 
_pdbx_validate_rmsd_angle.PDB_ins_code_1             ? 
_pdbx_validate_rmsd_angle.label_alt_id_1             ? 
_pdbx_validate_rmsd_angle.auth_atom_id_2             CG 
_pdbx_validate_rmsd_angle.auth_asym_id_2             A 
_pdbx_validate_rmsd_angle.auth_comp_id_2             PHE 
_pdbx_validate_rmsd_angle.auth_seq_id_2              79 
_pdbx_validate_rmsd_angle.PDB_ins_code_2             ? 
_pdbx_validate_rmsd_angle.label_alt_id_2             ? 
_pdbx_validate_rmsd_angle.auth_atom_id_3             CD1 
_pdbx_validate_rmsd_angle.auth_asym_id_3             A 
_pdbx_validate_rmsd_angle.auth_comp_id_3             PHE 
_pdbx_validate_rmsd_angle.auth_seq_id_3              79 
_pdbx_validate_rmsd_angle.PDB_ins_code_3             ? 
_pdbx_validate_rmsd_angle.label_alt_id_3             ? 
_pdbx_validate_rmsd_angle.angle_value                125.01 
_pdbx_validate_rmsd_angle.angle_target_value         120.80 
_pdbx_validate_rmsd_angle.angle_deviation            4.21 
_pdbx_validate_rmsd_angle.angle_standard_deviation   0.70 
_pdbx_validate_rmsd_angle.linker_flag                N 
# 
_pdbx_validate_torsion.id              1 
_pdbx_validate_torsion.PDB_model_num   1 
_pdbx_validate_torsion.auth_comp_id    CYS 
_pdbx_validate_torsion.auth_asym_id    A 
_pdbx_validate_torsion.auth_seq_id     15 
_pdbx_validate_torsion.PDB_ins_code    ? 
_pdbx_validate_torsion.label_alt_id    ? 
_pdbx_validate_torsion.phi             -105.36 
_pdbx_validate_torsion.psi             49.42 
# 
loop_
_pdbx_unobs_or_zero_occ_atoms.id 
_pdbx_unobs_or_zero_occ_atoms.PDB_model_num 
_pdbx_unobs_or_zero_occ_atoms.polymer_flag 
_pdbx_unobs_or_zero_occ_atoms.occupancy_flag 
_pdbx_unobs_or_zero_occ_atoms.auth_asym_id 
_pdbx_unobs_or_zero_occ_atoms.auth_comp_id 
_pdbx_unobs_or_zero_occ_atoms.auth_seq_id 
_pdbx_unobs_or_zero_occ_atoms.PDB_ins_code 
_pdbx_unobs_or_zero_occ_atoms.auth_atom_id 
_pdbx_unobs_or_zero_occ_atoms.label_alt_id 
_pdbx_unobs_or_zero_occ_atoms.label_asym_id 
_pdbx_unobs_or_zero_occ_atoms.label_comp_id 
_pdbx_unobs_or_zero_occ_atoms.label_seq_id 
_pdbx_unobs_or_zero_occ_atoms.label_atom_id 
1  1 Y 1 A LYS 4   ? N   ? A LYS 16  N   
2  1 Y 1 A LYS 4   ? CB  ? A LYS 16  CB  
3  1 Y 1 A LYS 4   ? CG  ? A LYS 16  CG  
4  1 Y 1 A LYS 4   ? CD  ? A LYS 16  CD  
5  1 Y 1 A LYS 4   ? CE  ? A LYS 16  CE  
6  1 Y 1 A LYS 4   ? NZ  ? A LYS 16  NZ  
7  1 Y 1 A GLU 49  ? CD  ? A GLU 61  CD  
8  1 Y 1 A GLU 49  ? OE1 ? A GLU 61  OE1 
9  1 Y 1 A GLU 49  ? OE2 ? A GLU 61  OE2 
10 1 Y 1 A LYS 66  ? CE  ? A LYS 78  CE  
11 1 Y 1 A LYS 66  ? NZ  ? A LYS 78  NZ  
12 1 Y 1 A GLU 100 ? CG  ? A GLU 112 CG  
13 1 Y 1 A GLU 100 ? CD  ? A GLU 112 CD  
14 1 Y 1 A GLU 100 ? OE1 ? A GLU 112 OE1 
15 1 Y 1 A GLU 100 ? OE2 ? A GLU 112 OE2 
16 1 Y 1 A LYS 113 ? NZ  ? A LYS 125 NZ  
17 1 Y 1 A LYS 134 ? NZ  ? A LYS 146 NZ  
18 1 Y 1 A SER 140 ? C   ? A SER 152 C   
19 1 Y 1 A SER 140 ? O   ? A SER 152 O   
20 1 Y 1 A SER 140 ? CB  ? A SER 152 CB  
21 1 Y 1 A SER 140 ? OG  ? A SER 152 OG  
# 
loop_
_pdbx_unobs_or_zero_occ_residues.id 
_pdbx_unobs_or_zero_occ_residues.PDB_model_num 
_pdbx_unobs_or_zero_occ_residues.polymer_flag 
_pdbx_unobs_or_zero_occ_residues.occupancy_flag 
_pdbx_unobs_or_zero_occ_residues.auth_asym_id 
_pdbx_unobs_or_zero_occ_residues.auth_comp_id 
_pdbx_unobs_or_zero_occ_residues.auth_seq_id 
_pdbx_unobs_or_zero_occ_residues.PDB_ins_code 
_pdbx_unobs_or_zero_occ_residues.label_asym_id 
_pdbx_unobs_or_zero_occ_residues.label_comp_id 
_pdbx_unobs_or_zero_occ_residues.label_seq_id 
1  1 Y 1 A MET -11 ? A MET 1   
2  1 Y 1 A GLY -10 ? A GLY 2   
3  1 Y 1 A SER -9  ? A SER 3   
4  1 Y 1 A ASP -8  ? A ASP 4   
5  1 Y 1 A LYS -7  ? A LYS 5   
6  1 Y 1 A ILE -6  ? A ILE 6   
7  1 Y 1 A HIS -5  ? A HIS 7   
8  1 Y 1 A HIS -4  ? A HIS 8   
9  1 Y 1 A HIS -3  ? A HIS 9   
10 1 Y 1 A HIS -2  ? A HIS 10  
11 1 Y 1 A HIS -1  ? A HIS 11  
12 1 Y 1 A HIS 0   ? A HIS 12  
13 1 Y 1 A MET 1   ? A MET 13  
14 1 Y 1 A SER 2   ? A SER 14  
15 1 Y 1 A LYS 3   ? A LYS 15  
16 1 Y 1 A GLU 141 ? A GLU 153 
17 1 Y 1 A GLU 142 ? A GLU 154 
18 1 Y 1 A ASP 143 ? A ASP 155 
# 
loop_
_chem_comp_atom.comp_id 
_chem_comp_atom.atom_id 
_chem_comp_atom.type_symbol 
_chem_comp_atom.pdbx_aromatic_flag 
_chem_comp_atom.pdbx_stereo_config 
_chem_comp_atom.pdbx_ordinal 
ALA N      N  N N 1   
ALA CA     C  N S 2   
ALA C      C  N N 3   
ALA O      O  N N 4   
ALA CB     C  N N 5   
ALA OXT    O  N N 6   
ALA H      H  N N 7   
ALA H2     H  N N 8   
ALA HA     H  N N 9   
ALA HB1    H  N N 10  
ALA HB2    H  N N 11  
ALA HB3    H  N N 12  
ALA HXT    H  N N 13  
AMP P      P  N N 14  
AMP O1P    O  N N 15  
AMP O2P    O  N N 16  
AMP O3P    O  N N 17  
AMP "O5'"  O  N N 18  
AMP "C5'"  C  N N 19  
AMP "C4'"  C  N R 20  
AMP "O4'"  O  N N 21  
AMP "C3'"  C  N S 22  
AMP "O3'"  O  N N 23  
AMP "C2'"  C  N R 24  
AMP "O2'"  O  N N 25  
AMP "C1'"  C  N R 26  
AMP N9     N  Y N 27  
AMP C8     C  Y N 28  
AMP N7     N  Y N 29  
AMP C5     C  Y N 30  
AMP C6     C  Y N 31  
AMP N6     N  N N 32  
AMP N1     N  Y N 33  
AMP C2     C  Y N 34  
AMP N3     N  Y N 35  
AMP C4     C  Y N 36  
AMP HOP2   H  N N 37  
AMP HOP3   H  N N 38  
AMP "H5'1" H  N N 39  
AMP "H5'2" H  N N 40  
AMP "H4'"  H  N N 41  
AMP "H3'"  H  N N 42  
AMP "HO3'" H  N N 43  
AMP "H2'"  H  N N 44  
AMP "HO2'" H  N N 45  
AMP "H1'"  H  N N 46  
AMP H8     H  N N 47  
AMP HN61   H  N N 48  
AMP HN62   H  N N 49  
AMP H2     H  N N 50  
ARG N      N  N N 51  
ARG CA     C  N S 52  
ARG C      C  N N 53  
ARG O      O  N N 54  
ARG CB     C  N N 55  
ARG CG     C  N N 56  
ARG CD     C  N N 57  
ARG NE     N  N N 58  
ARG CZ     C  N N 59  
ARG NH1    N  N N 60  
ARG NH2    N  N N 61  
ARG OXT    O  N N 62  
ARG H      H  N N 63  
ARG H2     H  N N 64  
ARG HA     H  N N 65  
ARG HB2    H  N N 66  
ARG HB3    H  N N 67  
ARG HG2    H  N N 68  
ARG HG3    H  N N 69  
ARG HD2    H  N N 70  
ARG HD3    H  N N 71  
ARG HE     H  N N 72  
ARG HH11   H  N N 73  
ARG HH12   H  N N 74  
ARG HH21   H  N N 75  
ARG HH22   H  N N 76  
ARG HXT    H  N N 77  
ASN N      N  N N 78  
ASN CA     C  N S 79  
ASN C      C  N N 80  
ASN O      O  N N 81  
ASN CB     C  N N 82  
ASN CG     C  N N 83  
ASN OD1    O  N N 84  
ASN ND2    N  N N 85  
ASN OXT    O  N N 86  
ASN H      H  N N 87  
ASN H2     H  N N 88  
ASN HA     H  N N 89  
ASN HB2    H  N N 90  
ASN HB3    H  N N 91  
ASN HD21   H  N N 92  
ASN HD22   H  N N 93  
ASN HXT    H  N N 94  
ASP N      N  N N 95  
ASP CA     C  N S 96  
ASP C      C  N N 97  
ASP O      O  N N 98  
ASP CB     C  N N 99  
ASP CG     C  N N 100 
ASP OD1    O  N N 101 
ASP OD2    O  N N 102 
ASP OXT    O  N N 103 
ASP H      H  N N 104 
ASP H2     H  N N 105 
ASP HA     H  N N 106 
ASP HB2    H  N N 107 
ASP HB3    H  N N 108 
ASP HD2    H  N N 109 
ASP HXT    H  N N 110 
CYS N      N  N N 111 
CYS CA     C  N R 112 
CYS C      C  N N 113 
CYS O      O  N N 114 
CYS CB     C  N N 115 
CYS SG     S  N N 116 
CYS OXT    O  N N 117 
CYS H      H  N N 118 
CYS H2     H  N N 119 
CYS HA     H  N N 120 
CYS HB2    H  N N 121 
CYS HB3    H  N N 122 
CYS HG     H  N N 123 
CYS HXT    H  N N 124 
GLN N      N  N N 125 
GLN CA     C  N S 126 
GLN C      C  N N 127 
GLN O      O  N N 128 
GLN CB     C  N N 129 
GLN CG     C  N N 130 
GLN CD     C  N N 131 
GLN OE1    O  N N 132 
GLN NE2    N  N N 133 
GLN OXT    O  N N 134 
GLN H      H  N N 135 
GLN H2     H  N N 136 
GLN HA     H  N N 137 
GLN HB2    H  N N 138 
GLN HB3    H  N N 139 
GLN HG2    H  N N 140 
GLN HG3    H  N N 141 
GLN HE21   H  N N 142 
GLN HE22   H  N N 143 
GLN HXT    H  N N 144 
GLU N      N  N N 145 
GLU CA     C  N S 146 
GLU C      C  N N 147 
GLU O      O  N N 148 
GLU CB     C  N N 149 
GLU CG     C  N N 150 
GLU CD     C  N N 151 
GLU OE1    O  N N 152 
GLU OE2    O  N N 153 
GLU OXT    O  N N 154 
GLU H      H  N N 155 
GLU H2     H  N N 156 
GLU HA     H  N N 157 
GLU HB2    H  N N 158 
GLU HB3    H  N N 159 
GLU HG2    H  N N 160 
GLU HG3    H  N N 161 
GLU HE2    H  N N 162 
GLU HXT    H  N N 163 
GLY N      N  N N 164 
GLY CA     C  N N 165 
GLY C      C  N N 166 
GLY O      O  N N 167 
GLY OXT    O  N N 168 
GLY H      H  N N 169 
GLY H2     H  N N 170 
GLY HA2    H  N N 171 
GLY HA3    H  N N 172 
GLY HXT    H  N N 173 
HIS N      N  N N 174 
HIS CA     C  N S 175 
HIS C      C  N N 176 
HIS O      O  N N 177 
HIS CB     C  N N 178 
HIS CG     C  Y N 179 
HIS ND1    N  Y N 180 
HIS CD2    C  Y N 181 
HIS CE1    C  Y N 182 
HIS NE2    N  Y N 183 
HIS OXT    O  N N 184 
HIS H      H  N N 185 
HIS H2     H  N N 186 
HIS HA     H  N N 187 
HIS HB2    H  N N 188 
HIS HB3    H  N N 189 
HIS HD1    H  N N 190 
HIS HD2    H  N N 191 
HIS HE1    H  N N 192 
HIS HE2    H  N N 193 
HIS HXT    H  N N 194 
HOH O      O  N N 195 
HOH H1     H  N N 196 
HOH H2     H  N N 197 
ILE N      N  N N 198 
ILE CA     C  N S 199 
ILE C      C  N N 200 
ILE O      O  N N 201 
ILE CB     C  N S 202 
ILE CG1    C  N N 203 
ILE CG2    C  N N 204 
ILE CD1    C  N N 205 
ILE OXT    O  N N 206 
ILE H      H  N N 207 
ILE H2     H  N N 208 
ILE HA     H  N N 209 
ILE HB     H  N N 210 
ILE HG12   H  N N 211 
ILE HG13   H  N N 212 
ILE HG21   H  N N 213 
ILE HG22   H  N N 214 
ILE HG23   H  N N 215 
ILE HD11   H  N N 216 
ILE HD12   H  N N 217 
ILE HD13   H  N N 218 
ILE HXT    H  N N 219 
LEU N      N  N N 220 
LEU CA     C  N S 221 
LEU C      C  N N 222 
LEU O      O  N N 223 
LEU CB     C  N N 224 
LEU CG     C  N N 225 
LEU CD1    C  N N 226 
LEU CD2    C  N N 227 
LEU OXT    O  N N 228 
LEU H      H  N N 229 
LEU H2     H  N N 230 
LEU HA     H  N N 231 
LEU HB2    H  N N 232 
LEU HB3    H  N N 233 
LEU HG     H  N N 234 
LEU HD11   H  N N 235 
LEU HD12   H  N N 236 
LEU HD13   H  N N 237 
LEU HD21   H  N N 238 
LEU HD22   H  N N 239 
LEU HD23   H  N N 240 
LEU HXT    H  N N 241 
LYS N      N  N N 242 
LYS CA     C  N S 243 
LYS C      C  N N 244 
LYS O      O  N N 245 
LYS CB     C  N N 246 
LYS CG     C  N N 247 
LYS CD     C  N N 248 
LYS CE     C  N N 249 
LYS NZ     N  N N 250 
LYS OXT    O  N N 251 
LYS H      H  N N 252 
LYS H2     H  N N 253 
LYS HA     H  N N 254 
LYS HB2    H  N N 255 
LYS HB3    H  N N 256 
LYS HG2    H  N N 257 
LYS HG3    H  N N 258 
LYS HD2    H  N N 259 
LYS HD3    H  N N 260 
LYS HE2    H  N N 261 
LYS HE3    H  N N 262 
LYS HZ1    H  N N 263 
LYS HZ2    H  N N 264 
LYS HZ3    H  N N 265 
LYS HXT    H  N N 266 
MET N      N  N N 267 
MET CA     C  N S 268 
MET C      C  N N 269 
MET O      O  N N 270 
MET CB     C  N N 271 
MET CG     C  N N 272 
MET SD     S  N N 273 
MET CE     C  N N 274 
MET OXT    O  N N 275 
MET H      H  N N 276 
MET H2     H  N N 277 
MET HA     H  N N 278 
MET HB2    H  N N 279 
MET HB3    H  N N 280 
MET HG2    H  N N 281 
MET HG3    H  N N 282 
MET HE1    H  N N 283 
MET HE2    H  N N 284 
MET HE3    H  N N 285 
MET HXT    H  N N 286 
MPD C1     C  N N 287 
MPD C2     C  N N 288 
MPD O2     O  N N 289 
MPD CM     C  N N 290 
MPD C3     C  N N 291 
MPD C4     C  N S 292 
MPD O4     O  N N 293 
MPD C5     C  N N 294 
MPD H11    H  N N 295 
MPD H12    H  N N 296 
MPD H13    H  N N 297 
MPD HO2    H  N N 298 
MPD HM1    H  N N 299 
MPD HM2    H  N N 300 
MPD HM3    H  N N 301 
MPD H31    H  N N 302 
MPD H32    H  N N 303 
MPD H4     H  N N 304 
MPD HO4    H  N N 305 
MPD H51    H  N N 306 
MPD H52    H  N N 307 
MPD H53    H  N N 308 
NA  NA     NA N N 309 
PHE N      N  N N 310 
PHE CA     C  N S 311 
PHE C      C  N N 312 
PHE O      O  N N 313 
PHE CB     C  N N 314 
PHE CG     C  Y N 315 
PHE CD1    C  Y N 316 
PHE CD2    C  Y N 317 
PHE CE1    C  Y N 318 
PHE CE2    C  Y N 319 
PHE CZ     C  Y N 320 
PHE OXT    O  N N 321 
PHE H      H  N N 322 
PHE H2     H  N N 323 
PHE HA     H  N N 324 
PHE HB2    H  N N 325 
PHE HB3    H  N N 326 
PHE HD1    H  N N 327 
PHE HD2    H  N N 328 
PHE HE1    H  N N 329 
PHE HE2    H  N N 330 
PHE HZ     H  N N 331 
PHE HXT    H  N N 332 
PRO N      N  N N 333 
PRO CA     C  N S 334 
PRO C      C  N N 335 
PRO O      O  N N 336 
PRO CB     C  N N 337 
PRO CG     C  N N 338 
PRO CD     C  N N 339 
PRO OXT    O  N N 340 
PRO H      H  N N 341 
PRO HA     H  N N 342 
PRO HB2    H  N N 343 
PRO HB3    H  N N 344 
PRO HG2    H  N N 345 
PRO HG3    H  N N 346 
PRO HD2    H  N N 347 
PRO HD3    H  N N 348 
PRO HXT    H  N N 349 
SER N      N  N N 350 
SER CA     C  N S 351 
SER C      C  N N 352 
SER O      O  N N 353 
SER CB     C  N N 354 
SER OG     O  N N 355 
SER OXT    O  N N 356 
SER H      H  N N 357 
SER H2     H  N N 358 
SER HA     H  N N 359 
SER HB2    H  N N 360 
SER HB3    H  N N 361 
SER HG     H  N N 362 
SER HXT    H  N N 363 
THR N      N  N N 364 
THR CA     C  N S 365 
THR C      C  N N 366 
THR O      O  N N 367 
THR CB     C  N R 368 
THR OG1    O  N N 369 
THR CG2    C  N N 370 
THR OXT    O  N N 371 
THR H      H  N N 372 
THR H2     H  N N 373 
THR HA     H  N N 374 
THR HB     H  N N 375 
THR HG1    H  N N 376 
THR HG21   H  N N 377 
THR HG22   H  N N 378 
THR HG23   H  N N 379 
THR HXT    H  N N 380 
TYR N      N  N N 381 
TYR CA     C  N S 382 
TYR C      C  N N 383 
TYR O      O  N N 384 
TYR CB     C  N N 385 
TYR CG     C  Y N 386 
TYR CD1    C  Y N 387 
TYR CD2    C  Y N 388 
TYR CE1    C  Y N 389 
TYR CE2    C  Y N 390 
TYR CZ     C  Y N 391 
TYR OH     O  N N 392 
TYR OXT    O  N N 393 
TYR H      H  N N 394 
TYR H2     H  N N 395 
TYR HA     H  N N 396 
TYR HB2    H  N N 397 
TYR HB3    H  N N 398 
TYR HD1    H  N N 399 
TYR HD2    H  N N 400 
TYR HE1    H  N N 401 
TYR HE2    H  N N 402 
TYR HH     H  N N 403 
TYR HXT    H  N N 404 
VAL N      N  N N 405 
VAL CA     C  N S 406 
VAL C      C  N N 407 
VAL O      O  N N 408 
VAL CB     C  N N 409 
VAL CG1    C  N N 410 
VAL CG2    C  N N 411 
VAL OXT    O  N N 412 
VAL H      H  N N 413 
VAL H2     H  N N 414 
VAL HA     H  N N 415 
VAL HB     H  N N 416 
VAL HG11   H  N N 417 
VAL HG12   H  N N 418 
VAL HG13   H  N N 419 
VAL HG21   H  N N 420 
VAL HG22   H  N N 421 
VAL HG23   H  N N 422 
VAL HXT    H  N N 423 
# 
loop_
_chem_comp_bond.comp_id 
_chem_comp_bond.atom_id_1 
_chem_comp_bond.atom_id_2 
_chem_comp_bond.value_order 
_chem_comp_bond.pdbx_aromatic_flag 
_chem_comp_bond.pdbx_stereo_config 
_chem_comp_bond.pdbx_ordinal 
ALA N     CA     sing N N 1   
ALA N     H      sing N N 2   
ALA N     H2     sing N N 3   
ALA CA    C      sing N N 4   
ALA CA    CB     sing N N 5   
ALA CA    HA     sing N N 6   
ALA C     O      doub N N 7   
ALA C     OXT    sing N N 8   
ALA CB    HB1    sing N N 9   
ALA CB    HB2    sing N N 10  
ALA CB    HB3    sing N N 11  
ALA OXT   HXT    sing N N 12  
AMP P     O1P    doub N N 13  
AMP P     O2P    sing N N 14  
AMP P     O3P    sing N N 15  
AMP P     "O5'"  sing N N 16  
AMP O2P   HOP2   sing N N 17  
AMP O3P   HOP3   sing N N 18  
AMP "O5'" "C5'"  sing N N 19  
AMP "C5'" "C4'"  sing N N 20  
AMP "C5'" "H5'1" sing N N 21  
AMP "C5'" "H5'2" sing N N 22  
AMP "C4'" "O4'"  sing N N 23  
AMP "C4'" "C3'"  sing N N 24  
AMP "C4'" "H4'"  sing N N 25  
AMP "O4'" "C1'"  sing N N 26  
AMP "C3'" "O3'"  sing N N 27  
AMP "C3'" "C2'"  sing N N 28  
AMP "C3'" "H3'"  sing N N 29  
AMP "O3'" "HO3'" sing N N 30  
AMP "C2'" "O2'"  sing N N 31  
AMP "C2'" "C1'"  sing N N 32  
AMP "C2'" "H2'"  sing N N 33  
AMP "O2'" "HO2'" sing N N 34  
AMP "C1'" N9     sing N N 35  
AMP "C1'" "H1'"  sing N N 36  
AMP N9    C8     sing Y N 37  
AMP N9    C4     sing Y N 38  
AMP C8    N7     doub Y N 39  
AMP C8    H8     sing N N 40  
AMP N7    C5     sing Y N 41  
AMP C5    C6     sing Y N 42  
AMP C5    C4     doub Y N 43  
AMP C6    N6     sing N N 44  
AMP C6    N1     doub Y N 45  
AMP N6    HN61   sing N N 46  
AMP N6    HN62   sing N N 47  
AMP N1    C2     sing Y N 48  
AMP C2    N3     doub Y N 49  
AMP C2    H2     sing N N 50  
AMP N3    C4     sing Y N 51  
ARG N     CA     sing N N 52  
ARG N     H      sing N N 53  
ARG N     H2     sing N N 54  
ARG CA    C      sing N N 55  
ARG CA    CB     sing N N 56  
ARG CA    HA     sing N N 57  
ARG C     O      doub N N 58  
ARG C     OXT    sing N N 59  
ARG CB    CG     sing N N 60  
ARG CB    HB2    sing N N 61  
ARG CB    HB3    sing N N 62  
ARG CG    CD     sing N N 63  
ARG CG    HG2    sing N N 64  
ARG CG    HG3    sing N N 65  
ARG CD    NE     sing N N 66  
ARG CD    HD2    sing N N 67  
ARG CD    HD3    sing N N 68  
ARG NE    CZ     sing N N 69  
ARG NE    HE     sing N N 70  
ARG CZ    NH1    sing N N 71  
ARG CZ    NH2    doub N N 72  
ARG NH1   HH11   sing N N 73  
ARG NH1   HH12   sing N N 74  
ARG NH2   HH21   sing N N 75  
ARG NH2   HH22   sing N N 76  
ARG OXT   HXT    sing N N 77  
ASN N     CA     sing N N 78  
ASN N     H      sing N N 79  
ASN N     H2     sing N N 80  
ASN CA    C      sing N N 81  
ASN CA    CB     sing N N 82  
ASN CA    HA     sing N N 83  
ASN C     O      doub N N 84  
ASN C     OXT    sing N N 85  
ASN CB    CG     sing N N 86  
ASN CB    HB2    sing N N 87  
ASN CB    HB3    sing N N 88  
ASN CG    OD1    doub N N 89  
ASN CG    ND2    sing N N 90  
ASN ND2   HD21   sing N N 91  
ASN ND2   HD22   sing N N 92  
ASN OXT   HXT    sing N N 93  
ASP N     CA     sing N N 94  
ASP N     H      sing N N 95  
ASP N     H2     sing N N 96  
ASP CA    C      sing N N 97  
ASP CA    CB     sing N N 98  
ASP CA    HA     sing N N 99  
ASP C     O      doub N N 100 
ASP C     OXT    sing N N 101 
ASP CB    CG     sing N N 102 
ASP CB    HB2    sing N N 103 
ASP CB    HB3    sing N N 104 
ASP CG    OD1    doub N N 105 
ASP CG    OD2    sing N N 106 
ASP OD2   HD2    sing N N 107 
ASP OXT   HXT    sing N N 108 
CYS N     CA     sing N N 109 
CYS N     H      sing N N 110 
CYS N     H2     sing N N 111 
CYS CA    C      sing N N 112 
CYS CA    CB     sing N N 113 
CYS CA    HA     sing N N 114 
CYS C     O      doub N N 115 
CYS C     OXT    sing N N 116 
CYS CB    SG     sing N N 117 
CYS CB    HB2    sing N N 118 
CYS CB    HB3    sing N N 119 
CYS SG    HG     sing N N 120 
CYS OXT   HXT    sing N N 121 
GLN N     CA     sing N N 122 
GLN N     H      sing N N 123 
GLN N     H2     sing N N 124 
GLN CA    C      sing N N 125 
GLN CA    CB     sing N N 126 
GLN CA    HA     sing N N 127 
GLN C     O      doub N N 128 
GLN C     OXT    sing N N 129 
GLN CB    CG     sing N N 130 
GLN CB    HB2    sing N N 131 
GLN CB    HB3    sing N N 132 
GLN CG    CD     sing N N 133 
GLN CG    HG2    sing N N 134 
GLN CG    HG3    sing N N 135 
GLN CD    OE1    doub N N 136 
GLN CD    NE2    sing N N 137 
GLN NE2   HE21   sing N N 138 
GLN NE2   HE22   sing N N 139 
GLN OXT   HXT    sing N N 140 
GLU N     CA     sing N N 141 
GLU N     H      sing N N 142 
GLU N     H2     sing N N 143 
GLU CA    C      sing N N 144 
GLU CA    CB     sing N N 145 
GLU CA    HA     sing N N 146 
GLU C     O      doub N N 147 
GLU C     OXT    sing N N 148 
GLU CB    CG     sing N N 149 
GLU CB    HB2    sing N N 150 
GLU CB    HB3    sing N N 151 
GLU CG    CD     sing N N 152 
GLU CG    HG2    sing N N 153 
GLU CG    HG3    sing N N 154 
GLU CD    OE1    doub N N 155 
GLU CD    OE2    sing N N 156 
GLU OE2   HE2    sing N N 157 
GLU OXT   HXT    sing N N 158 
GLY N     CA     sing N N 159 
GLY N     H      sing N N 160 
GLY N     H2     sing N N 161 
GLY CA    C      sing N N 162 
GLY CA    HA2    sing N N 163 
GLY CA    HA3    sing N N 164 
GLY C     O      doub N N 165 
GLY C     OXT    sing N N 166 
GLY OXT   HXT    sing N N 167 
HIS N     CA     sing N N 168 
HIS N     H      sing N N 169 
HIS N     H2     sing N N 170 
HIS CA    C      sing N N 171 
HIS CA    CB     sing N N 172 
HIS CA    HA     sing N N 173 
HIS C     O      doub N N 174 
HIS C     OXT    sing N N 175 
HIS CB    CG     sing N N 176 
HIS CB    HB2    sing N N 177 
HIS CB    HB3    sing N N 178 
HIS CG    ND1    sing Y N 179 
HIS CG    CD2    doub Y N 180 
HIS ND1   CE1    doub Y N 181 
HIS ND1   HD1    sing N N 182 
HIS CD2   NE2    sing Y N 183 
HIS CD2   HD2    sing N N 184 
HIS CE1   NE2    sing Y N 185 
HIS CE1   HE1    sing N N 186 
HIS NE2   HE2    sing N N 187 
HIS OXT   HXT    sing N N 188 
HOH O     H1     sing N N 189 
HOH O     H2     sing N N 190 
ILE N     CA     sing N N 191 
ILE N     H      sing N N 192 
ILE N     H2     sing N N 193 
ILE CA    C      sing N N 194 
ILE CA    CB     sing N N 195 
ILE CA    HA     sing N N 196 
ILE C     O      doub N N 197 
ILE C     OXT    sing N N 198 
ILE CB    CG1    sing N N 199 
ILE CB    CG2    sing N N 200 
ILE CB    HB     sing N N 201 
ILE CG1   CD1    sing N N 202 
ILE CG1   HG12   sing N N 203 
ILE CG1   HG13   sing N N 204 
ILE CG2   HG21   sing N N 205 
ILE CG2   HG22   sing N N 206 
ILE CG2   HG23   sing N N 207 
ILE CD1   HD11   sing N N 208 
ILE CD1   HD12   sing N N 209 
ILE CD1   HD13   sing N N 210 
ILE OXT   HXT    sing N N 211 
LEU N     CA     sing N N 212 
LEU N     H      sing N N 213 
LEU N     H2     sing N N 214 
LEU CA    C      sing N N 215 
LEU CA    CB     sing N N 216 
LEU CA    HA     sing N N 217 
LEU C     O      doub N N 218 
LEU C     OXT    sing N N 219 
LEU CB    CG     sing N N 220 
LEU CB    HB2    sing N N 221 
LEU CB    HB3    sing N N 222 
LEU CG    CD1    sing N N 223 
LEU CG    CD2    sing N N 224 
LEU CG    HG     sing N N 225 
LEU CD1   HD11   sing N N 226 
LEU CD1   HD12   sing N N 227 
LEU CD1   HD13   sing N N 228 
LEU CD2   HD21   sing N N 229 
LEU CD2   HD22   sing N N 230 
LEU CD2   HD23   sing N N 231 
LEU OXT   HXT    sing N N 232 
LYS N     CA     sing N N 233 
LYS N     H      sing N N 234 
LYS N     H2     sing N N 235 
LYS CA    C      sing N N 236 
LYS CA    CB     sing N N 237 
LYS CA    HA     sing N N 238 
LYS C     O      doub N N 239 
LYS C     OXT    sing N N 240 
LYS CB    CG     sing N N 241 
LYS CB    HB2    sing N N 242 
LYS CB    HB3    sing N N 243 
LYS CG    CD     sing N N 244 
LYS CG    HG2    sing N N 245 
LYS CG    HG3    sing N N 246 
LYS CD    CE     sing N N 247 
LYS CD    HD2    sing N N 248 
LYS CD    HD3    sing N N 249 
LYS CE    NZ     sing N N 250 
LYS CE    HE2    sing N N 251 
LYS CE    HE3    sing N N 252 
LYS NZ    HZ1    sing N N 253 
LYS NZ    HZ2    sing N N 254 
LYS NZ    HZ3    sing N N 255 
LYS OXT   HXT    sing N N 256 
MET N     CA     sing N N 257 
MET N     H      sing N N 258 
MET N     H2     sing N N 259 
MET CA    C      sing N N 260 
MET CA    CB     sing N N 261 
MET CA    HA     sing N N 262 
MET C     O      doub N N 263 
MET C     OXT    sing N N 264 
MET CB    CG     sing N N 265 
MET CB    HB2    sing N N 266 
MET CB    HB3    sing N N 267 
MET CG    SD     sing N N 268 
MET CG    HG2    sing N N 269 
MET CG    HG3    sing N N 270 
MET SD    CE     sing N N 271 
MET CE    HE1    sing N N 272 
MET CE    HE2    sing N N 273 
MET CE    HE3    sing N N 274 
MET OXT   HXT    sing N N 275 
MPD C1    C2     sing N N 276 
MPD C1    H11    sing N N 277 
MPD C1    H12    sing N N 278 
MPD C1    H13    sing N N 279 
MPD C2    O2     sing N N 280 
MPD C2    CM     sing N N 281 
MPD C2    C3     sing N N 282 
MPD O2    HO2    sing N N 283 
MPD CM    HM1    sing N N 284 
MPD CM    HM2    sing N N 285 
MPD CM    HM3    sing N N 286 
MPD C3    C4     sing N N 287 
MPD C3    H31    sing N N 288 
MPD C3    H32    sing N N 289 
MPD C4    O4     sing N N 290 
MPD C4    C5     sing N N 291 
MPD C4    H4     sing N N 292 
MPD O4    HO4    sing N N 293 
MPD C5    H51    sing N N 294 
MPD C5    H52    sing N N 295 
MPD C5    H53    sing N N 296 
PHE N     CA     sing N N 297 
PHE N     H      sing N N 298 
PHE N     H2     sing N N 299 
PHE CA    C      sing N N 300 
PHE CA    CB     sing N N 301 
PHE CA    HA     sing N N 302 
PHE C     O      doub N N 303 
PHE C     OXT    sing N N 304 
PHE CB    CG     sing N N 305 
PHE CB    HB2    sing N N 306 
PHE CB    HB3    sing N N 307 
PHE CG    CD1    doub Y N 308 
PHE CG    CD2    sing Y N 309 
PHE CD1   CE1    sing Y N 310 
PHE CD1   HD1    sing N N 311 
PHE CD2   CE2    doub Y N 312 
PHE CD2   HD2    sing N N 313 
PHE CE1   CZ     doub Y N 314 
PHE CE1   HE1    sing N N 315 
PHE CE2   CZ     sing Y N 316 
PHE CE2   HE2    sing N N 317 
PHE CZ    HZ     sing N N 318 
PHE OXT   HXT    sing N N 319 
PRO N     CA     sing N N 320 
PRO N     CD     sing N N 321 
PRO N     H      sing N N 322 
PRO CA    C      sing N N 323 
PRO CA    CB     sing N N 324 
PRO CA    HA     sing N N 325 
PRO C     O      doub N N 326 
PRO C     OXT    sing N N 327 
PRO CB    CG     sing N N 328 
PRO CB    HB2    sing N N 329 
PRO CB    HB3    sing N N 330 
PRO CG    CD     sing N N 331 
PRO CG    HG2    sing N N 332 
PRO CG    HG3    sing N N 333 
PRO CD    HD2    sing N N 334 
PRO CD    HD3    sing N N 335 
PRO OXT   HXT    sing N N 336 
SER N     CA     sing N N 337 
SER N     H      sing N N 338 
SER N     H2     sing N N 339 
SER CA    C      sing N N 340 
SER CA    CB     sing N N 341 
SER CA    HA     sing N N 342 
SER C     O      doub N N 343 
SER C     OXT    sing N N 344 
SER CB    OG     sing N N 345 
SER CB    HB2    sing N N 346 
SER CB    HB3    sing N N 347 
SER OG    HG     sing N N 348 
SER OXT   HXT    sing N N 349 
THR N     CA     sing N N 350 
THR N     H      sing N N 351 
THR N     H2     sing N N 352 
THR CA    C      sing N N 353 
THR CA    CB     sing N N 354 
THR CA    HA     sing N N 355 
THR C     O      doub N N 356 
THR C     OXT    sing N N 357 
THR CB    OG1    sing N N 358 
THR CB    CG2    sing N N 359 
THR CB    HB     sing N N 360 
THR OG1   HG1    sing N N 361 
THR CG2   HG21   sing N N 362 
THR CG2   HG22   sing N N 363 
THR CG2   HG23   sing N N 364 
THR OXT   HXT    sing N N 365 
TYR N     CA     sing N N 366 
TYR N     H      sing N N 367 
TYR N     H2     sing N N 368 
TYR CA    C      sing N N 369 
TYR CA    CB     sing N N 370 
TYR CA    HA     sing N N 371 
TYR C     O      doub N N 372 
TYR C     OXT    sing N N 373 
TYR CB    CG     sing N N 374 
TYR CB    HB2    sing N N 375 
TYR CB    HB3    sing N N 376 
TYR CG    CD1    doub Y N 377 
TYR CG    CD2    sing Y N 378 
TYR CD1   CE1    sing Y N 379 
TYR CD1   HD1    sing N N 380 
TYR CD2   CE2    doub Y N 381 
TYR CD2   HD2    sing N N 382 
TYR CE1   CZ     doub Y N 383 
TYR CE1   HE1    sing N N 384 
TYR CE2   CZ     sing Y N 385 
TYR CE2   HE2    sing N N 386 
TYR CZ    OH     sing N N 387 
TYR OH    HH     sing N N 388 
TYR OXT   HXT    sing N N 389 
VAL N     CA     sing N N 390 
VAL N     H      sing N N 391 
VAL N     H2     sing N N 392 
VAL CA    C      sing N N 393 
VAL CA    CB     sing N N 394 
VAL CA    HA     sing N N 395 
VAL C     O      doub N N 396 
VAL C     OXT    sing N N 397 
VAL CB    CG1    sing N N 398 
VAL CB    CG2    sing N N 399 
VAL CB    HB     sing N N 400 
VAL CG1   HG11   sing N N 401 
VAL CG1   HG12   sing N N 402 
VAL CG1   HG13   sing N N 403 
VAL CG2   HG21   sing N N 404 
VAL CG2   HG22   sing N N 405 
VAL CG2   HG23   sing N N 406 
VAL OXT   HXT    sing N N 407 
# 
loop_
_pdbx_entity_nonpoly.entity_id 
_pdbx_entity_nonpoly.name 
_pdbx_entity_nonpoly.comp_id 
2 'SODIUM ION'                    NA  
3 'ADENOSINE MONOPHOSPHATE'       AMP 
4 '(4S)-2-METHYL-2,4-PENTANEDIOL' MPD 
5 water                           HOH 
# 
_pdbx_initial_refinement_model.id               1 
_pdbx_initial_refinement_model.entity_id_list   ? 
_pdbx_initial_refinement_model.type             'experimental model' 
_pdbx_initial_refinement_model.source_name      PDB 
_pdbx_initial_refinement_model.accession_code   1LSS 
_pdbx_initial_refinement_model.details          '1lss chain A' 
# 
